data_2PC4
#
_entry.id   2PC4
#
_cell.length_a   70.386
_cell.length_b   145.519
_cell.length_c   148.520
_cell.angle_alpha   90.00
_cell.angle_beta   90.00
_cell.angle_gamma   90.00
#
_symmetry.space_group_name_H-M   'P 21 21 21'
#
loop_
_entity.id
_entity.type
_entity.pdbx_description
1 polymer 'Fructose-bisphosphate aldolase'
2 polymer PbTRAP
3 water water
#
loop_
_entity_poly.entity_id
_entity_poly.type
_entity_poly.pdbx_seq_one_letter_code
_entity_poly.pdbx_strand_id
1 'polypeptide(L)'
;MAHCTEYMNAPKKLPADVAEELATTAQKLVQAGKGILAADESTQTIKKRFDNIKLENTIENRASYRDLLFGTKGLGKFIS
GAILFEETLFQKNEAGVPMVNLLHNENIIPGIKVDKGLVNIPCTDEEKSTQGLDGLAERCKEYYKAGARFAKWRTVLVID
TAKGKPTDLSIHETAWGLARYASICQQNRLVPIVEPEILADGPHSIEVCAVVTQKVLSCVFKALQENGVLLEGALLKPNM
VTAGYECTAKTTTQDVGFLTVRTLRRTVPPALPGVVFLSGGQSEEEASVNLNSINALGPHPWALTFSYGRALQASVLNTW
QGKKENVAKAREVLLQRAEANSLATYGKYKGGAGGENAGASLYEKKYVY
;
A,B,C,D
2 'polypeptide(L)' EDNDWN H
#
# COMPACT_ATOMS: atom_id res chain seq x y z
N HIS A 3 -24.07 -7.45 -10.82
CA HIS A 3 -24.68 -8.02 -12.05
C HIS A 3 -25.02 -9.51 -11.86
N CYS A 4 -24.00 -10.37 -11.97
CA CYS A 4 -24.14 -11.80 -11.69
C CYS A 4 -23.23 -12.10 -10.51
N THR A 5 -23.73 -11.82 -9.30
CA THR A 5 -22.89 -11.64 -8.10
C THR A 5 -21.79 -12.69 -7.92
N GLU A 6 -20.62 -12.36 -8.47
CA GLU A 6 -19.38 -13.09 -8.27
C GLU A 6 -18.51 -12.29 -7.29
N TYR A 7 -17.22 -12.61 -7.18
CA TYR A 7 -16.32 -11.86 -6.30
C TYR A 7 -16.12 -10.45 -6.85
N MET A 8 -16.72 -9.45 -6.21
CA MET A 8 -16.91 -8.16 -6.84
C MET A 8 -15.80 -7.10 -6.55
N ASN A 9 -14.87 -7.37 -5.63
CA ASN A 9 -13.74 -6.44 -5.37
C ASN A 9 -12.50 -6.82 -6.16
N ALA A 10 -12.68 -6.93 -7.48
CA ALA A 10 -11.59 -7.15 -8.39
C ALA A 10 -12.01 -6.50 -9.72
N PRO A 11 -11.04 -5.96 -10.48
CA PRO A 11 -11.44 -5.33 -11.72
C PRO A 11 -12.15 -6.28 -12.68
N LYS A 12 -13.07 -5.72 -13.46
CA LYS A 12 -13.84 -6.49 -14.43
C LYS A 12 -12.98 -6.86 -15.64
N LYS A 13 -13.42 -7.89 -16.35
CA LYS A 13 -12.71 -8.38 -17.53
C LYS A 13 -13.06 -7.52 -18.73
N LEU A 14 -12.08 -7.30 -19.62
CA LEU A 14 -12.33 -6.73 -20.94
C LEU A 14 -13.29 -7.67 -21.71
N PRO A 15 -14.15 -7.10 -22.59
CA PRO A 15 -14.93 -7.94 -23.52
C PRO A 15 -14.07 -8.96 -24.28
N ALA A 16 -14.61 -10.16 -24.48
CA ALA A 16 -13.94 -11.24 -25.22
C ALA A 16 -13.29 -10.74 -26.52
N ASP A 17 -14.03 -9.92 -27.25
CA ASP A 17 -13.63 -9.46 -28.59
C ASP A 17 -12.41 -8.52 -28.53
N VAL A 18 -12.47 -7.53 -27.63
CA VAL A 18 -11.39 -6.56 -27.48
C VAL A 18 -10.14 -7.21 -26.90
N ALA A 19 -10.33 -8.06 -25.88
CA ALA A 19 -9.21 -8.77 -25.25
C ALA A 19 -8.48 -9.61 -26.28
N GLU A 20 -9.22 -10.27 -27.16
CA GLU A 20 -8.61 -11.15 -28.16
C GLU A 20 -7.81 -10.35 -29.21
N GLU A 21 -8.32 -9.18 -29.59
CA GLU A 21 -7.63 -8.34 -30.56
C GLU A 21 -6.34 -7.74 -30.00
N LEU A 22 -6.39 -7.34 -28.73
CA LEU A 22 -5.22 -6.79 -28.06
C LEU A 22 -4.12 -7.85 -27.95
N ALA A 23 -4.51 -9.08 -27.63
CA ALA A 23 -3.59 -10.21 -27.50
C ALA A 23 -2.82 -10.47 -28.79
N THR A 24 -3.55 -10.50 -29.91
CA THR A 24 -2.99 -10.78 -31.22
C THR A 24 -2.03 -9.70 -31.68
N THR A 25 -2.42 -8.44 -31.49
CA THR A 25 -1.56 -7.31 -31.84
C THR A 25 -0.26 -7.36 -31.04
N ALA A 26 -0.38 -7.66 -29.75
CA ALA A 26 0.78 -7.73 -28.86
C ALA A 26 1.74 -8.83 -29.26
N GLN A 27 1.22 -9.99 -29.66
CA GLN A 27 2.04 -11.08 -30.16
C GLN A 27 2.74 -10.68 -31.46
N LYS A 28 1.98 -10.08 -32.37
CA LYS A 28 2.51 -9.62 -33.67
C LYS A 28 3.63 -8.61 -33.49
N LEU A 29 3.46 -7.71 -32.52
CA LEU A 29 4.47 -6.70 -32.21
C LEU A 29 5.80 -7.29 -31.76
N VAL A 30 5.77 -8.48 -31.16
CA VAL A 30 7.00 -9.17 -30.75
C VAL A 30 7.21 -10.49 -31.52
N GLN A 31 6.79 -10.48 -32.78
CA GLN A 31 7.04 -11.58 -33.72
C GLN A 31 8.49 -12.01 -33.70
N ALA A 32 8.72 -13.29 -34.00
CA ALA A 32 10.08 -13.83 -34.09
C ALA A 32 10.95 -12.97 -35.01
N GLY A 33 12.12 -12.57 -34.50
CA GLY A 33 13.08 -11.81 -35.30
C GLY A 33 12.67 -10.39 -35.63
N LYS A 34 11.66 -9.87 -34.93
CA LYS A 34 11.13 -8.54 -35.20
C LYS A 34 11.07 -7.67 -33.96
N GLY A 35 11.11 -6.37 -34.20
CA GLY A 35 10.99 -5.37 -33.14
C GLY A 35 10.28 -4.13 -33.63
N ILE A 36 10.31 -3.08 -32.81
CA ILE A 36 9.55 -1.86 -33.07
C ILE A 36 10.49 -0.71 -33.43
N LEU A 37 10.07 0.08 -34.42
CA LEU A 37 10.75 1.32 -34.80
C LEU A 37 10.07 2.50 -34.12
N ALA A 38 10.81 3.19 -33.26
CA ALA A 38 10.31 4.40 -32.61
C ALA A 38 10.56 5.59 -33.52
N ALA A 39 9.55 5.99 -34.30
CA ALA A 39 9.66 7.19 -35.15
C ALA A 39 8.68 8.26 -34.68
N ASP A 40 8.52 8.35 -33.36
CA ASP A 40 7.48 9.18 -32.73
C ASP A 40 8.00 10.51 -32.20
N GLU A 41 9.11 11.00 -32.76
CA GLU A 41 9.73 12.23 -32.28
C GLU A 41 8.79 13.40 -32.50
N SER A 42 8.75 14.31 -31.53
CA SER A 42 7.90 15.50 -31.60
C SER A 42 8.54 16.51 -32.55
N THR A 43 7.83 17.62 -32.79
CA THR A 43 8.34 18.68 -33.66
C THR A 43 9.60 19.32 -33.08
N GLN A 44 9.65 19.47 -31.75
CA GLN A 44 10.81 20.06 -31.07
C GLN A 44 11.98 19.08 -31.02
N THR A 45 11.67 17.79 -30.88
CA THR A 45 12.70 16.74 -30.84
C THR A 45 13.28 16.52 -32.23
N ILE A 46 12.40 16.34 -33.22
CA ILE A 46 12.80 16.12 -34.61
C ILE A 46 13.49 17.34 -35.22
N LYS A 47 13.29 18.52 -34.63
CA LYS A 47 14.07 19.69 -35.01
C LYS A 47 15.54 19.47 -34.72
N LYS A 48 15.84 19.01 -33.50
CA LYS A 48 17.22 18.85 -33.04
C LYS A 48 17.99 17.83 -33.89
N ARG A 49 17.28 16.85 -34.45
CA ARG A 49 17.89 15.85 -35.33
C ARG A 49 18.22 16.49 -36.67
N PHE A 50 17.33 17.36 -37.15
CA PHE A 50 17.55 18.11 -38.39
C PHE A 50 18.63 19.20 -38.25
N ASP A 51 18.91 19.62 -37.01
CA ASP A 51 19.97 20.62 -36.75
C ASP A 51 21.37 20.03 -37.02
N ASN A 52 21.60 18.79 -36.59
CA ASN A 52 22.84 18.08 -36.91
C ASN A 52 23.16 18.15 -38.40
N ILE A 53 22.19 17.74 -39.22
CA ILE A 53 22.40 17.64 -40.66
C ILE A 53 22.06 18.92 -41.43
N LYS A 54 22.05 20.06 -40.74
CA LYS A 54 21.81 21.37 -41.37
C LYS A 54 20.58 21.38 -42.27
N LEU A 55 19.40 21.28 -41.66
CA LEU A 55 18.14 21.22 -42.39
C LEU A 55 17.04 21.98 -41.64
N GLU A 56 16.15 22.62 -42.38
CA GLU A 56 15.03 23.33 -41.77
C GLU A 56 13.94 22.34 -41.36
N ASN A 57 13.36 22.58 -40.18
CA ASN A 57 12.30 21.71 -39.65
C ASN A 57 10.93 22.05 -40.24
N THR A 58 10.72 21.67 -41.51
CA THR A 58 9.46 21.97 -42.19
C THR A 58 8.58 20.72 -42.24
N ILE A 59 7.30 20.92 -42.53
CA ILE A 59 6.36 19.80 -42.61
C ILE A 59 6.70 18.88 -43.80
N GLU A 60 7.26 19.47 -44.86
CA GLU A 60 7.67 18.71 -46.04
C GLU A 60 8.90 17.85 -45.75
N ASN A 61 9.83 18.41 -44.99
CA ASN A 61 11.04 17.68 -44.58
C ASN A 61 10.73 16.52 -43.65
N ARG A 62 9.81 16.75 -42.71
CA ARG A 62 9.37 15.70 -41.79
C ARG A 62 8.65 14.58 -42.57
N ALA A 63 7.79 14.96 -43.50
CA ALA A 63 7.03 13.98 -44.30
C ALA A 63 7.96 13.15 -45.19
N SER A 64 8.97 13.78 -45.76
CA SER A 64 9.95 13.09 -46.61
C SER A 64 10.82 12.13 -45.83
N TYR A 65 11.16 12.48 -44.59
CA TYR A 65 11.98 11.62 -43.74
C TYR A 65 11.21 10.40 -43.24
N ARG A 66 9.95 10.59 -42.87
CA ARG A 66 9.10 9.48 -42.45
C ARG A 66 8.72 8.61 -43.65
N ASP A 67 8.57 9.24 -44.81
CA ASP A 67 8.43 8.51 -46.08
C ASP A 67 9.68 7.65 -46.33
N LEU A 68 10.85 8.25 -46.12
CA LEU A 68 12.14 7.53 -46.27
C LEU A 68 12.15 6.27 -45.42
N LEU A 69 11.81 6.42 -44.15
CA LEU A 69 11.80 5.31 -43.20
C LEU A 69 10.75 4.26 -43.56
N PHE A 70 9.49 4.69 -43.64
CA PHE A 70 8.37 3.75 -43.76
C PHE A 70 8.25 3.14 -45.16
N GLY A 71 8.80 3.83 -46.16
CA GLY A 71 8.75 3.37 -47.54
C GLY A 71 9.88 2.43 -47.95
N THR A 72 10.67 1.97 -46.98
CA THR A 72 11.76 1.02 -47.25
C THR A 72 11.21 -0.38 -47.55
N LYS A 73 11.68 -0.98 -48.63
CA LYS A 73 11.25 -2.31 -49.07
C LYS A 73 11.89 -3.38 -48.21
N GLY A 74 11.08 -4.33 -47.74
CA GLY A 74 11.54 -5.41 -46.87
C GLY A 74 11.92 -4.98 -45.46
N LEU A 75 11.43 -3.84 -45.01
CA LEU A 75 11.66 -3.39 -43.63
C LEU A 75 10.80 -4.21 -42.66
N GLY A 76 9.59 -4.56 -43.09
CA GLY A 76 8.68 -5.40 -42.30
C GLY A 76 9.21 -6.80 -41.97
N LYS A 77 10.28 -7.23 -42.65
CA LYS A 77 11.01 -8.43 -42.31
C LYS A 77 11.59 -8.36 -40.90
N PHE A 78 12.04 -7.17 -40.51
CA PHE A 78 12.69 -6.95 -39.22
C PHE A 78 11.88 -6.06 -38.26
N ILE A 79 10.87 -5.37 -38.79
CA ILE A 79 10.07 -4.43 -38.00
C ILE A 79 8.60 -4.87 -37.99
N SER A 80 8.04 -5.00 -36.79
CA SER A 80 6.66 -5.44 -36.60
C SER A 80 5.70 -4.27 -36.49
N GLY A 81 6.19 -3.18 -35.88
CA GLY A 81 5.39 -1.98 -35.68
C GLY A 81 6.23 -0.72 -35.68
N ALA A 82 5.56 0.41 -35.91
CA ALA A 82 6.21 1.72 -35.94
C ALA A 82 5.44 2.70 -35.05
N ILE A 83 6.13 3.29 -34.09
CA ILE A 83 5.52 4.27 -33.18
C ILE A 83 5.58 5.62 -33.87
N LEU A 84 4.43 6.28 -33.98
CA LEU A 84 4.34 7.56 -34.66
C LEU A 84 3.94 8.68 -33.69
N PHE A 85 4.31 9.90 -34.06
CA PHE A 85 3.76 11.10 -33.44
C PHE A 85 2.49 11.45 -34.22
N GLU A 86 1.57 12.13 -33.57
CA GLU A 86 0.21 12.37 -34.07
C GLU A 86 0.16 12.92 -35.50
N GLU A 87 0.91 13.97 -35.74
CA GLU A 87 1.05 14.58 -37.06
C GLU A 87 1.23 13.52 -38.13
N THR A 88 2.24 12.68 -37.95
CA THR A 88 2.63 11.65 -38.90
C THR A 88 1.52 10.64 -39.18
N LEU A 89 0.72 10.31 -38.17
CA LEU A 89 -0.39 9.37 -38.33
C LEU A 89 -1.42 9.88 -39.33
N PHE A 90 -1.59 11.20 -39.39
CA PHE A 90 -2.50 11.87 -40.33
C PHE A 90 -1.80 12.54 -41.52
N GLN A 91 -0.50 12.26 -41.70
CA GLN A 91 0.31 12.92 -42.72
C GLN A 91 0.31 12.15 -44.05
N LYS A 92 0.62 12.86 -45.14
CA LYS A 92 0.86 12.24 -46.45
C LYS A 92 2.24 12.63 -46.94
N ASN A 93 2.83 11.80 -47.79
CA ASN A 93 4.07 12.15 -48.48
C ASN A 93 3.78 13.11 -49.64
N GLU A 94 4.84 13.64 -50.23
CA GLU A 94 4.72 14.63 -51.30
C GLU A 94 3.90 14.12 -52.49
N ALA A 95 3.99 12.82 -52.76
CA ALA A 95 3.20 12.19 -53.83
C ALA A 95 1.73 11.97 -53.46
N GLY A 96 1.36 12.27 -52.22
CA GLY A 96 -0.04 12.25 -51.77
C GLY A 96 -0.50 10.97 -51.09
N VAL A 97 0.41 10.00 -50.94
CA VAL A 97 0.07 8.73 -50.31
C VAL A 97 0.05 8.88 -48.79
N PRO A 98 -1.02 8.39 -48.13
CA PRO A 98 -1.01 8.33 -46.67
C PRO A 98 0.15 7.48 -46.16
N MET A 99 0.97 8.06 -45.29
CA MET A 99 2.19 7.41 -44.82
C MET A 99 1.91 6.18 -43.97
N VAL A 100 0.73 6.12 -43.36
CA VAL A 100 0.32 4.90 -42.65
C VAL A 100 0.21 3.73 -43.62
N ASN A 101 -0.18 4.01 -44.88
CA ASN A 101 -0.29 2.97 -45.90
C ASN A 101 1.06 2.41 -46.38
N LEU A 102 2.14 3.17 -46.18
CA LEU A 102 3.49 2.67 -46.45
C LEU A 102 3.85 1.56 -45.46
N LEU A 103 3.40 1.72 -44.21
CA LEU A 103 3.54 0.69 -43.19
C LEU A 103 2.62 -0.50 -43.53
N HIS A 104 1.37 -0.21 -43.88
CA HIS A 104 0.41 -1.22 -44.33
C HIS A 104 1.05 -2.12 -45.39
N ASN A 105 1.70 -1.49 -46.38
CA ASN A 105 2.24 -2.21 -47.54
C ASN A 105 3.48 -3.05 -47.21
N GLU A 106 4.27 -2.59 -46.24
CA GLU A 106 5.32 -3.44 -45.62
C GLU A 106 4.77 -4.37 -44.54
N ASN A 107 3.46 -4.28 -44.26
CA ASN A 107 2.77 -5.13 -43.28
C ASN A 107 3.17 -4.78 -41.82
N ILE A 108 3.53 -3.51 -41.60
CA ILE A 108 3.97 -3.01 -40.30
C ILE A 108 2.81 -2.32 -39.58
N ILE A 109 2.65 -2.64 -38.29
CA ILE A 109 1.54 -2.14 -37.50
C ILE A 109 1.85 -0.71 -37.05
N PRO A 110 0.92 0.25 -37.30
CA PRO A 110 1.15 1.60 -36.80
C PRO A 110 0.79 1.77 -35.32
N GLY A 111 1.60 2.56 -34.62
CA GLY A 111 1.35 2.89 -33.21
C GLY A 111 1.46 4.38 -32.99
N ILE A 112 1.08 4.83 -31.80
CA ILE A 112 0.98 6.28 -31.55
C ILE A 112 1.37 6.64 -30.11
N LYS A 113 2.31 7.58 -29.97
CA LYS A 113 2.63 8.17 -28.66
C LYS A 113 1.44 8.99 -28.18
N VAL A 114 0.94 8.66 -26.99
CA VAL A 114 -0.27 9.29 -26.45
C VAL A 114 -0.04 10.17 -25.21
N ASP A 115 1.14 10.11 -24.59
CA ASP A 115 1.40 10.98 -23.43
C ASP A 115 1.59 12.43 -23.87
N LYS A 116 1.32 13.35 -22.94
CA LYS A 116 1.48 14.78 -23.19
C LYS A 116 2.70 15.35 -22.45
N GLY A 117 3.74 14.54 -22.29
CA GLY A 117 5.01 15.01 -21.74
C GLY A 117 5.12 14.93 -20.22
N LEU A 118 6.21 15.48 -19.70
CA LEU A 118 6.54 15.40 -18.27
C LEU A 118 6.33 16.72 -17.54
N VAL A 119 5.97 16.62 -16.27
CA VAL A 119 5.96 17.76 -15.34
C VAL A 119 6.55 17.30 -13.99
N ASN A 120 6.99 18.25 -13.18
CA ASN A 120 7.55 17.94 -11.87
C ASN A 120 6.47 17.53 -10.87
N ILE A 121 6.76 16.51 -10.07
CA ILE A 121 5.93 16.18 -8.93
C ILE A 121 6.28 17.17 -7.81
N PRO A 122 5.28 17.88 -7.26
CA PRO A 122 5.60 18.79 -6.17
C PRO A 122 6.04 18.00 -4.93
N CYS A 123 6.92 18.58 -4.12
CA CYS A 123 7.42 17.90 -2.91
C CYS A 123 8.42 16.78 -3.20
N THR A 124 8.83 16.67 -4.46
CA THR A 124 10.01 15.88 -4.81
C THR A 124 11.07 16.86 -5.30
N ASP A 125 12.30 16.38 -5.41
CA ASP A 125 13.38 17.17 -6.02
C ASP A 125 13.36 16.96 -7.53
N GLU A 126 12.41 17.62 -8.18
CA GLU A 126 12.27 17.59 -9.63
C GLU A 126 12.11 16.18 -10.23
N GLU A 127 11.38 15.30 -9.53
CA GLU A 127 11.07 13.99 -10.07
C GLU A 127 9.83 14.14 -10.92
N LYS A 128 9.70 13.31 -11.94
CA LYS A 128 8.79 13.62 -13.05
C LYS A 128 7.49 12.82 -13.04
N SER A 129 6.41 13.52 -13.38
CA SER A 129 5.09 12.92 -13.61
C SER A 129 4.77 13.06 -15.07
N THR A 130 4.22 12.00 -15.66
CA THR A 130 3.83 12.00 -17.06
C THR A 130 2.36 12.38 -17.18
N GLN A 131 2.12 13.47 -17.93
CA GLN A 131 0.79 13.96 -18.20
C GLN A 131 0.20 13.24 -19.41
N GLY A 132 -1.14 13.26 -19.52
CA GLY A 132 -1.80 12.71 -20.70
C GLY A 132 -3.19 12.10 -20.53
N LEU A 133 -3.61 11.87 -19.29
CA LEU A 133 -4.87 11.16 -19.04
C LEU A 133 -6.13 11.92 -19.44
N ASP A 134 -6.07 13.25 -19.50
CA ASP A 134 -7.25 14.05 -19.82
C ASP A 134 -7.57 13.93 -21.31
N GLY A 135 -8.75 13.40 -21.60
CA GLY A 135 -9.22 13.22 -22.98
C GLY A 135 -8.55 12.06 -23.72
N LEU A 136 -7.82 11.21 -22.99
CA LEU A 136 -7.06 10.13 -23.60
C LEU A 136 -7.96 9.10 -24.28
N ALA A 137 -9.06 8.73 -23.62
CA ALA A 137 -10.00 7.77 -24.19
C ALA A 137 -10.47 8.22 -25.56
N GLU A 138 -10.80 9.50 -25.66
CA GLU A 138 -11.34 10.06 -26.90
C GLU A 138 -10.27 10.14 -27.99
N ARG A 139 -9.02 10.40 -27.58
CA ARG A 139 -7.91 10.40 -28.52
C ARG A 139 -7.65 9.00 -29.05
N CYS A 140 -7.77 8.00 -28.18
CA CYS A 140 -7.55 6.59 -28.56
C CYS A 140 -8.54 6.12 -29.63
N LYS A 141 -9.82 6.46 -29.46
CA LYS A 141 -10.84 6.15 -30.46
C LYS A 141 -10.46 6.74 -31.82
N GLU A 142 -10.00 7.99 -31.79
CA GLU A 142 -9.58 8.72 -32.97
C GLU A 142 -8.35 8.07 -33.61
N TYR A 143 -7.39 7.68 -32.79
CA TYR A 143 -6.16 7.06 -33.28
C TYR A 143 -6.39 5.66 -33.87
N TYR A 144 -7.30 4.89 -33.25
CA TYR A 144 -7.68 3.58 -33.78
C TYR A 144 -8.36 3.72 -35.14
N LYS A 145 -9.21 4.73 -35.28
CA LYS A 145 -9.84 5.04 -36.57
C LYS A 145 -8.79 5.45 -37.62
N ALA A 146 -7.76 6.18 -37.17
CA ALA A 146 -6.67 6.59 -38.04
C ALA A 146 -5.76 5.43 -38.48
N GLY A 147 -5.87 4.30 -37.79
CA GLY A 147 -5.12 3.09 -38.14
C GLY A 147 -4.17 2.58 -37.07
N ALA A 148 -4.01 3.34 -35.98
CA ALA A 148 -3.13 2.93 -34.87
C ALA A 148 -3.70 1.74 -34.12
N ARG A 149 -2.85 0.75 -33.83
CA ARG A 149 -3.29 -0.44 -33.08
C ARG A 149 -2.59 -0.59 -31.73
N PHE A 150 -1.57 0.23 -31.47
CA PHE A 150 -0.93 0.26 -30.17
C PHE A 150 -0.50 1.67 -29.78
N ALA A 151 -0.12 1.83 -28.51
CA ALA A 151 0.19 3.14 -27.95
C ALA A 151 1.51 3.16 -27.15
N LYS A 152 2.06 4.35 -26.94
CA LYS A 152 3.23 4.56 -26.09
C LYS A 152 3.00 5.69 -25.08
N TRP A 153 3.48 5.46 -23.86
CA TRP A 153 3.44 6.44 -22.78
C TRP A 153 4.74 6.32 -22.01
N ARG A 154 5.55 7.37 -22.03
CA ARG A 154 6.85 7.37 -21.39
C ARG A 154 6.87 8.07 -20.03
N THR A 155 7.25 7.32 -18.99
CA THR A 155 7.54 7.88 -17.67
C THR A 155 9.03 7.76 -17.41
N VAL A 156 9.54 8.66 -16.56
CA VAL A 156 10.98 8.80 -16.33
C VAL A 156 11.25 8.77 -14.84
N LEU A 157 12.08 7.82 -14.41
CA LEU A 157 12.60 7.79 -13.03
C LEU A 157 14.11 7.99 -13.09
N VAL A 158 14.69 8.47 -12.00
CA VAL A 158 16.11 8.81 -11.93
C VAL A 158 16.72 8.11 -10.72
N ILE A 159 17.97 7.64 -10.87
CA ILE A 159 18.72 7.00 -9.79
C ILE A 159 19.71 8.00 -9.20
N ASP A 160 19.46 8.39 -7.96
CA ASP A 160 20.39 9.20 -7.21
C ASP A 160 20.35 8.78 -5.76
N THR A 161 21.11 7.74 -5.47
CA THR A 161 21.18 7.11 -4.15
C THR A 161 21.14 8.07 -2.94
N ALA A 162 22.08 9.00 -2.90
CA ALA A 162 22.24 9.91 -1.77
C ALA A 162 21.04 10.83 -1.60
N LYS A 163 20.26 10.99 -2.66
CA LYS A 163 18.98 11.73 -2.59
C LYS A 163 17.78 10.76 -2.52
N GLY A 164 18.03 9.52 -2.12
CA GLY A 164 16.97 8.51 -2.03
C GLY A 164 16.16 8.42 -3.30
N LYS A 165 16.82 8.58 -4.44
CA LYS A 165 16.13 8.94 -5.66
C LYS A 165 16.09 7.90 -6.75
N PRO A 166 15.08 7.05 -6.73
CA PRO A 166 13.74 7.20 -7.23
C PRO A 166 12.91 7.09 -5.93
N THR A 167 12.27 8.18 -5.52
CA THR A 167 11.58 8.18 -4.23
C THR A 167 10.29 7.38 -4.35
N ASP A 168 9.72 7.04 -3.21
CA ASP A 168 8.49 6.27 -3.18
C ASP A 168 7.36 6.99 -3.92
N LEU A 169 7.20 8.28 -3.67
CA LEU A 169 6.24 9.11 -4.41
C LEU A 169 6.46 8.95 -5.91
N SER A 170 7.71 9.12 -6.33
CA SER A 170 8.07 9.02 -7.75
C SER A 170 7.70 7.68 -8.32
N ILE A 171 7.98 6.62 -7.56
CA ILE A 171 7.68 5.26 -8.03
C ILE A 171 6.17 5.05 -8.19
N HIS A 172 5.37 5.53 -7.26
CA HIS A 172 3.93 5.26 -7.35
C HIS A 172 3.16 6.22 -8.27
N GLU A 173 3.61 7.45 -8.39
CA GLU A 173 3.06 8.36 -9.40
C GLU A 173 3.23 7.72 -10.76
N THR A 174 4.47 7.36 -11.06
CA THR A 174 4.83 6.69 -12.32
C THR A 174 4.02 5.42 -12.53
N ALA A 175 4.03 4.55 -11.52
CA ALA A 175 3.45 3.24 -11.61
C ALA A 175 1.91 3.34 -11.81
N TRP A 176 1.28 4.26 -11.08
CA TRP A 176 -0.17 4.49 -11.18
C TRP A 176 -0.62 5.14 -12.49
N GLY A 177 0.11 6.16 -12.94
CA GLY A 177 -0.15 6.80 -14.22
C GLY A 177 -0.02 5.86 -15.39
N LEU A 178 1.02 5.02 -15.38
CA LEU A 178 1.18 4.00 -16.40
C LEU A 178 0.02 3.03 -16.43
N ALA A 179 -0.52 2.70 -15.25
CA ALA A 179 -1.60 1.73 -15.12
C ALA A 179 -2.93 2.31 -15.59
N ARG A 180 -3.16 3.59 -15.34
CA ARG A 180 -4.35 4.29 -15.84
C ARG A 180 -4.32 4.37 -17.36
N TYR A 181 -3.20 4.88 -17.88
CA TYR A 181 -2.93 4.93 -19.31
C TYR A 181 -3.18 3.59 -19.99
N ALA A 182 -2.58 2.55 -19.45
CA ALA A 182 -2.68 1.21 -20.02
C ALA A 182 -4.12 0.72 -20.11
N SER A 183 -4.89 0.94 -19.05
CA SER A 183 -6.26 0.46 -18.99
C SER A 183 -7.21 1.26 -19.91
N ILE A 184 -6.94 2.55 -20.09
CA ILE A 184 -7.74 3.37 -21.01
C ILE A 184 -7.49 2.95 -22.46
N CYS A 185 -6.23 2.69 -22.80
CA CYS A 185 -5.85 2.19 -24.12
C CYS A 185 -6.58 0.90 -24.45
N GLN A 186 -6.39 -0.12 -23.60
CA GLN A 186 -6.98 -1.43 -23.81
C GLN A 186 -8.50 -1.36 -23.96
N GLN A 187 -9.15 -0.49 -23.20
CA GLN A 187 -10.60 -0.32 -23.29
C GLN A 187 -10.97 0.17 -24.68
N ASN A 188 -10.13 1.05 -25.24
CA ASN A 188 -10.35 1.62 -26.57
C ASN A 188 -9.47 0.95 -27.65
N ARG A 189 -9.12 -0.31 -27.41
CA ARG A 189 -8.56 -1.21 -28.43
C ARG A 189 -7.16 -0.85 -28.93
N LEU A 190 -6.32 -0.36 -28.02
CA LEU A 190 -4.91 -0.13 -28.33
C LEU A 190 -4.04 -0.89 -27.34
N VAL A 191 -3.06 -1.62 -27.84
CA VAL A 191 -2.08 -2.28 -27.00
C VAL A 191 -1.19 -1.20 -26.40
N PRO A 192 -1.15 -1.11 -25.06
CA PRO A 192 -0.27 -0.14 -24.42
C PRO A 192 1.15 -0.65 -24.26
N ILE A 193 2.12 0.15 -24.70
CA ILE A 193 3.52 -0.07 -24.32
C ILE A 193 3.72 0.73 -23.05
N VAL A 194 4.03 0.01 -21.97
CA VAL A 194 4.24 0.60 -20.64
C VAL A 194 5.74 0.86 -20.46
N GLU A 195 6.13 2.14 -20.50
CA GLU A 195 7.55 2.55 -20.44
C GLU A 195 7.90 3.31 -19.15
N PRO A 196 8.44 2.61 -18.15
CA PRO A 196 9.01 3.26 -16.99
C PRO A 196 10.52 3.33 -17.15
N GLU A 197 11.00 4.30 -17.91
CA GLU A 197 12.43 4.46 -18.13
C GLU A 197 13.14 4.95 -16.87
N ILE A 198 13.98 4.10 -16.30
CA ILE A 198 14.90 4.54 -15.23
C ILE A 198 16.12 5.03 -15.94
N LEU A 199 16.39 6.33 -15.83
CA LEU A 199 17.53 6.95 -16.50
C LEU A 199 18.85 6.42 -15.99
N ALA A 200 19.86 6.41 -16.87
CA ALA A 200 21.18 5.87 -16.54
C ALA A 200 22.14 6.92 -15.98
N ASP A 201 21.63 8.12 -15.72
CA ASP A 201 22.44 9.22 -15.21
C ASP A 201 23.02 8.91 -13.82
N GLY A 202 24.31 9.24 -13.63
CA GLY A 202 24.98 9.06 -12.33
C GLY A 202 26.10 8.03 -12.40
N PRO A 203 26.88 7.85 -11.32
CA PRO A 203 27.93 6.85 -11.23
C PRO A 203 27.59 5.60 -10.40
N HIS A 204 26.31 5.27 -10.29
CA HIS A 204 25.88 4.06 -9.59
C HIS A 204 26.33 2.78 -10.31
N SER A 205 26.50 1.70 -9.55
CA SER A 205 26.88 0.40 -10.10
C SER A 205 25.69 -0.25 -10.82
N ILE A 206 25.98 -1.26 -11.62
CA ILE A 206 24.94 -2.03 -12.34
C ILE A 206 24.05 -2.77 -11.34
N GLU A 207 24.63 -3.16 -10.21
CA GLU A 207 23.87 -3.83 -9.15
C GLU A 207 22.80 -2.91 -8.54
N VAL A 208 23.17 -1.66 -8.29
CA VAL A 208 22.22 -0.66 -7.77
C VAL A 208 21.07 -0.46 -8.74
N CYS A 209 21.41 -0.36 -10.02
CA CYS A 209 20.40 -0.27 -11.08
C CYS A 209 19.46 -1.47 -11.07
N ALA A 210 20.00 -2.67 -10.86
CA ALA A 210 19.17 -3.89 -10.79
C ALA A 210 18.19 -3.80 -9.61
N VAL A 211 18.71 -3.38 -8.46
CA VAL A 211 17.92 -3.22 -7.24
C VAL A 211 16.76 -2.26 -7.48
N VAL A 212 17.06 -1.10 -8.07
CA VAL A 212 16.06 -0.08 -8.35
C VAL A 212 15.08 -0.51 -9.43
N THR A 213 15.61 -1.04 -10.53
CA THR A 213 14.78 -1.48 -11.66
C THR A 213 13.81 -2.58 -11.23
N GLN A 214 14.28 -3.46 -10.34
CA GLN A 214 13.45 -4.53 -9.80
C GLN A 214 12.33 -3.97 -8.92
N LYS A 215 12.66 -2.99 -8.09
CA LYS A 215 11.68 -2.35 -7.19
C LYS A 215 10.63 -1.58 -7.98
N VAL A 216 11.09 -0.80 -8.96
CA VAL A 216 10.19 -0.05 -9.84
C VAL A 216 9.24 -0.99 -10.56
N LEU A 217 9.78 -2.06 -11.16
CA LEU A 217 8.96 -2.97 -11.96
C LEU A 217 7.93 -3.73 -11.11
N SER A 218 8.31 -4.16 -9.92
CA SER A 218 7.37 -4.80 -8.99
CA SER A 218 7.37 -4.80 -9.01
C SER A 218 6.18 -3.86 -8.74
N CYS A 219 6.50 -2.60 -8.55
CA CYS A 219 5.51 -1.59 -8.29
C CYS A 219 4.63 -1.29 -9.51
N VAL A 220 5.27 -1.22 -10.68
CA VAL A 220 4.54 -1.03 -11.93
C VAL A 220 3.53 -2.15 -12.18
N PHE A 221 3.97 -3.40 -12.05
CA PHE A 221 3.08 -4.52 -12.33
C PHE A 221 1.95 -4.65 -11.31
N LYS A 222 2.24 -4.28 -10.06
CA LYS A 222 1.21 -4.24 -9.03
C LYS A 222 0.10 -3.24 -9.42
N ALA A 223 0.50 -2.05 -9.88
CA ALA A 223 -0.45 -1.04 -10.39
C ALA A 223 -1.24 -1.57 -11.56
N LEU A 224 -0.51 -2.20 -12.49
CA LEU A 224 -1.13 -2.83 -13.66
C LEU A 224 -2.24 -3.79 -13.24
N GLN A 225 -1.98 -4.65 -12.26
CA GLN A 225 -3.02 -5.61 -11.79
C GLN A 225 -4.17 -4.87 -11.08
N GLU A 226 -3.82 -3.89 -10.24
CA GLU A 226 -4.84 -3.03 -9.60
C GLU A 226 -5.88 -2.46 -10.54
N ASN A 227 -5.42 -1.91 -11.66
CA ASN A 227 -6.27 -1.27 -12.64
C ASN A 227 -6.93 -2.24 -13.65
N GLY A 228 -6.62 -3.52 -13.53
CA GLY A 228 -7.25 -4.56 -14.36
C GLY A 228 -6.65 -4.69 -15.74
N VAL A 229 -5.38 -4.29 -15.90
CA VAL A 229 -4.71 -4.36 -17.20
C VAL A 229 -4.45 -5.81 -17.60
N LEU A 230 -4.83 -6.16 -18.84
CA LEU A 230 -4.56 -7.49 -19.40
C LEU A 230 -3.12 -7.57 -19.87
N LEU A 231 -2.29 -8.36 -19.19
CA LEU A 231 -0.86 -8.43 -19.51
C LEU A 231 -0.66 -9.06 -20.87
N GLU A 232 -1.56 -9.97 -21.23
CA GLU A 232 -1.53 -10.60 -22.55
C GLU A 232 -1.65 -9.61 -23.69
N GLY A 233 -2.37 -8.51 -23.46
CA GLY A 233 -2.55 -7.47 -24.47
C GLY A 233 -1.74 -6.22 -24.17
N ALA A 234 -0.56 -6.41 -23.61
CA ALA A 234 0.27 -5.28 -23.21
C ALA A 234 1.74 -5.61 -23.41
N LEU A 235 2.57 -4.57 -23.48
CA LEU A 235 4.00 -4.73 -23.65
C LEU A 235 4.77 -3.84 -22.66
N LEU A 236 5.99 -4.24 -22.33
CA LEU A 236 6.83 -3.46 -21.41
C LEU A 236 8.03 -2.91 -22.15
N LYS A 237 8.30 -1.63 -21.94
CA LYS A 237 9.47 -0.97 -22.53
C LYS A 237 10.36 -0.46 -21.40
N PRO A 238 11.15 -1.36 -20.81
CA PRO A 238 12.00 -0.97 -19.71
C PRO A 238 13.37 -0.59 -20.18
N ASN A 239 14.12 0.08 -19.33
CA ASN A 239 15.57 0.23 -19.53
C ASN A 239 16.24 -1.12 -19.35
N MET A 240 17.34 -1.32 -20.07
CA MET A 240 18.25 -2.40 -19.79
C MET A 240 18.90 -2.08 -18.45
N VAL A 241 19.34 -3.09 -17.72
CA VAL A 241 20.06 -2.89 -16.46
C VAL A 241 21.54 -2.67 -16.78
N THR A 242 21.97 -1.41 -16.68
CA THR A 242 23.36 -1.02 -16.89
C THR A 242 23.87 -0.23 -15.71
N ALA A 243 25.19 -0.08 -15.62
CA ALA A 243 25.79 0.89 -14.72
C ALA A 243 25.47 2.29 -15.21
N GLY A 244 25.53 3.26 -14.30
CA GLY A 244 25.26 4.64 -14.63
C GLY A 244 26.29 5.19 -15.58
N TYR A 245 25.96 6.29 -16.25
CA TYR A 245 26.83 6.83 -17.30
C TYR A 245 28.25 7.06 -16.81
N GLU A 246 28.41 7.69 -15.65
CA GLU A 246 29.76 8.06 -15.16
C GLU A 246 30.35 7.10 -14.12
N CYS A 247 29.89 5.85 -14.11
CA CYS A 247 30.46 4.84 -13.21
C CYS A 247 31.84 4.39 -13.69
N THR A 248 32.85 4.57 -12.84
CA THR A 248 34.24 4.22 -13.18
C THR A 248 34.45 2.73 -13.48
N ALA A 249 33.69 1.87 -12.79
CA ALA A 249 33.70 0.43 -13.05
C ALA A 249 32.93 0.13 -14.32
N LYS A 250 33.65 0.13 -15.45
CA LYS A 250 33.05 -0.07 -16.77
C LYS A 250 32.72 -1.56 -16.98
N THR A 251 31.46 -1.95 -16.75
CA THR A 251 31.05 -3.35 -16.92
C THR A 251 31.01 -3.73 -18.41
N THR A 252 30.58 -4.96 -18.71
CA THR A 252 30.60 -5.48 -20.07
C THR A 252 29.22 -6.00 -20.50
N THR A 253 29.08 -6.21 -21.80
CA THR A 253 27.79 -6.59 -22.36
C THR A 253 27.17 -7.83 -21.71
N GLN A 254 28.00 -8.71 -21.18
CA GLN A 254 27.53 -9.94 -20.55
C GLN A 254 26.84 -9.63 -19.22
N ASP A 255 27.36 -8.66 -18.49
CA ASP A 255 26.73 -8.20 -17.26
C ASP A 255 25.40 -7.51 -17.54
N VAL A 256 25.40 -6.57 -18.48
CA VAL A 256 24.18 -5.95 -18.94
C VAL A 256 23.15 -7.05 -19.20
N GLY A 257 23.58 -8.11 -19.88
CA GLY A 257 22.70 -9.21 -20.23
C GLY A 257 22.19 -10.01 -19.06
N PHE A 258 23.08 -10.32 -18.11
CA PHE A 258 22.72 -11.14 -16.96
C PHE A 258 21.79 -10.42 -15.97
N LEU A 259 22.22 -9.25 -15.53
CA LEU A 259 21.48 -8.51 -14.53
C LEU A 259 20.16 -8.00 -15.10
N THR A 260 20.09 -7.76 -16.40
CA THR A 260 18.82 -7.39 -17.08
C THR A 260 17.85 -8.56 -17.10
N VAL A 261 18.31 -9.73 -17.54
CA VAL A 261 17.50 -10.94 -17.60
C VAL A 261 17.05 -11.35 -16.20
N ARG A 262 17.96 -11.25 -15.24
CA ARG A 262 17.65 -11.59 -13.85
C ARG A 262 16.49 -10.75 -13.35
N THR A 263 16.63 -9.43 -13.44
CA THR A 263 15.62 -8.53 -12.86
C THR A 263 14.24 -8.70 -13.53
N LEU A 264 14.21 -9.04 -14.82
CA LEU A 264 12.93 -9.30 -15.51
C LEU A 264 12.32 -10.61 -15.06
N ARG A 265 13.15 -11.63 -14.87
CA ARG A 265 12.68 -12.94 -14.40
C ARG A 265 12.04 -12.87 -13.01
N ARG A 266 12.50 -11.92 -12.19
CA ARG A 266 12.01 -11.77 -10.82
C ARG A 266 10.74 -10.97 -10.74
N THR A 267 10.41 -10.23 -11.80
CA THR A 267 9.34 -9.24 -11.74
C THR A 267 8.28 -9.29 -12.84
N VAL A 268 8.56 -9.96 -13.96
CA VAL A 268 7.69 -9.93 -15.14
C VAL A 268 6.96 -11.27 -15.33
N PRO A 269 5.64 -11.30 -15.08
CA PRO A 269 4.89 -12.54 -15.30
C PRO A 269 4.89 -12.98 -16.77
N PRO A 270 4.93 -14.31 -17.04
CA PRO A 270 5.03 -14.77 -18.43
C PRO A 270 3.82 -14.47 -19.31
N ALA A 271 2.71 -14.09 -18.70
CA ALA A 271 1.51 -13.67 -19.45
C ALA A 271 1.79 -12.43 -20.33
N LEU A 272 2.76 -11.62 -19.92
CA LEU A 272 3.25 -10.52 -20.74
C LEU A 272 3.99 -11.09 -21.95
N PRO A 273 3.43 -10.92 -23.16
CA PRO A 273 4.00 -11.60 -24.32
C PRO A 273 5.40 -11.17 -24.70
N GLY A 274 5.80 -9.93 -24.37
CA GLY A 274 7.14 -9.47 -24.74
C GLY A 274 7.62 -8.19 -24.10
N VAL A 275 8.94 -8.01 -24.12
CA VAL A 275 9.59 -6.81 -23.62
C VAL A 275 10.35 -6.14 -24.76
N VAL A 276 10.03 -4.88 -25.01
CA VAL A 276 10.65 -4.12 -26.09
C VAL A 276 11.60 -3.07 -25.49
N PHE A 277 12.87 -3.42 -25.39
CA PHE A 277 13.84 -2.57 -24.69
C PHE A 277 14.01 -1.20 -25.34
N LEU A 278 14.00 -0.16 -24.50
CA LEU A 278 14.53 1.15 -24.88
C LEU A 278 16.07 1.09 -24.81
N SER A 279 16.74 1.93 -25.61
CA SER A 279 18.22 1.94 -25.71
C SER A 279 18.89 3.11 -24.98
N GLY A 280 18.10 4.08 -24.52
CA GLY A 280 18.63 5.21 -23.78
C GLY A 280 19.63 6.00 -24.61
N GLY A 281 20.80 6.26 -24.02
CA GLY A 281 21.88 6.93 -24.71
C GLY A 281 22.92 5.95 -25.26
N GLN A 282 22.51 4.72 -25.52
CA GLN A 282 23.42 3.72 -26.10
C GLN A 282 23.63 4.00 -27.58
N SER A 283 24.83 3.70 -28.03
CA SER A 283 25.16 3.83 -29.44
C SER A 283 24.41 2.75 -30.20
N GLU A 284 24.19 2.99 -31.50
CA GLU A 284 23.51 2.04 -32.38
C GLU A 284 24.04 0.63 -32.17
N GLU A 285 25.36 0.52 -32.14
CA GLU A 285 26.05 -0.76 -32.03
C GLU A 285 25.87 -1.41 -30.66
N GLU A 286 26.02 -0.63 -29.60
CA GLU A 286 25.81 -1.15 -28.24
C GLU A 286 24.35 -1.59 -28.04
N ALA A 287 23.41 -0.83 -28.59
CA ALA A 287 22.00 -1.20 -28.55
C ALA A 287 21.79 -2.63 -29.07
N SER A 288 22.56 -2.99 -30.10
CA SER A 288 22.48 -4.32 -30.72
C SER A 288 23.29 -5.38 -29.97
N VAL A 289 24.51 -5.02 -29.57
CA VAL A 289 25.38 -5.91 -28.82
C VAL A 289 24.71 -6.34 -27.50
N ASN A 290 24.18 -5.37 -26.77
CA ASN A 290 23.56 -5.64 -25.48
C ASN A 290 22.25 -6.42 -25.62
N LEU A 291 21.45 -6.10 -26.63
CA LEU A 291 20.22 -6.88 -26.90
C LEU A 291 20.61 -8.31 -27.26
N ASN A 292 21.73 -8.48 -27.95
CA ASN A 292 22.21 -9.80 -28.29
C ASN A 292 22.63 -10.58 -27.04
N SER A 293 23.39 -9.92 -26.17
CA SER A 293 23.85 -10.53 -24.91
C SER A 293 22.69 -10.99 -24.03
N ILE A 294 21.59 -10.24 -24.05
CA ILE A 294 20.35 -10.60 -23.34
C ILE A 294 19.75 -11.88 -23.89
N ASN A 295 19.73 -12.00 -25.21
CA ASN A 295 19.10 -13.13 -25.89
C ASN A 295 20.02 -14.36 -26.04
N ALA A 296 21.33 -14.17 -25.92
CA ALA A 296 22.25 -15.31 -25.82
C ALA A 296 21.95 -16.07 -24.53
N LEU A 297 21.42 -15.34 -23.53
CA LEU A 297 21.17 -15.87 -22.18
C LEU A 297 19.93 -16.70 -22.06
N GLY A 298 19.16 -16.84 -23.11
CA GLY A 298 18.23 -17.93 -23.11
C GLY A 298 17.26 -18.00 -24.24
N PRO A 299 16.50 -19.11 -24.27
CA PRO A 299 15.13 -19.06 -24.73
C PRO A 299 14.34 -18.54 -23.54
N HIS A 300 13.72 -17.38 -23.70
CA HIS A 300 13.09 -16.70 -22.57
C HIS A 300 11.60 -16.99 -22.50
N PRO A 301 10.98 -16.73 -21.33
CA PRO A 301 9.55 -16.93 -21.21
C PRO A 301 8.72 -15.89 -21.94
N TRP A 302 9.35 -14.78 -22.34
CA TRP A 302 8.72 -13.76 -23.17
C TRP A 302 9.69 -13.36 -24.25
N ALA A 303 9.17 -12.73 -25.30
CA ALA A 303 10.01 -12.15 -26.35
C ALA A 303 10.79 -10.96 -25.82
N LEU A 304 12.10 -11.04 -25.88
CA LEU A 304 12.96 -9.93 -25.50
C LEU A 304 13.52 -9.26 -26.76
N THR A 305 12.90 -8.13 -27.14
CA THR A 305 13.21 -7.44 -28.39
C THR A 305 13.41 -5.94 -28.17
N PHE A 306 13.17 -5.14 -29.21
CA PHE A 306 13.57 -3.73 -29.20
C PHE A 306 12.47 -2.77 -29.60
N SER A 307 12.48 -1.61 -28.96
CA SER A 307 11.74 -0.43 -29.44
C SER A 307 12.75 0.71 -29.55
N TYR A 308 13.40 0.80 -30.71
CA TYR A 308 14.53 1.69 -30.92
C TYR A 308 14.21 2.85 -31.87
N GLY A 309 14.59 4.05 -31.45
CA GLY A 309 14.51 5.24 -32.30
C GLY A 309 15.91 5.60 -32.75
N ARG A 310 16.60 6.37 -31.91
CA ARG A 310 17.98 6.78 -32.15
C ARG A 310 18.88 5.61 -32.58
N ALA A 311 18.71 4.47 -31.91
CA ALA A 311 19.50 3.28 -32.18
C ALA A 311 19.24 2.70 -33.58
N LEU A 312 18.13 3.09 -34.21
CA LEU A 312 17.82 2.67 -35.58
C LEU A 312 17.94 3.79 -36.61
N GLN A 313 17.93 5.05 -36.14
CA GLN A 313 17.84 6.22 -37.02
C GLN A 313 19.12 7.04 -37.16
N ALA A 314 20.03 6.94 -36.19
CA ALA A 314 21.18 7.84 -36.10
C ALA A 314 21.95 7.97 -37.42
N SER A 315 22.38 6.84 -37.96
CA SER A 315 23.17 6.83 -39.20
C SER A 315 22.32 7.16 -40.43
N VAL A 316 21.08 6.67 -40.44
CA VAL A 316 20.14 6.97 -41.52
C VAL A 316 20.02 8.49 -41.78
N LEU A 317 20.07 9.29 -40.72
CA LEU A 317 19.99 10.74 -40.82
C LEU A 317 21.31 11.34 -41.36
N ASN A 318 22.43 10.85 -40.86
CA ASN A 318 23.73 11.31 -41.35
C ASN A 318 23.99 10.92 -42.81
N THR A 319 23.52 9.74 -43.21
CA THR A 319 23.62 9.29 -44.61
C THR A 319 22.37 9.66 -45.41
N TRP A 320 21.87 10.87 -45.19
CA TRP A 320 20.71 11.40 -45.92
C TRP A 320 20.90 12.90 -46.15
N GLN A 321 21.08 13.64 -45.05
CA GLN A 321 21.34 15.08 -45.09
C GLN A 321 20.20 15.83 -45.79
N GLY A 322 18.99 15.29 -45.69
CA GLY A 322 17.82 15.84 -46.39
C GLY A 322 17.75 15.59 -47.89
N LYS A 323 18.82 15.03 -48.45
CA LYS A 323 18.95 14.92 -49.91
C LYS A 323 18.14 13.76 -50.48
N LYS A 324 17.28 14.06 -51.44
CA LYS A 324 16.46 13.06 -52.12
C LYS A 324 17.33 12.04 -52.87
N GLU A 325 18.55 12.45 -53.20
CA GLU A 325 19.54 11.58 -53.82
C GLU A 325 19.93 10.43 -52.89
N ASN A 326 20.11 10.75 -51.61
CA ASN A 326 20.63 9.81 -50.63
C ASN A 326 19.58 8.89 -49.97
N VAL A 327 18.31 9.05 -50.36
CA VAL A 327 17.23 8.21 -49.81
C VAL A 327 17.53 6.72 -49.99
N ALA A 328 18.04 6.36 -51.17
CA ALA A 328 18.40 4.96 -51.46
C ALA A 328 19.46 4.43 -50.49
N LYS A 329 20.52 5.23 -50.28
CA LYS A 329 21.62 4.83 -49.40
C LYS A 329 21.27 4.96 -47.92
N ALA A 330 20.26 5.80 -47.62
CA ALA A 330 19.74 5.97 -46.27
C ALA A 330 18.93 4.74 -45.86
N ARG A 331 18.13 4.22 -46.78
CA ARG A 331 17.36 2.99 -46.56
C ARG A 331 18.26 1.75 -46.54
N GLU A 332 19.34 1.78 -47.33
CA GLU A 332 20.38 0.74 -47.28
C GLU A 332 20.85 0.54 -45.83
N VAL A 333 21.06 1.65 -45.12
CA VAL A 333 21.55 1.63 -43.74
C VAL A 333 20.47 1.21 -42.72
N LEU A 334 19.23 1.63 -42.96
CA LEU A 334 18.12 1.31 -42.06
C LEU A 334 17.90 -0.20 -42.05
N LEU A 335 17.87 -0.83 -43.23
CA LEU A 335 17.73 -2.28 -43.30
C LEU A 335 18.90 -2.95 -42.60
N GLN A 336 20.09 -2.37 -42.75
CA GLN A 336 21.30 -2.91 -42.10
C GLN A 336 21.12 -2.98 -40.59
N ARG A 337 20.71 -1.87 -39.99
CA ARG A 337 20.49 -1.78 -38.54
C ARG A 337 19.30 -2.62 -38.09
N ALA A 338 18.23 -2.61 -38.88
CA ALA A 338 17.02 -3.37 -38.58
C ALA A 338 17.32 -4.86 -38.52
N GLU A 339 18.13 -5.34 -39.48
CA GLU A 339 18.56 -6.74 -39.52
C GLU A 339 19.53 -7.06 -38.40
N ALA A 340 20.40 -6.11 -38.05
CA ALA A 340 21.36 -6.28 -36.96
C ALA A 340 20.66 -6.58 -35.64
N ASN A 341 19.60 -5.83 -35.36
CA ASN A 341 18.82 -6.00 -34.15
C ASN A 341 17.87 -7.19 -34.24
N SER A 342 17.44 -7.51 -35.45
CA SER A 342 16.65 -8.73 -35.67
C SER A 342 17.48 -9.96 -35.34
N LEU A 343 18.77 -9.91 -35.68
CA LEU A 343 19.70 -10.98 -35.32
C LEU A 343 19.98 -11.03 -33.81
N ALA A 344 20.09 -9.86 -33.17
CA ALA A 344 20.27 -9.76 -31.72
C ALA A 344 19.11 -10.42 -30.97
N THR A 345 17.91 -10.25 -31.51
CA THR A 345 16.71 -10.95 -31.06
C THR A 345 16.90 -12.46 -30.91
N TYR A 346 17.64 -13.04 -31.84
CA TYR A 346 17.92 -14.47 -31.80
C TYR A 346 19.12 -14.83 -30.91
N GLY A 347 19.95 -13.85 -30.56
CA GLY A 347 21.23 -14.15 -29.91
C GLY A 347 22.26 -14.59 -30.95
N LYS A 348 22.12 -14.04 -32.16
CA LYS A 348 22.99 -14.43 -33.29
C LYS A 348 23.60 -13.24 -34.03
N TYR A 349 23.58 -12.06 -33.41
CA TYR A 349 24.28 -10.90 -33.97
C TYR A 349 25.74 -10.92 -33.50
N LYS A 350 26.65 -11.18 -34.44
CA LYS A 350 28.08 -11.29 -34.12
C LYS A 350 28.66 -9.89 -33.96
N GLY A 351 28.45 -9.04 -34.96
CA GLY A 351 28.88 -7.64 -34.90
C GLY A 351 30.07 -7.33 -35.78
N GLY A 352 31.23 -7.89 -35.42
CA GLY A 352 32.48 -7.67 -36.16
C GLY A 352 33.71 -7.74 -35.26
N ALA A 358 40.04 -15.99 -24.15
CA ALA A 358 38.90 -16.22 -25.02
C ALA A 358 39.20 -17.24 -26.11
N GLY A 359 38.23 -17.45 -27.01
CA GLY A 359 38.42 -18.29 -28.19
C GLY A 359 39.35 -17.67 -29.23
N ALA A 360 39.67 -16.39 -29.06
CA ALA A 360 40.72 -15.74 -29.83
C ALA A 360 42.04 -16.48 -29.59
N SER A 361 42.61 -17.04 -30.66
CA SER A 361 43.81 -17.88 -30.56
C SER A 361 44.67 -17.85 -31.83
N LEU A 362 45.99 -17.98 -31.64
CA LEU A 362 46.91 -18.32 -32.73
C LEU A 362 47.18 -19.83 -32.64
N TYR A 363 46.89 -20.54 -33.73
CA TYR A 363 46.78 -22.00 -33.75
C TYR A 363 48.05 -22.68 -34.26
N GLU A 364 48.12 -24.01 -34.10
CA GLU A 364 49.25 -24.81 -34.57
C GLU A 364 48.89 -25.80 -35.69
N LYS A 365 49.02 -27.10 -35.43
CA LYS A 365 49.51 -28.01 -36.49
C LYS A 365 48.99 -29.46 -36.55
N LYS A 366 49.50 -30.33 -35.68
CA LYS A 366 49.55 -31.79 -35.93
C LYS A 366 48.18 -32.43 -36.21
N CYS B 4 20.47 19.28 6.31
CA CYS B 4 21.34 18.79 5.22
C CYS B 4 21.25 17.28 5.04
N THR B 5 21.51 16.53 6.11
CA THR B 5 21.40 15.06 6.10
C THR B 5 19.92 14.67 6.23
N GLU B 6 19.14 15.08 5.22
CA GLU B 6 17.68 14.93 5.24
C GLU B 6 17.30 13.44 5.19
N TYR B 7 16.22 13.10 5.88
CA TYR B 7 15.59 11.81 5.70
C TYR B 7 14.92 11.85 4.35
N MET B 8 15.59 11.26 3.36
CA MET B 8 15.28 11.58 1.98
C MET B 8 14.00 10.93 1.44
N ASN B 9 13.60 9.78 1.99
CA ASN B 9 12.40 9.07 1.51
C ASN B 9 11.13 9.60 2.18
N ALA B 10 10.81 10.86 1.89
CA ALA B 10 9.64 11.55 2.46
C ALA B 10 9.31 12.73 1.57
N PRO B 11 8.02 12.98 1.29
CA PRO B 11 7.73 14.20 0.52
C PRO B 11 8.30 15.43 1.20
N LYS B 12 8.82 16.34 0.39
CA LYS B 12 9.47 17.56 0.90
C LYS B 12 8.43 18.59 1.35
N LYS B 13 8.90 19.55 2.14
CA LYS B 13 8.05 20.62 2.69
C LYS B 13 7.84 21.73 1.67
N LEU B 14 6.70 22.41 1.78
CA LEU B 14 6.47 23.66 1.05
C LEU B 14 7.47 24.72 1.50
N PRO B 15 7.79 25.67 0.62
CA PRO B 15 8.61 26.78 1.11
C PRO B 15 7.82 27.56 2.14
N ALA B 16 8.50 28.05 3.18
CA ALA B 16 7.86 28.71 4.32
C ALA B 16 6.76 29.68 3.88
N ASP B 17 7.09 30.51 2.90
CA ASP B 17 6.21 31.60 2.46
C ASP B 17 4.87 31.07 1.95
N VAL B 18 4.92 30.07 1.07
CA VAL B 18 3.68 29.55 0.47
C VAL B 18 2.88 28.73 1.49
N ALA B 19 3.57 27.96 2.33
CA ALA B 19 2.91 27.19 3.38
C ALA B 19 2.14 28.13 4.30
N GLU B 20 2.75 29.25 4.65
CA GLU B 20 2.13 30.23 5.54
C GLU B 20 0.89 30.89 4.95
N GLU B 21 0.93 31.21 3.65
CA GLU B 21 -0.20 31.82 2.97
C GLU B 21 -1.37 30.85 2.82
N LEU B 22 -1.08 29.59 2.50
CA LEU B 22 -2.12 28.56 2.40
C LEU B 22 -2.83 28.36 3.73
N ALA B 23 -2.05 28.33 4.82
CA ALA B 23 -2.60 28.14 6.15
C ALA B 23 -3.60 29.23 6.52
N THR B 24 -3.23 30.49 6.27
CA THR B 24 -4.08 31.63 6.63
C THR B 24 -5.34 31.70 5.79
N THR B 25 -5.23 31.41 4.49
CA THR B 25 -6.40 31.33 3.61
C THR B 25 -7.37 30.27 4.11
N ALA B 26 -6.83 29.11 4.47
CA ALA B 26 -7.64 27.98 4.93
C ALA B 26 -8.37 28.31 6.23
N GLN B 27 -7.70 28.98 7.15
CA GLN B 27 -8.35 29.40 8.40
C GLN B 27 -9.44 30.43 8.12
N LYS B 28 -9.15 31.40 7.25
CA LYS B 28 -10.10 32.43 6.85
C LYS B 28 -11.35 31.81 6.23
N LEU B 29 -11.15 30.82 5.38
CA LEU B 29 -12.25 30.11 4.73
C LEU B 29 -13.21 29.43 5.72
N VAL B 30 -12.69 29.06 6.89
CA VAL B 30 -13.55 28.46 7.94
C VAL B 30 -13.65 29.35 9.18
N GLN B 31 -13.61 30.67 8.97
CA GLN B 31 -13.82 31.64 10.06
C GLN B 31 -15.06 31.28 10.85
N ALA B 32 -15.04 31.54 12.15
CA ALA B 32 -16.21 31.30 13.00
C ALA B 32 -17.45 31.97 12.40
N GLY B 33 -18.53 31.20 12.34
CA GLY B 33 -19.82 31.67 11.81
C GLY B 33 -19.87 31.89 10.31
N LYS B 34 -18.88 31.39 9.58
CA LYS B 34 -18.81 31.58 8.14
C LYS B 34 -18.60 30.27 7.40
N GLY B 35 -19.06 30.26 6.14
CA GLY B 35 -18.89 29.12 5.25
C GLY B 35 -18.68 29.57 3.82
N ILE B 36 -18.75 28.62 2.89
CA ILE B 36 -18.42 28.85 1.49
C ILE B 36 -19.68 28.80 0.62
N LEU B 37 -19.76 29.73 -0.34
CA LEU B 37 -20.82 29.72 -1.35
C LEU B 37 -20.31 29.06 -2.62
N ALA B 38 -20.92 27.94 -2.98
CA ALA B 38 -20.58 27.23 -4.22
C ALA B 38 -21.33 27.87 -5.38
N ALA B 39 -20.65 28.76 -6.11
CA ALA B 39 -21.22 29.45 -7.27
C ALA B 39 -20.60 28.94 -8.58
N ASP B 40 -20.07 27.73 -8.56
CA ASP B 40 -19.20 27.21 -9.63
C ASP B 40 -19.93 26.36 -10.68
N GLU B 41 -21.21 26.65 -10.91
CA GLU B 41 -21.99 25.91 -11.89
C GLU B 41 -21.40 26.12 -13.28
N SER B 42 -21.27 25.05 -14.05
CA SER B 42 -20.85 25.11 -15.45
C SER B 42 -22.00 25.62 -16.31
N THR B 43 -21.72 25.95 -17.56
CA THR B 43 -22.75 26.43 -18.47
C THR B 43 -23.86 25.40 -18.65
N GLN B 44 -23.50 24.12 -18.61
CA GLN B 44 -24.47 23.03 -18.81
C GLN B 44 -25.36 22.83 -17.57
N THR B 45 -24.76 22.87 -16.39
CA THR B 45 -25.50 22.69 -15.13
C THR B 45 -26.30 23.94 -14.77
N ILE B 46 -25.78 25.12 -15.12
CA ILE B 46 -26.46 26.39 -14.84
C ILE B 46 -27.64 26.62 -15.78
N LYS B 47 -27.54 26.07 -17.00
CA LYS B 47 -28.64 26.12 -17.95
C LYS B 47 -29.83 25.32 -17.43
N LYS B 48 -29.55 24.20 -16.75
CA LYS B 48 -30.59 23.34 -16.18
C LYS B 48 -31.33 24.01 -15.00
N ARG B 49 -30.72 25.03 -14.41
CA ARG B 49 -31.39 25.85 -13.39
C ARG B 49 -32.21 26.94 -14.05
N PHE B 50 -31.62 27.59 -15.05
CA PHE B 50 -32.32 28.61 -15.85
C PHE B 50 -33.48 28.01 -16.65
N ASP B 51 -33.42 26.71 -16.92
CA ASP B 51 -34.52 25.96 -17.53
C ASP B 51 -35.82 26.06 -16.71
N ASN B 52 -35.69 26.15 -15.39
CA ASN B 52 -36.85 26.28 -14.51
C ASN B 52 -37.43 27.69 -14.53
N ILE B 53 -36.56 28.70 -14.39
CA ILE B 53 -37.01 30.09 -14.39
C ILE B 53 -37.26 30.66 -15.80
N LYS B 54 -36.99 29.86 -16.83
CA LYS B 54 -37.34 30.19 -18.22
C LYS B 54 -36.66 31.46 -18.74
N LEU B 55 -35.32 31.46 -18.68
CA LEU B 55 -34.50 32.48 -19.36
C LEU B 55 -33.43 31.80 -20.19
N GLU B 56 -33.12 32.39 -21.35
CA GLU B 56 -32.03 31.89 -22.18
C GLU B 56 -30.73 31.99 -21.38
N ASN B 57 -30.00 30.87 -21.32
CA ASN B 57 -28.73 30.82 -20.60
C ASN B 57 -27.66 31.61 -21.37
N THR B 58 -27.80 32.93 -21.33
CA THR B 58 -26.92 33.83 -22.06
C THR B 58 -25.81 34.29 -21.12
N ILE B 59 -24.76 34.85 -21.71
CA ILE B 59 -23.62 35.37 -20.94
C ILE B 59 -24.04 36.56 -20.05
N GLU B 60 -25.00 37.34 -20.54
CA GLU B 60 -25.52 38.49 -19.79
C GLU B 60 -26.38 38.05 -18.61
N ASN B 61 -27.16 36.98 -18.82
CA ASN B 61 -27.99 36.38 -17.77
C ASN B 61 -27.14 35.76 -16.66
N ARG B 62 -26.08 35.05 -17.04
CA ARG B 62 -25.16 34.46 -16.07
C ARG B 62 -24.41 35.53 -15.27
N ALA B 63 -23.99 36.59 -15.94
CA ALA B 63 -23.27 37.69 -15.29
C ALA B 63 -24.16 38.46 -14.30
N SER B 64 -25.43 38.67 -14.67
CA SER B 64 -26.38 39.38 -13.81
C SER B 64 -26.75 38.55 -12.57
N TYR B 65 -26.77 37.22 -12.73
CA TYR B 65 -27.08 36.32 -11.62
C TYR B 65 -25.94 36.23 -10.62
N ARG B 66 -24.71 36.16 -11.11
CA ARG B 66 -23.51 36.17 -10.25
C ARG B 66 -23.29 37.54 -9.63
N ASP B 67 -23.64 38.59 -10.37
CA ASP B 67 -23.68 39.94 -9.82
C ASP B 67 -24.69 40.00 -8.66
N LEU B 68 -25.87 39.41 -8.88
CA LEU B 68 -26.91 39.34 -7.86
C LEU B 68 -26.36 38.74 -6.58
N LEU B 69 -25.73 37.58 -6.71
CA LEU B 69 -25.21 36.86 -5.56
C LEU B 69 -24.06 37.61 -4.90
N PHE B 70 -23.02 37.94 -5.68
CA PHE B 70 -21.78 38.49 -5.12
C PHE B 70 -21.89 39.95 -4.71
N GLY B 71 -22.86 40.66 -5.27
CA GLY B 71 -23.09 42.07 -4.95
C GLY B 71 -24.02 42.32 -3.76
N THR B 72 -24.36 41.27 -3.02
CA THR B 72 -25.21 41.39 -1.83
C THR B 72 -24.42 42.02 -0.68
N LYS B 73 -24.97 43.09 -0.10
CA LYS B 73 -24.35 43.76 1.05
C LYS B 73 -24.52 42.91 2.31
N GLY B 74 -23.42 42.74 3.04
CA GLY B 74 -23.45 41.97 4.29
C GLY B 74 -23.35 40.46 4.14
N LEU B 75 -23.20 39.98 2.89
CA LEU B 75 -23.04 38.55 2.63
C LEU B 75 -21.78 38.01 3.27
N GLY B 76 -20.73 38.82 3.28
CA GLY B 76 -19.43 38.46 3.84
C GLY B 76 -19.41 38.26 5.35
N LYS B 77 -20.47 38.70 6.04
CA LYS B 77 -20.67 38.36 7.45
C LYS B 77 -20.87 36.85 7.64
N PHE B 78 -21.49 36.21 6.64
CA PHE B 78 -21.80 34.78 6.70
C PHE B 78 -21.01 33.92 5.70
N ILE B 79 -20.39 34.57 4.71
CA ILE B 79 -19.63 33.86 3.67
C ILE B 79 -18.17 34.29 3.67
N SER B 80 -17.29 33.30 3.73
CA SER B 80 -15.84 33.52 3.79
C SER B 80 -15.23 33.47 2.41
N GLY B 81 -15.79 32.61 1.55
CA GLY B 81 -15.31 32.43 0.20
C GLY B 81 -16.39 32.03 -0.79
N ALA B 82 -16.10 32.21 -2.07
CA ALA B 82 -17.04 31.86 -3.15
C ALA B 82 -16.32 31.06 -4.21
N ILE B 83 -16.80 29.86 -4.51
CA ILE B 83 -16.21 29.01 -5.55
C ILE B 83 -16.80 29.43 -6.90
N LEU B 84 -15.94 29.85 -7.82
CA LEU B 84 -16.38 30.39 -9.10
C LEU B 84 -16.09 29.42 -10.24
N PHE B 85 -16.83 29.58 -11.33
CA PHE B 85 -16.52 28.92 -12.59
C PHE B 85 -15.50 29.79 -13.31
N GLU B 86 -14.70 29.19 -14.18
CA GLU B 86 -13.63 29.91 -14.87
C GLU B 86 -14.13 31.19 -15.53
N GLU B 87 -15.18 31.07 -16.34
CA GLU B 87 -15.82 32.22 -16.97
C GLU B 87 -16.01 33.36 -15.97
N THR B 88 -16.70 33.07 -14.87
CA THR B 88 -17.06 34.07 -13.87
C THR B 88 -15.85 34.77 -13.26
N LEU B 89 -14.75 34.04 -13.08
CA LEU B 89 -13.52 34.60 -12.51
C LEU B 89 -12.96 35.76 -13.37
N PHE B 90 -13.09 35.66 -14.69
CA PHE B 90 -12.57 36.69 -15.59
C PHE B 90 -13.69 37.63 -16.10
N GLN B 91 -14.90 37.41 -15.60
CA GLN B 91 -16.09 38.08 -16.10
C GLN B 91 -16.35 39.43 -15.41
N LYS B 92 -17.01 40.33 -16.14
CA LYS B 92 -17.45 41.63 -15.63
C LYS B 92 -18.97 41.71 -15.64
N ASN B 93 -19.54 42.44 -14.69
CA ASN B 93 -20.99 42.65 -14.65
C ASN B 93 -21.43 43.69 -15.68
N GLU B 94 -22.71 44.02 -15.68
CA GLU B 94 -23.29 44.90 -16.71
C GLU B 94 -22.84 46.37 -16.58
N ALA B 95 -22.29 46.74 -15.42
CA ALA B 95 -21.67 48.05 -15.22
C ALA B 95 -20.15 48.00 -15.44
N GLY B 96 -19.67 46.97 -16.14
CA GLY B 96 -18.26 46.82 -16.47
C GLY B 96 -17.34 46.47 -15.31
N VAL B 97 -17.91 46.06 -14.18
CA VAL B 97 -17.14 45.77 -12.97
C VAL B 97 -16.83 44.28 -12.89
N PRO B 98 -15.56 43.92 -12.62
CA PRO B 98 -15.18 42.54 -12.29
C PRO B 98 -15.92 41.96 -11.08
N MET B 99 -16.29 40.68 -11.17
CA MET B 99 -16.96 39.98 -10.08
C MET B 99 -16.05 39.85 -8.87
N VAL B 100 -14.80 39.44 -9.11
CA VAL B 100 -13.78 39.35 -8.06
C VAL B 100 -13.75 40.61 -7.19
N ASN B 101 -13.96 41.77 -7.81
CA ASN B 101 -14.01 43.03 -7.08
C ASN B 101 -15.24 43.13 -6.18
N LEU B 102 -16.37 42.61 -6.65
CA LEU B 102 -17.59 42.55 -5.82
C LEU B 102 -17.38 41.68 -4.58
N LEU B 103 -16.61 40.60 -4.73
CA LEU B 103 -16.26 39.75 -3.60
C LEU B 103 -15.24 40.43 -2.70
N HIS B 104 -14.24 41.08 -3.30
CA HIS B 104 -13.23 41.83 -2.52
C HIS B 104 -13.84 42.96 -1.69
N ASN B 105 -14.78 43.68 -2.29
CA ASN B 105 -15.49 44.75 -1.57
C ASN B 105 -16.25 44.18 -0.39
N GLU B 106 -16.97 43.08 -0.64
CA GLU B 106 -17.76 42.39 0.39
C GLU B 106 -16.90 41.45 1.23
N ASN B 107 -15.59 41.44 0.95
CA ASN B 107 -14.58 40.78 1.79
C ASN B 107 -14.54 39.26 1.70
N ILE B 108 -15.08 38.73 0.59
CA ILE B 108 -15.11 37.29 0.34
C ILE B 108 -13.90 36.87 -0.52
N ILE B 109 -13.32 35.71 -0.19
CA ILE B 109 -12.19 35.16 -0.92
C ILE B 109 -12.71 34.42 -2.17
N PRO B 110 -12.15 34.74 -3.36
CA PRO B 110 -12.58 33.99 -4.54
C PRO B 110 -11.88 32.64 -4.68
N GLY B 111 -12.63 31.64 -5.15
CA GLY B 111 -12.09 30.31 -5.41
C GLY B 111 -12.47 29.85 -6.80
N ILE B 112 -11.89 28.73 -7.24
CA ILE B 112 -12.07 28.25 -8.62
C ILE B 112 -12.15 26.72 -8.72
N LYS B 113 -13.22 26.22 -9.35
CA LYS B 113 -13.31 24.80 -9.72
C LYS B 113 -12.27 24.50 -10.79
N VAL B 114 -11.37 23.54 -10.52
CA VAL B 114 -10.27 23.23 -11.42
C VAL B 114 -10.33 21.85 -12.08
N ASP B 115 -11.24 20.99 -11.64
CA ASP B 115 -11.36 19.67 -12.28
C ASP B 115 -12.01 19.81 -13.64
N LYS B 116 -11.75 18.85 -14.52
CA LYS B 116 -12.33 18.82 -15.87
C LYS B 116 -13.39 17.74 -16.01
N GLY B 117 -14.09 17.42 -14.92
CA GLY B 117 -15.23 16.52 -14.96
C GLY B 117 -14.88 15.07 -14.73
N LEU B 118 -15.89 14.21 -14.90
CA LEU B 118 -15.79 12.78 -14.60
C LEU B 118 -15.71 11.92 -15.86
N VAL B 119 -14.98 10.80 -15.75
CA VAL B 119 -14.97 9.72 -16.76
C VAL B 119 -15.04 8.37 -16.05
N ASN B 120 -15.45 7.34 -16.76
CA ASN B 120 -15.52 6.00 -16.19
C ASN B 120 -14.14 5.37 -16.04
N ILE B 121 -13.94 4.67 -14.93
CA ILE B 121 -12.76 3.85 -14.75
C ILE B 121 -13.02 2.55 -15.52
N PRO B 122 -12.13 2.18 -16.46
CA PRO B 122 -12.35 0.88 -17.11
C PRO B 122 -12.18 -0.27 -16.13
N CYS B 123 -12.90 -1.35 -16.35
CA CYS B 123 -12.83 -2.53 -15.48
C CYS B 123 -13.52 -2.30 -14.14
N THR B 124 -14.26 -1.20 -14.01
CA THR B 124 -15.26 -1.04 -12.96
C THR B 124 -16.62 -1.00 -13.63
N ASP B 125 -17.67 -1.13 -12.82
CA ASP B 125 -19.03 -0.97 -13.29
C ASP B 125 -19.38 0.51 -13.21
N GLU B 126 -18.86 1.28 -14.18
CA GLU B 126 -19.17 2.70 -14.32
C GLU B 126 -18.85 3.53 -13.07
N GLU B 127 -17.76 3.18 -12.38
CA GLU B 127 -17.30 4.01 -11.28
C GLU B 127 -16.45 5.11 -11.88
N LYS B 128 -16.39 6.25 -11.19
CA LYS B 128 -15.91 7.48 -11.81
C LYS B 128 -14.50 7.91 -11.43
N SER B 129 -13.78 8.41 -12.43
CA SER B 129 -12.48 9.04 -12.25
C SER B 129 -12.62 10.51 -12.60
N THR B 130 -12.02 11.37 -11.80
CA THR B 130 -12.06 12.79 -12.05
C THR B 130 -10.85 13.22 -12.88
N GLN B 131 -11.12 13.85 -14.01
CA GLN B 131 -10.08 14.38 -14.90
C GLN B 131 -9.68 15.78 -14.48
N GLY B 132 -8.50 16.21 -14.90
CA GLY B 132 -8.07 17.59 -14.66
C GLY B 132 -6.59 17.85 -14.46
N LEU B 133 -5.77 16.81 -14.25
CA LEU B 133 -4.37 17.02 -13.90
C LEU B 133 -3.52 17.62 -15.01
N ASP B 134 -3.93 17.43 -16.26
CA ASP B 134 -3.13 17.91 -17.39
C ASP B 134 -3.21 19.42 -17.49
N GLY B 135 -2.06 20.08 -17.35
CA GLY B 135 -1.97 21.54 -17.41
C GLY B 135 -2.50 22.26 -16.18
N LEU B 136 -2.77 21.51 -15.11
CA LEU B 136 -3.38 22.09 -13.91
C LEU B 136 -2.47 23.11 -13.23
N ALA B 137 -1.18 22.81 -13.14
CA ALA B 137 -0.24 23.74 -12.52
C ALA B 137 -0.28 25.12 -13.22
N GLU B 138 -0.34 25.09 -14.54
CA GLU B 138 -0.33 26.33 -15.34
C GLU B 138 -1.64 27.09 -15.20
N ARG B 139 -2.75 26.36 -15.08
CA ARG B 139 -4.04 26.99 -14.84
C ARG B 139 -4.10 27.63 -13.46
N CYS B 140 -3.50 26.98 -12.47
CA CYS B 140 -3.47 27.51 -11.10
C CYS B 140 -2.73 28.85 -11.03
N LYS B 141 -1.59 28.94 -11.70
CA LYS B 141 -0.82 30.19 -11.78
C LYS B 141 -1.68 31.32 -12.36
N GLU B 142 -2.42 30.97 -13.41
CA GLU B 142 -3.33 31.88 -14.08
C GLU B 142 -4.49 32.28 -13.17
N TYR B 143 -5.05 31.32 -12.45
CA TYR B 143 -6.18 31.59 -11.55
C TYR B 143 -5.77 32.42 -10.33
N TYR B 144 -4.58 32.19 -9.81
CA TYR B 144 -4.05 32.99 -8.71
C TYR B 144 -3.84 34.44 -9.13
N LYS B 145 -3.36 34.63 -10.35
CA LYS B 145 -3.20 35.96 -10.94
C LYS B 145 -4.56 36.64 -11.12
N ALA B 146 -5.58 35.86 -11.47
CA ALA B 146 -6.96 36.37 -11.63
C ALA B 146 -7.62 36.72 -10.30
N GLY B 147 -7.04 36.27 -9.19
CA GLY B 147 -7.52 36.60 -7.85
C GLY B 147 -7.96 35.42 -6.99
N ALA B 148 -8.00 34.22 -7.59
CA ALA B 148 -8.41 33.02 -6.86
C ALA B 148 -7.36 32.63 -5.82
N ARG B 149 -7.81 32.31 -4.62
CA ARG B 149 -6.92 31.89 -3.53
C ARG B 149 -7.15 30.44 -3.07
N PHE B 150 -8.21 29.81 -3.55
CA PHE B 150 -8.46 28.42 -3.27
C PHE B 150 -9.13 27.70 -4.46
N ALA B 151 -9.13 26.36 -4.42
CA ALA B 151 -9.61 25.56 -5.55
C ALA B 151 -10.59 24.45 -5.10
N LYS B 152 -11.33 23.92 -6.06
CA LYS B 152 -12.23 22.78 -5.84
C LYS B 152 -12.00 21.70 -6.90
N TRP B 153 -12.05 20.45 -6.47
CA TRP B 153 -11.94 19.27 -7.34
C TRP B 153 -12.87 18.21 -6.77
N ARG B 154 -13.93 17.88 -7.53
CA ARG B 154 -14.91 16.91 -7.09
C ARG B 154 -14.66 15.52 -7.65
N THR B 155 -14.56 14.55 -6.74
CA THR B 155 -14.62 13.14 -7.11
C THR B 155 -15.89 12.51 -6.53
N VAL B 156 -16.33 11.43 -7.18
CA VAL B 156 -17.63 10.82 -6.88
C VAL B 156 -17.47 9.33 -6.63
N LEU B 157 -17.90 8.87 -5.45
CA LEU B 157 -17.99 7.45 -5.17
C LEU B 157 -19.46 7.06 -4.94
N VAL B 158 -19.77 5.80 -5.12
CA VAL B 158 -21.15 5.30 -5.04
C VAL B 158 -21.24 4.11 -4.10
N ILE B 159 -22.28 4.06 -3.28
CA ILE B 159 -22.48 2.94 -2.36
C ILE B 159 -23.49 1.98 -3.00
N ASP B 160 -23.02 0.80 -3.37
CA ASP B 160 -23.84 -0.31 -3.83
C ASP B 160 -23.26 -1.59 -3.26
N THR B 161 -23.44 -1.74 -1.95
CA THR B 161 -23.10 -2.95 -1.20
C THR B 161 -23.04 -4.25 -2.01
N ALA B 162 -24.18 -4.61 -2.64
CA ALA B 162 -24.27 -5.87 -3.39
C ALA B 162 -23.22 -6.02 -4.51
N LYS B 163 -22.78 -4.89 -5.08
CA LYS B 163 -21.74 -4.87 -6.11
C LYS B 163 -20.37 -4.54 -5.51
N GLY B 164 -20.26 -4.62 -4.19
CA GLY B 164 -19.05 -4.19 -3.50
C GLY B 164 -18.61 -2.79 -3.89
N LYS B 165 -19.55 -1.88 -4.16
CA LYS B 165 -19.17 -0.51 -4.52
C LYS B 165 -18.66 0.24 -3.28
N PRO B 166 -17.97 1.37 -3.47
CA PRO B 166 -16.56 1.60 -3.51
C PRO B 166 -15.79 0.31 -3.59
N THR B 167 -15.42 -0.08 -4.80
CA THR B 167 -14.44 -1.11 -5.00
C THR B 167 -13.08 -0.47 -4.65
N ASP B 168 -12.07 -1.29 -4.38
CA ASP B 168 -10.74 -0.76 -4.10
C ASP B 168 -10.23 0.18 -5.19
N LEU B 169 -10.44 -0.18 -6.47
CA LEU B 169 -9.94 0.63 -7.59
C LEU B 169 -10.53 2.02 -7.54
N SER B 170 -11.84 2.07 -7.30
CA SER B 170 -12.54 3.33 -7.21
C SER B 170 -12.01 4.17 -6.06
N ILE B 171 -11.79 3.55 -4.91
CA ILE B 171 -11.30 4.26 -3.74
C ILE B 171 -9.90 4.84 -3.98
N HIS B 172 -8.93 4.09 -4.52
CA HIS B 172 -7.60 4.70 -4.69
CA HIS B 172 -7.61 4.67 -4.71
C HIS B 172 -7.44 5.55 -5.95
N GLU B 173 -8.22 5.30 -7.00
CA GLU B 173 -8.22 6.22 -8.14
C GLU B 173 -8.66 7.61 -7.63
N THR B 174 -9.81 7.63 -6.93
CA THR B 174 -10.30 8.85 -6.27
C THR B 174 -9.28 9.46 -5.31
N ALA B 175 -8.78 8.64 -4.39
CA ALA B 175 -7.91 9.11 -3.32
C ALA B 175 -6.60 9.67 -3.90
N TRP B 176 -6.03 8.97 -4.89
CA TRP B 176 -4.78 9.39 -5.52
C TRP B 176 -4.92 10.64 -6.40
N GLY B 177 -6.00 10.71 -7.17
CA GLY B 177 -6.31 11.89 -7.96
C GLY B 177 -6.53 13.15 -7.13
N LEU B 178 -7.25 13.03 -6.01
CA LEU B 178 -7.43 14.15 -5.09
C LEU B 178 -6.08 14.61 -4.49
N ALA B 179 -5.17 13.67 -4.25
CA ALA B 179 -3.89 13.97 -3.64
C ALA B 179 -2.95 14.69 -4.61
N ARG B 180 -2.98 14.28 -5.88
CA ARG B 180 -2.17 14.94 -6.91
C ARG B 180 -2.67 16.37 -7.12
N TYR B 181 -3.98 16.49 -7.30
CA TYR B 181 -4.66 17.79 -7.39
C TYR B 181 -4.27 18.71 -6.26
N ALA B 182 -4.39 18.23 -5.04
CA ALA B 182 -4.16 19.03 -3.84
C ALA B 182 -2.75 19.56 -3.77
N SER B 183 -1.78 18.75 -4.19
CA SER B 183 -0.38 19.10 -4.06
C SER B 183 0.03 20.09 -5.15
N ILE B 184 -0.67 20.03 -6.29
CA ILE B 184 -0.42 20.94 -7.41
C ILE B 184 -1.01 22.32 -7.11
N CYS B 185 -2.20 22.34 -6.53
CA CYS B 185 -2.79 23.55 -5.99
C CYS B 185 -1.83 24.22 -5.04
N GLN B 186 -1.47 23.53 -3.97
CA GLN B 186 -0.62 24.10 -2.91
C GLN B 186 0.72 24.61 -3.40
N GLN B 187 1.34 23.91 -4.35
CA GLN B 187 2.62 24.37 -4.91
C GLN B 187 2.45 25.71 -5.62
N ASN B 188 1.29 25.89 -6.25
CA ASN B 188 0.96 27.12 -6.96
C ASN B 188 0.02 28.02 -6.18
N ARG B 189 0.07 27.91 -4.86
CA ARG B 189 -0.52 28.87 -3.93
C ARG B 189 -2.04 28.93 -3.89
N LEU B 190 -2.69 27.78 -4.07
CA LEU B 190 -4.14 27.67 -3.90
C LEU B 190 -4.46 26.62 -2.84
N VAL B 191 -5.34 27.00 -1.91
CA VAL B 191 -5.85 26.07 -0.92
C VAL B 191 -6.78 25.08 -1.63
N PRO B 192 -6.45 23.78 -1.59
CA PRO B 192 -7.33 22.81 -2.24
C PRO B 192 -8.47 22.35 -1.34
N ILE B 193 -9.69 22.41 -1.86
CA ILE B 193 -10.83 21.75 -1.23
C ILE B 193 -10.87 20.34 -1.81
N VAL B 194 -10.64 19.35 -0.94
CA VAL B 194 -10.62 17.95 -1.33
C VAL B 194 -12.01 17.35 -1.16
N GLU B 195 -12.69 17.08 -2.28
CA GLU B 195 -14.09 16.60 -2.24
C GLU B 195 -14.25 15.17 -2.76
N PRO B 196 -14.32 14.19 -1.84
CA PRO B 196 -14.68 12.83 -2.20
C PRO B 196 -16.14 12.60 -1.87
N GLU B 197 -17.04 13.05 -2.75
CA GLU B 197 -18.45 12.87 -2.47
C GLU B 197 -18.84 11.43 -2.62
N ILE B 198 -19.28 10.82 -1.52
CA ILE B 198 -19.91 9.52 -1.56
C ILE B 198 -21.39 9.76 -1.75
N LEU B 199 -21.90 9.41 -2.91
CA LEU B 199 -23.29 9.68 -3.22
C LEU B 199 -24.21 8.95 -2.27
N ALA B 200 -25.41 9.51 -2.07
CA ALA B 200 -26.41 8.94 -1.16
C ALA B 200 -27.38 7.98 -1.85
N ASP B 201 -27.13 7.69 -3.13
CA ASP B 201 -28.06 6.85 -3.91
C ASP B 201 -28.13 5.42 -3.35
N GLY B 202 -29.35 4.87 -3.30
CA GLY B 202 -29.54 3.49 -2.84
C GLY B 202 -30.29 3.38 -1.54
N PRO B 203 -30.43 2.14 -1.02
CA PRO B 203 -31.25 1.80 0.13
C PRO B 203 -30.43 1.39 1.36
N HIS B 204 -29.15 1.76 1.37
CA HIS B 204 -28.29 1.42 2.49
C HIS B 204 -28.61 2.20 3.77
N SER B 205 -28.32 1.58 4.91
CA SER B 205 -28.48 2.22 6.21
C SER B 205 -27.41 3.29 6.43
N ILE B 206 -27.67 4.17 7.41
CA ILE B 206 -26.73 5.22 7.79
C ILE B 206 -25.42 4.63 8.33
N GLU B 207 -25.51 3.47 8.98
CA GLU B 207 -24.33 2.79 9.50
C GLU B 207 -23.42 2.28 8.36
N VAL B 208 -24.00 1.75 7.30
CA VAL B 208 -23.21 1.33 6.12
C VAL B 208 -22.49 2.52 5.51
N CYS B 209 -23.22 3.63 5.37
CA CYS B 209 -22.60 4.88 4.91
C CYS B 209 -21.42 5.29 5.79
N ALA B 210 -21.58 5.16 7.10
CA ALA B 210 -20.50 5.48 8.06
C ALA B 210 -19.28 4.60 7.81
N VAL B 211 -19.51 3.30 7.65
CA VAL B 211 -18.46 2.33 7.37
C VAL B 211 -17.69 2.67 6.09
N VAL B 212 -18.43 2.99 5.03
CA VAL B 212 -17.83 3.33 3.74
C VAL B 212 -17.15 4.69 3.77
N THR B 213 -17.81 5.69 4.34
CA THR B 213 -17.26 7.04 4.44
C THR B 213 -15.95 7.03 5.22
N GLN B 214 -15.92 6.23 6.28
CA GLN B 214 -14.73 6.10 7.11
C GLN B 214 -13.58 5.46 6.32
N LYS B 215 -13.88 4.41 5.57
CA LYS B 215 -12.92 3.70 4.74
C LYS B 215 -12.36 4.60 3.64
N VAL B 216 -13.27 5.27 2.94
CA VAL B 216 -12.86 6.23 1.89
C VAL B 216 -11.91 7.30 2.47
N LEU B 217 -12.32 7.89 3.58
CA LEU B 217 -11.59 9.00 4.17
C LEU B 217 -10.20 8.58 4.65
N SER B 218 -10.09 7.41 5.28
CA SER B 218 -8.78 6.90 5.69
CA SER B 218 -8.78 6.88 5.69
C SER B 218 -7.85 6.80 4.49
N CYS B 219 -8.42 6.33 3.38
CA CYS B 219 -7.71 6.17 2.13
C CYS B 219 -7.30 7.52 1.51
N VAL B 220 -8.22 8.47 1.55
CA VAL B 220 -7.96 9.82 1.05
C VAL B 220 -6.81 10.48 1.79
N PHE B 221 -6.87 10.46 3.12
CA PHE B 221 -5.86 11.14 3.90
C PHE B 221 -4.51 10.45 3.77
N LYS B 222 -4.51 9.13 3.62
CA LYS B 222 -3.26 8.39 3.38
C LYS B 222 -2.61 8.87 2.08
N ALA B 223 -3.42 9.02 1.02
CA ALA B 223 -2.92 9.58 -0.25
C ALA B 223 -2.37 11.00 -0.10
N LEU B 224 -3.09 11.85 0.64
CA LEU B 224 -2.65 13.23 0.88
C LEU B 224 -1.25 13.26 1.52
N GLN B 225 -1.04 12.40 2.52
CA GLN B 225 0.27 12.34 3.20
C GLN B 225 1.35 11.81 2.25
N GLU B 226 0.95 10.83 1.46
CA GLU B 226 1.80 10.25 0.42
C GLU B 226 2.39 11.34 -0.48
N ASN B 227 1.49 12.20 -0.96
CA ASN B 227 1.84 13.25 -1.91
C ASN B 227 2.41 14.52 -1.25
N GLY B 228 2.53 14.53 0.08
CA GLY B 228 3.12 15.64 0.81
C GLY B 228 2.21 16.83 1.00
N VAL B 229 0.90 16.60 0.99
CA VAL B 229 -0.09 17.68 1.12
C VAL B 229 -0.09 18.23 2.56
N LEU B 230 0.02 19.55 2.67
CA LEU B 230 -0.06 20.23 3.97
C LEU B 230 -1.51 20.33 4.41
N LEU B 231 -1.88 19.58 5.45
CA LEU B 231 -3.28 19.54 5.91
C LEU B 231 -3.71 20.91 6.43
N GLU B 232 -2.76 21.65 7.01
CA GLU B 232 -3.02 22.98 7.54
C GLU B 232 -3.43 23.96 6.46
N GLY B 233 -2.97 23.75 5.24
CA GLY B 233 -3.35 24.58 4.11
C GLY B 233 -4.33 23.90 3.17
N ALA B 234 -5.22 23.08 3.72
CA ALA B 234 -6.18 22.32 2.91
C ALA B 234 -7.52 22.20 3.63
N LEU B 235 -8.58 21.94 2.86
CA LEU B 235 -9.92 21.73 3.42
C LEU B 235 -10.53 20.47 2.85
N LEU B 236 -11.43 19.86 3.62
CA LEU B 236 -12.14 18.65 3.20
C LEU B 236 -13.61 18.97 2.98
N LYS B 237 -14.15 18.50 1.86
CA LYS B 237 -15.55 18.67 1.51
C LYS B 237 -16.19 17.29 1.36
N PRO B 238 -16.52 16.65 2.48
CA PRO B 238 -17.09 15.33 2.43
C PRO B 238 -18.62 15.38 2.46
N ASN B 239 -19.24 14.28 2.11
CA ASN B 239 -20.67 14.09 2.36
C ASN B 239 -20.91 13.96 3.86
N MET B 240 -22.07 14.42 4.31
CA MET B 240 -22.53 14.08 5.65
C MET B 240 -22.87 12.59 5.62
N VAL B 241 -22.83 11.95 6.79
CA VAL B 241 -23.21 10.55 6.88
C VAL B 241 -24.72 10.43 7.05
N THR B 242 -25.40 10.05 5.97
CA THR B 242 -26.84 9.80 6.00
C THR B 242 -27.12 8.39 5.51
N ALA B 243 -28.28 7.87 5.85
CA ALA B 243 -28.80 6.65 5.24
C ALA B 243 -29.01 6.90 3.74
N GLY B 244 -29.38 5.85 3.01
CA GLY B 244 -29.60 5.97 1.56
C GLY B 244 -30.86 6.74 1.22
N TYR B 245 -30.88 7.33 0.03
CA TYR B 245 -32.08 8.01 -0.48
C TYR B 245 -33.33 7.12 -0.46
N GLU B 246 -33.12 5.81 -0.62
CA GLU B 246 -34.21 4.84 -0.50
C GLU B 246 -34.41 4.37 0.94
N CYS B 247 -34.12 5.28 1.89
CA CYS B 247 -34.70 5.25 3.23
C CYS B 247 -34.80 3.87 3.87
N THR B 248 -33.62 3.34 4.21
CA THR B 248 -33.46 2.21 5.12
C THR B 248 -34.11 2.40 6.51
N ALA B 249 -35.42 2.60 6.57
CA ALA B 249 -36.09 3.08 7.79
C ALA B 249 -35.56 4.47 8.16
N LYS B 250 -36.30 5.50 7.74
CA LYS B 250 -35.84 6.91 7.73
C LYS B 250 -35.24 7.39 9.07
N THR B 251 -33.92 7.58 9.11
CA THR B 251 -33.24 8.01 10.34
C THR B 251 -33.43 9.52 10.61
N THR B 252 -33.07 9.93 11.82
CA THR B 252 -33.24 11.32 12.27
C THR B 252 -31.99 12.17 12.07
N THR B 253 -32.17 13.47 12.23
CA THR B 253 -31.07 14.45 12.15
C THR B 253 -30.05 14.29 13.31
N GLN B 254 -30.52 13.78 14.45
CA GLN B 254 -29.64 13.43 15.57
C GLN B 254 -28.67 12.33 15.14
N ASP B 255 -29.17 11.40 14.33
CA ASP B 255 -28.35 10.30 13.81
C ASP B 255 -27.39 10.75 12.73
N VAL B 256 -27.83 11.66 11.86
CA VAL B 256 -26.93 12.26 10.87
C VAL B 256 -25.76 12.93 11.57
N GLY B 257 -26.07 13.74 12.58
CA GLY B 257 -25.06 14.49 13.31
C GLY B 257 -24.05 13.63 14.04
N PHE B 258 -24.53 12.55 14.67
CA PHE B 258 -23.65 11.70 15.47
C PHE B 258 -22.71 10.88 14.57
N LEU B 259 -23.28 10.14 13.64
CA LEU B 259 -22.50 9.24 12.80
C LEU B 259 -21.56 10.02 11.88
N THR B 260 -21.93 11.26 11.53
CA THR B 260 -21.05 12.16 10.76
C THR B 260 -19.85 12.62 11.60
N VAL B 261 -20.12 13.11 12.81
CA VAL B 261 -19.05 13.57 13.71
C VAL B 261 -18.14 12.40 14.11
N ARG B 262 -18.72 11.23 14.38
CA ARG B 262 -17.93 10.05 14.73
C ARG B 262 -16.94 9.74 13.63
N THR B 263 -17.46 9.58 12.42
CA THR B 263 -16.66 9.17 11.27
C THR B 263 -15.50 10.11 11.00
N LEU B 264 -15.72 11.40 11.21
CA LEU B 264 -14.70 12.42 11.04
C LEU B 264 -13.65 12.35 12.13
N ARG B 265 -14.09 12.13 13.37
CA ARG B 265 -13.18 12.03 14.53
C ARG B 265 -12.24 10.83 14.41
N ARG B 266 -12.68 9.79 13.71
CA ARG B 266 -11.88 8.59 13.52
C ARG B 266 -10.87 8.71 12.39
N THR B 267 -11.07 9.67 11.50
CA THR B 267 -10.33 9.72 10.25
C THR B 267 -9.67 11.06 9.88
N VAL B 268 -10.09 12.17 10.49
CA VAL B 268 -9.56 13.49 10.12
C VAL B 268 -8.63 14.04 11.22
N PRO B 269 -7.32 14.13 10.92
CA PRO B 269 -6.38 14.74 11.88
C PRO B 269 -6.69 16.22 12.15
N PRO B 270 -6.52 16.68 13.39
CA PRO B 270 -6.84 18.06 13.75
C PRO B 270 -6.04 19.16 13.04
N ALA B 271 -4.92 18.81 12.38
CA ALA B 271 -4.16 19.78 11.59
C ALA B 271 -4.98 20.35 10.45
N LEU B 272 -5.96 19.58 9.98
CA LEU B 272 -6.92 20.04 8.97
C LEU B 272 -7.80 21.10 9.64
N PRO B 273 -7.70 22.36 9.18
CA PRO B 273 -8.34 23.45 9.91
C PRO B 273 -9.87 23.39 9.88
N GLY B 274 -10.45 22.78 8.85
CA GLY B 274 -11.92 22.72 8.76
C GLY B 274 -12.51 21.79 7.71
N VAL B 275 -13.76 21.41 7.93
CA VAL B 275 -14.52 20.59 7.00
C VAL B 275 -15.70 21.41 6.51
N VAL B 276 -15.81 21.54 5.18
CA VAL B 276 -16.89 22.30 4.56
C VAL B 276 -17.82 21.32 3.86
N PHE B 277 -18.91 20.96 4.54
CA PHE B 277 -19.82 19.92 4.07
C PHE B 277 -20.52 20.27 2.77
N LEU B 278 -20.68 19.27 1.92
CA LEU B 278 -21.51 19.37 0.72
C LEU B 278 -22.97 19.00 1.06
N SER B 279 -23.93 19.69 0.43
CA SER B 279 -25.35 19.48 0.75
C SER B 279 -25.90 18.23 0.08
N GLY B 280 -25.43 17.92 -1.13
CA GLY B 280 -25.96 16.81 -1.92
C GLY B 280 -27.34 17.14 -2.46
N GLY B 281 -28.25 16.17 -2.39
CA GLY B 281 -29.65 16.39 -2.77
C GLY B 281 -30.53 16.78 -1.59
N GLN B 282 -29.97 17.50 -0.63
CA GLN B 282 -30.73 17.95 0.53
C GLN B 282 -31.44 19.25 0.21
N SER B 283 -32.63 19.43 0.79
CA SER B 283 -33.36 20.70 0.68
C SER B 283 -32.63 21.75 1.49
N GLU B 284 -32.89 23.02 1.17
CA GLU B 284 -32.22 24.14 1.83
C GLU B 284 -32.26 24.04 3.36
N GLU B 285 -33.41 23.61 3.88
CA GLU B 285 -33.64 23.53 5.32
C GLU B 285 -32.90 22.35 5.93
N GLU B 286 -33.00 21.19 5.29
CA GLU B 286 -32.27 19.98 5.72
C GLU B 286 -30.75 20.21 5.78
N ALA B 287 -30.21 20.93 4.81
CA ALA B 287 -28.79 21.30 4.81
C ALA B 287 -28.40 22.09 6.05
N SER B 288 -29.31 22.94 6.53
CA SER B 288 -29.09 23.78 7.71
C SER B 288 -29.37 23.06 9.03
N VAL B 289 -30.46 22.28 9.07
CA VAL B 289 -30.83 21.49 10.24
C VAL B 289 -29.74 20.47 10.56
N ASN B 290 -29.27 19.74 9.54
CA ASN B 290 -28.25 18.71 9.73
C ASN B 290 -26.90 19.30 10.12
N LEU B 291 -26.52 20.41 9.49
CA LEU B 291 -25.28 21.10 9.86
C LEU B 291 -25.36 21.58 11.29
N ASN B 292 -26.57 21.99 11.70
CA ASN B 292 -26.78 22.41 13.07
C ASN B 292 -26.64 21.25 14.06
N SER B 293 -27.22 20.10 13.72
CA SER B 293 -27.14 18.89 14.54
C SER B 293 -25.71 18.41 14.72
N ILE B 294 -24.88 18.61 13.70
CA ILE B 294 -23.46 18.28 13.74
C ILE B 294 -22.75 19.14 14.78
N ASN B 295 -23.07 20.44 14.77
CA ASN B 295 -22.39 21.42 15.61
C ASN B 295 -22.96 21.53 17.01
N ALA B 296 -24.19 21.04 17.20
CA ALA B 296 -24.73 20.88 18.56
C ALA B 296 -23.88 19.89 19.35
N LEU B 297 -23.22 18.96 18.67
CA LEU B 297 -22.30 18.02 19.32
C LEU B 297 -20.95 18.65 19.74
N GLY B 298 -20.96 19.97 19.93
CA GLY B 298 -20.02 20.61 20.83
C GLY B 298 -18.84 21.14 20.06
N PRO B 299 -18.02 21.98 20.71
CA PRO B 299 -16.81 22.47 20.03
C PRO B 299 -16.00 21.29 19.50
N HIS B 300 -15.78 21.28 18.19
CA HIS B 300 -15.06 20.21 17.53
C HIS B 300 -13.60 20.61 17.37
N PRO B 301 -12.71 19.64 17.06
CA PRO B 301 -11.27 19.92 16.85
C PRO B 301 -10.95 20.65 15.55
N TRP B 302 -11.92 20.71 14.65
CA TRP B 302 -11.83 21.49 13.41
C TRP B 302 -13.15 22.23 13.22
N ALA B 303 -13.11 23.27 12.40
CA ALA B 303 -14.32 23.98 12.01
C ALA B 303 -15.17 23.07 11.15
N LEU B 304 -16.39 22.82 11.59
CA LEU B 304 -17.39 22.07 10.82
C LEU B 304 -18.40 23.07 10.23
N THR B 305 -18.24 23.36 8.94
CA THR B 305 -19.06 24.39 8.27
C THR B 305 -19.56 23.88 6.90
N PHE B 306 -19.84 24.81 5.98
CA PHE B 306 -20.56 24.45 4.74
C PHE B 306 -19.88 24.96 3.46
N SER B 307 -20.02 24.17 2.41
CA SER B 307 -19.77 24.62 1.05
C SER B 307 -21.02 24.30 0.25
N TYR B 308 -21.97 25.23 0.27
CA TYR B 308 -23.30 25.00 -0.29
C TYR B 308 -23.56 25.81 -1.57
N GLY B 309 -24.08 25.14 -2.59
CA GLY B 309 -24.51 25.80 -3.83
C GLY B 309 -26.02 25.82 -3.88
N ARG B 310 -26.60 24.69 -4.27
CA ARG B 310 -28.05 24.48 -4.30
C ARG B 310 -28.75 24.84 -2.96
N ALA B 311 -28.12 24.45 -1.85
CA ALA B 311 -28.65 24.72 -0.51
C ALA B 311 -28.68 26.20 -0.15
N LEU B 312 -27.91 27.02 -0.88
CA LEU B 312 -27.90 28.47 -0.68
C LEU B 312 -28.59 29.26 -1.82
N GLN B 313 -28.78 28.61 -2.97
CA GLN B 313 -29.24 29.31 -4.18
C GLN B 313 -30.66 28.98 -4.64
N ALA B 314 -31.20 27.83 -4.20
CA ALA B 314 -32.47 27.31 -4.72
C ALA B 314 -33.58 28.36 -4.72
N SER B 315 -33.83 28.94 -3.54
CA SER B 315 -34.86 29.97 -3.40
C SER B 315 -34.45 31.31 -4.00
N VAL B 316 -33.13 31.57 -4.06
CA VAL B 316 -32.61 32.80 -4.66
C VAL B 316 -32.90 32.85 -6.16
N LEU B 317 -32.93 31.67 -6.81
CA LEU B 317 -33.37 31.59 -8.21
C LEU B 317 -34.85 31.93 -8.38
N ASN B 318 -35.68 31.44 -7.47
CA ASN B 318 -37.15 31.64 -7.56
C ASN B 318 -37.56 33.08 -7.34
N THR B 319 -37.02 33.71 -6.29
CA THR B 319 -37.33 35.11 -6.01
C THR B 319 -36.50 36.10 -6.85
N TRP B 320 -36.06 35.65 -8.04
CA TRP B 320 -35.38 36.51 -9.02
C TRP B 320 -36.13 36.50 -10.36
N GLN B 321 -36.23 35.30 -10.95
CA GLN B 321 -36.90 35.10 -12.25
C GLN B 321 -36.23 35.84 -13.41
N GLY B 322 -34.98 36.26 -13.22
CA GLY B 322 -34.25 37.03 -14.23
C GLY B 322 -34.57 38.51 -14.26
N LYS B 323 -35.77 38.86 -13.80
CA LYS B 323 -36.29 40.23 -13.87
C LYS B 323 -35.63 41.05 -12.77
N LYS B 324 -34.79 42.01 -13.15
CA LYS B 324 -33.98 42.79 -12.20
C LYS B 324 -34.79 43.62 -11.19
N GLU B 325 -36.11 43.57 -11.29
CA GLU B 325 -37.00 44.14 -10.26
C GLU B 325 -36.92 43.34 -8.96
N ASN B 326 -36.41 42.11 -9.05
CA ASN B 326 -36.26 41.23 -7.90
C ASN B 326 -34.81 41.04 -7.43
N VAL B 327 -33.90 41.93 -7.84
CA VAL B 327 -32.52 41.90 -7.34
C VAL B 327 -32.48 42.17 -5.82
N ALA B 328 -33.31 43.11 -5.36
CA ALA B 328 -33.45 43.37 -3.92
C ALA B 328 -34.10 42.20 -3.21
N LYS B 329 -35.18 41.69 -3.81
CA LYS B 329 -35.94 40.56 -3.26
C LYS B 329 -35.15 39.26 -3.24
N ALA B 330 -34.30 39.06 -4.24
CA ALA B 330 -33.47 37.85 -4.34
C ALA B 330 -32.39 37.86 -3.27
N ARG B 331 -31.70 39.00 -3.16
CA ARG B 331 -30.65 39.19 -2.16
C ARG B 331 -31.18 39.07 -0.72
N GLU B 332 -32.50 39.28 -0.53
CA GLU B 332 -33.17 39.00 0.75
C GLU B 332 -33.01 37.53 1.13
N VAL B 333 -33.41 36.64 0.23
CA VAL B 333 -33.41 35.20 0.50
C VAL B 333 -32.00 34.63 0.59
N LEU B 334 -31.03 35.30 -0.04
CA LEU B 334 -29.61 34.91 0.06
C LEU B 334 -29.12 35.13 1.49
N LEU B 335 -29.22 36.37 1.97
CA LEU B 335 -28.79 36.71 3.33
C LEU B 335 -29.48 35.84 4.39
N GLN B 336 -30.77 35.58 4.18
CA GLN B 336 -31.58 34.75 5.06
C GLN B 336 -30.98 33.35 5.22
N ARG B 337 -30.69 32.71 4.09
CA ARG B 337 -30.12 31.37 4.07
C ARG B 337 -28.66 31.36 4.56
N ALA B 338 -27.89 32.38 4.18
CA ALA B 338 -26.49 32.49 4.59
C ALA B 338 -26.39 32.62 6.11
N GLU B 339 -27.28 33.40 6.71
CA GLU B 339 -27.33 33.55 8.17
C GLU B 339 -27.82 32.27 8.84
N ALA B 340 -28.77 31.58 8.20
CA ALA B 340 -29.32 30.33 8.74
C ALA B 340 -28.23 29.28 8.93
N ASN B 341 -27.36 29.17 7.94
CA ASN B 341 -26.25 28.22 8.00
C ASN B 341 -25.08 28.76 8.83
N SER B 342 -24.94 30.07 8.93
CA SER B 342 -23.98 30.68 9.84
C SER B 342 -24.34 30.35 11.30
N LEU B 343 -25.63 30.34 11.59
CA LEU B 343 -26.13 29.97 12.91
C LEU B 343 -25.98 28.46 13.16
N ALA B 344 -26.17 27.64 12.12
CA ALA B 344 -25.98 26.19 12.22
C ALA B 344 -24.51 25.87 12.49
N THR B 345 -23.61 26.67 11.94
CA THR B 345 -22.18 26.61 12.27
C THR B 345 -21.94 26.66 13.78
N TYR B 346 -22.62 27.61 14.43
CA TYR B 346 -22.53 27.78 15.87
C TYR B 346 -23.33 26.76 16.67
N GLY B 347 -24.24 26.05 16.01
CA GLY B 347 -25.14 25.10 16.68
C GLY B 347 -26.37 25.79 17.24
N LYS B 348 -26.61 27.03 16.83
CA LYS B 348 -27.69 27.85 17.38
C LYS B 348 -28.74 28.16 16.31
N TYR B 349 -29.33 27.10 15.75
CA TYR B 349 -30.34 27.24 14.70
C TYR B 349 -31.50 26.24 14.87
N LYS B 350 -32.63 26.73 15.39
CA LYS B 350 -33.85 25.93 15.47
C LYS B 350 -34.52 25.81 14.09
N GLY B 351 -34.55 26.91 13.34
CA GLY B 351 -35.12 26.93 12.00
C GLY B 351 -36.45 27.64 11.92
N GLY B 352 -37.25 27.47 12.97
CA GLY B 352 -38.55 28.15 13.10
C GLY B 352 -39.39 27.54 14.21
N ALA B 353 -38.78 27.37 15.39
CA ALA B 353 -39.35 26.67 16.54
C ALA B 353 -38.48 25.46 16.90
N GLY B 354 -38.27 24.56 15.93
CA GLY B 354 -37.46 23.36 16.13
C GLY B 354 -37.64 22.33 15.03
N HIS C 3 -28.20 -13.46 5.20
CA HIS C 3 -28.32 -12.28 6.09
C HIS C 3 -28.46 -10.98 5.28
N CYS C 4 -28.64 -9.86 5.98
CA CYS C 4 -28.63 -8.54 5.36
C CYS C 4 -27.20 -8.14 5.03
N THR C 5 -26.96 -7.76 3.78
CA THR C 5 -25.62 -7.42 3.32
C THR C 5 -25.28 -5.97 3.65
N GLU C 6 -24.22 -5.79 4.43
CA GLU C 6 -23.64 -4.48 4.69
C GLU C 6 -22.50 -4.34 3.70
N TYR C 7 -21.64 -3.34 3.90
CA TYR C 7 -20.40 -3.26 3.13
C TYR C 7 -19.40 -4.28 3.67
N MET C 8 -19.11 -5.30 2.86
CA MET C 8 -18.32 -6.44 3.32
C MET C 8 -16.81 -6.16 3.37
N ASN C 9 -16.27 -5.38 2.44
CA ASN C 9 -14.83 -5.10 2.44
C ASN C 9 -14.43 -4.03 3.45
N ALA C 10 -14.63 -4.37 4.72
CA ALA C 10 -14.45 -3.47 5.85
C ALA C 10 -14.43 -4.28 7.14
N PRO C 11 -13.46 -4.02 8.04
CA PRO C 11 -13.46 -4.69 9.32
C PRO C 11 -14.79 -4.59 10.08
N LYS C 12 -15.15 -5.68 10.75
CA LYS C 12 -16.38 -5.74 11.53
C LYS C 12 -16.15 -5.20 12.94
N LYS C 13 -17.17 -4.53 13.46
CA LYS C 13 -17.09 -3.84 14.73
C LYS C 13 -17.00 -4.79 15.92
N LEU C 14 -16.47 -4.27 17.02
CA LEU C 14 -16.44 -5.00 18.29
C LEU C 14 -17.86 -5.21 18.80
N PRO C 15 -18.09 -6.29 19.56
CA PRO C 15 -19.35 -6.38 20.28
C PRO C 15 -19.59 -5.10 21.12
N ALA C 16 -20.81 -4.57 21.06
CA ALA C 16 -21.16 -3.30 21.73
C ALA C 16 -20.60 -3.24 23.15
N ASP C 17 -20.80 -4.32 23.89
CA ASP C 17 -20.40 -4.42 25.30
C ASP C 17 -18.89 -4.26 25.48
N VAL C 18 -18.12 -4.95 24.63
CA VAL C 18 -16.64 -4.90 24.68
C VAL C 18 -16.11 -3.55 24.24
N ALA C 19 -16.69 -3.00 23.18
CA ALA C 19 -16.28 -1.69 22.68
C ALA C 19 -16.49 -0.62 23.76
N GLU C 20 -17.60 -0.72 24.46
CA GLU C 20 -17.96 0.22 25.51
C GLU C 20 -17.00 0.16 26.70
N GLU C 21 -16.60 -1.04 27.09
CA GLU C 21 -15.67 -1.22 28.21
C GLU C 21 -14.27 -0.70 27.87
N LEU C 22 -13.82 -0.97 26.64
CA LEU C 22 -12.50 -0.51 26.20
C LEU C 22 -12.44 1.01 26.17
N ALA C 23 -13.52 1.63 25.72
CA ALA C 23 -13.64 3.09 25.66
C ALA C 23 -13.49 3.72 27.05
N THR C 24 -14.21 3.20 28.04
CA THR C 24 -14.16 3.80 29.40
C THR C 24 -12.80 3.59 30.07
N THR C 25 -12.20 2.43 29.87
CA THR C 25 -10.87 2.15 30.41
C THR C 25 -9.84 3.13 29.83
N ALA C 26 -9.94 3.35 28.51
CA ALA C 26 -9.04 4.26 27.80
C ALA C 26 -9.18 5.68 28.30
N GLN C 27 -10.42 6.14 28.52
CA GLN C 27 -10.66 7.48 29.06
C GLN C 27 -10.07 7.58 30.47
N LYS C 28 -10.35 6.58 31.31
CA LYS C 28 -9.83 6.54 32.68
C LYS C 28 -8.32 6.60 32.72
N LEU C 29 -7.67 5.87 31.82
CA LEU C 29 -6.21 5.87 31.74
C LEU C 29 -5.61 7.24 31.44
N VAL C 30 -6.38 8.10 30.76
CA VAL C 30 -5.93 9.46 30.47
C VAL C 30 -6.80 10.52 31.19
N GLN C 31 -7.29 10.16 32.38
CA GLN C 31 -8.02 11.08 33.26
C GLN C 31 -7.28 12.38 33.47
N ALA C 32 -8.02 13.45 33.75
CA ALA C 32 -7.45 14.78 33.92
C ALA C 32 -6.41 14.76 35.05
N GLY C 33 -5.21 15.26 34.74
CA GLY C 33 -4.12 15.32 35.72
C GLY C 33 -3.50 13.99 36.08
N LYS C 34 -3.73 12.97 35.26
CA LYS C 34 -3.22 11.63 35.54
C LYS C 34 -2.46 11.04 34.36
N GLY C 35 -1.57 10.11 34.67
CA GLY C 35 -0.82 9.36 33.67
C GLY C 35 -0.53 7.95 34.14
N ILE C 36 0.34 7.26 33.40
CA ILE C 36 0.60 5.85 33.63
C ILE C 36 2.00 5.63 34.19
N LEU C 37 2.11 4.72 35.17
CA LEU C 37 3.40 4.30 35.71
C LEU C 37 3.82 3.00 35.02
N ALA C 38 4.95 3.06 34.31
CA ALA C 38 5.52 1.88 33.65
C ALA C 38 6.38 1.10 34.64
N ALA C 39 5.82 0.02 35.17
CA ALA C 39 6.53 -0.85 36.10
C ALA C 39 6.78 -2.23 35.46
N ASP C 40 6.90 -2.26 34.14
CA ASP C 40 6.97 -3.50 33.36
C ASP C 40 8.40 -4.00 33.07
N GLU C 41 9.33 -3.74 33.98
CA GLU C 41 10.72 -4.17 33.79
C GLU C 41 10.85 -5.68 33.96
N SER C 42 11.47 -6.34 32.99
CA SER C 42 11.68 -7.78 33.08
C SER C 42 12.71 -8.11 34.15
N THR C 43 12.74 -9.38 34.58
CA THR C 43 13.75 -9.88 35.51
C THR C 43 15.17 -9.53 35.03
N GLN C 44 15.36 -9.50 33.72
CA GLN C 44 16.61 -9.13 33.10
C GLN C 44 16.85 -7.62 33.24
N THR C 45 15.82 -6.85 32.91
CA THR C 45 15.87 -5.38 32.95
C THR C 45 16.06 -4.88 34.37
N ILE C 46 15.34 -5.50 35.30
CA ILE C 46 15.35 -5.10 36.71
C ILE C 46 16.68 -5.46 37.39
N LYS C 47 17.38 -6.46 36.85
CA LYS C 47 18.69 -6.87 37.35
C LYS C 47 19.69 -5.70 37.29
N LYS C 48 19.59 -4.89 36.24
CA LYS C 48 20.48 -3.77 36.05
C LYS C 48 20.17 -2.63 37.02
N ARG C 49 18.91 -2.54 37.45
CA ARG C 49 18.46 -1.46 38.33
C ARG C 49 18.97 -1.65 39.76
N PHE C 50 18.91 -2.89 40.23
CA PHE C 50 19.37 -3.22 41.58
C PHE C 50 20.90 -3.20 41.72
N ASP C 51 21.60 -3.40 40.61
CA ASP C 51 23.07 -3.30 40.61
C ASP C 51 23.52 -1.92 41.06
N ASN C 52 22.86 -0.88 40.55
CA ASN C 52 23.20 0.51 40.90
C ASN C 52 22.85 0.88 42.34
N ILE C 53 21.88 0.18 42.93
CA ILE C 53 21.61 0.30 44.36
C ILE C 53 22.19 -0.88 45.15
N LYS C 54 23.26 -1.48 44.61
CA LYS C 54 24.08 -2.50 45.31
C LYS C 54 23.40 -3.82 45.66
N LEU C 55 22.06 -3.88 45.61
CA LEU C 55 21.33 -5.05 46.11
C LEU C 55 21.16 -6.11 45.04
N GLU C 56 20.86 -7.34 45.47
CA GLU C 56 20.73 -8.50 44.61
C GLU C 56 19.32 -8.60 44.02
N ASN C 57 19.19 -9.33 42.91
CA ASN C 57 17.91 -9.50 42.25
C ASN C 57 17.24 -10.83 42.61
N THR C 58 16.42 -10.80 43.66
CA THR C 58 15.61 -11.95 44.08
C THR C 58 14.13 -11.65 43.93
N ILE C 59 13.30 -12.69 44.02
CA ILE C 59 11.85 -12.53 43.89
C ILE C 59 11.27 -11.72 45.07
N GLU C 60 11.90 -11.82 46.23
CA GLU C 60 11.49 -11.07 47.43
C GLU C 60 11.84 -9.59 47.29
N ASN C 61 12.99 -9.30 46.69
CA ASN C 61 13.42 -7.93 46.40
C ASN C 61 12.50 -7.25 45.39
N ARG C 62 12.17 -7.97 44.33
CA ARG C 62 11.27 -7.46 43.30
C ARG C 62 9.88 -7.19 43.87
N ALA C 63 9.39 -8.10 44.70
CA ALA C 63 8.06 -7.97 45.32
C ALA C 63 8.00 -6.77 46.28
N SER C 64 9.07 -6.57 47.04
CA SER C 64 9.17 -5.46 47.97
C SER C 64 9.22 -4.11 47.26
N TYR C 65 9.90 -4.07 46.10
CA TYR C 65 10.00 -2.84 45.33
C TYR C 65 8.68 -2.45 44.68
N ARG C 66 7.99 -3.44 44.12
CA ARG C 66 6.68 -3.19 43.51
C ARG C 66 5.63 -2.89 44.60
N ASP C 67 5.79 -3.52 45.77
CA ASP C 67 5.00 -3.16 46.94
C ASP C 67 5.25 -1.70 47.31
N LEU C 68 6.52 -1.30 47.32
CA LEU C 68 6.92 0.08 47.61
C LEU C 68 6.18 1.05 46.71
N LEU C 69 6.23 0.77 45.41
CA LEU C 69 5.61 1.64 44.42
C LEU C 69 4.08 1.63 44.55
N PHE C 70 3.48 0.45 44.47
CA PHE C 70 2.02 0.34 44.35
C PHE C 70 1.29 0.61 45.67
N GLY C 71 2.01 0.45 46.79
CA GLY C 71 1.44 0.67 48.11
C GLY C 71 1.53 2.10 48.60
N THR C 72 1.94 3.03 47.75
CA THR C 72 2.03 4.44 48.12
C THR C 72 0.64 5.06 48.23
N LYS C 73 0.38 5.71 49.35
CA LYS C 73 -0.93 6.28 49.63
C LYS C 73 -1.12 7.56 48.84
N GLY C 74 -2.23 7.66 48.11
CA GLY C 74 -2.53 8.82 47.28
C GLY C 74 -1.77 8.92 45.97
N LEU C 75 -1.15 7.83 45.52
CA LEU C 75 -0.49 7.82 44.21
C LEU C 75 -1.52 7.83 43.07
N GLY C 76 -2.73 7.33 43.36
CA GLY C 76 -3.83 7.30 42.40
C GLY C 76 -4.40 8.68 42.06
N LYS C 77 -4.05 9.68 42.86
CA LYS C 77 -4.34 11.07 42.51
C LYS C 77 -3.64 11.46 41.21
N PHE C 78 -2.45 10.94 40.99
CA PHE C 78 -1.62 11.29 39.83
C PHE C 78 -1.43 10.16 38.82
N ILE C 79 -1.74 8.94 39.24
CA ILE C 79 -1.55 7.75 38.41
C ILE C 79 -2.90 7.06 38.16
N SER C 80 -3.20 6.86 36.88
CA SER C 80 -4.46 6.23 36.45
C SER C 80 -4.30 4.73 36.27
N GLY C 81 -3.11 4.32 35.81
CA GLY C 81 -2.82 2.91 35.56
C GLY C 81 -1.36 2.57 35.81
N ALA C 82 -1.09 1.28 35.97
CA ALA C 82 0.27 0.78 36.17
C ALA C 82 0.54 -0.40 35.25
N ILE C 83 1.60 -0.30 34.45
CA ILE C 83 1.97 -1.37 33.52
C ILE C 83 2.82 -2.38 34.27
N LEU C 84 2.40 -3.64 34.28
CA LEU C 84 3.09 -4.69 35.04
C LEU C 84 3.77 -5.70 34.14
N PHE C 85 4.81 -6.33 34.68
CA PHE C 85 5.39 -7.53 34.11
C PHE C 85 4.55 -8.71 34.61
N GLU C 86 4.52 -9.79 33.82
CA GLU C 86 3.68 -10.95 34.09
C GLU C 86 3.80 -11.45 35.53
N GLU C 87 5.04 -11.70 35.96
CA GLU C 87 5.35 -12.11 37.33
C GLU C 87 4.55 -11.29 38.35
N THR C 88 4.72 -9.97 38.26
CA THR C 88 4.13 -9.04 39.21
C THR C 88 2.60 -9.09 39.25
N LEU C 89 1.97 -9.36 38.10
CA LEU C 89 0.51 -9.46 38.03
C LEU C 89 -0.04 -10.59 38.92
N PHE C 90 0.73 -11.66 39.05
CA PHE C 90 0.34 -12.83 39.86
C PHE C 90 1.18 -12.94 41.14
N GLN C 91 1.69 -11.81 41.63
CA GLN C 91 2.61 -11.78 42.76
C GLN C 91 1.95 -11.23 44.01
N LYS C 92 2.47 -11.63 45.16
CA LYS C 92 2.06 -11.10 46.45
C LYS C 92 3.27 -10.52 47.15
N ASN C 93 3.04 -9.64 48.11
CA ASN C 93 4.09 -9.11 48.98
C ASN C 93 4.42 -10.09 50.11
N GLU C 94 5.34 -9.69 51.00
CA GLU C 94 5.67 -10.50 52.19
C GLU C 94 4.45 -10.84 53.04
N ALA C 95 3.50 -9.91 53.13
CA ALA C 95 2.32 -10.08 53.97
C ALA C 95 1.15 -10.81 53.28
N GLY C 96 1.40 -11.45 52.14
CA GLY C 96 0.37 -12.24 51.45
C GLY C 96 -0.65 -11.45 50.66
N VAL C 97 -0.51 -10.13 50.61
CA VAL C 97 -1.43 -9.27 49.86
C VAL C 97 -1.03 -9.29 48.37
N PRO C 98 -1.98 -9.64 47.49
CA PRO C 98 -1.72 -9.55 46.05
C PRO C 98 -1.38 -8.13 45.61
N MET C 99 -0.40 -8.00 44.71
CA MET C 99 0.05 -6.69 44.22
C MET C 99 -1.05 -5.89 43.54
N VAL C 100 -1.87 -6.57 42.72
CA VAL C 100 -2.96 -5.89 42.01
C VAL C 100 -4.05 -5.36 42.95
N ASN C 101 -4.14 -5.93 44.15
CA ASN C 101 -5.03 -5.41 45.20
C ASN C 101 -4.51 -4.10 45.80
N LEU C 102 -3.20 -3.98 45.95
CA LEU C 102 -2.57 -2.72 46.32
C LEU C 102 -3.02 -1.60 45.36
N LEU C 103 -3.18 -1.95 44.09
CA LEU C 103 -3.61 -1.00 43.08
C LEU C 103 -5.12 -0.74 43.15
N HIS C 104 -5.94 -1.78 43.33
CA HIS C 104 -7.40 -1.61 43.40
C HIS C 104 -7.78 -0.61 44.50
N ASN C 105 -7.10 -0.71 45.64
CA ASN C 105 -7.35 0.17 46.79
C ASN C 105 -6.98 1.61 46.46
N GLU C 106 -5.85 1.77 45.78
CA GLU C 106 -5.42 3.08 45.29
C GLU C 106 -6.15 3.48 44.01
N ASN C 107 -7.03 2.59 43.52
CA ASN C 107 -7.91 2.84 42.38
C ASN C 107 -7.12 3.09 41.06
N ILE C 108 -5.94 2.46 40.98
CA ILE C 108 -5.11 2.44 39.78
C ILE C 108 -5.44 1.17 38.98
N ILE C 109 -5.61 1.34 37.68
CA ILE C 109 -5.94 0.24 36.78
C ILE C 109 -4.67 -0.57 36.47
N PRO C 110 -4.73 -1.90 36.60
CA PRO C 110 -3.53 -2.67 36.26
C PRO C 110 -3.42 -2.96 34.77
N GLY C 111 -2.20 -2.94 34.24
CA GLY C 111 -1.95 -3.26 32.85
C GLY C 111 -0.81 -4.25 32.73
N ILE C 112 -0.61 -4.77 31.52
CA ILE C 112 0.34 -5.87 31.31
C ILE C 112 1.10 -5.75 29.98
N LYS C 113 2.43 -5.79 30.07
CA LYS C 113 3.29 -5.90 28.89
C LYS C 113 3.11 -7.29 28.27
N VAL C 114 2.69 -7.33 27.01
CA VAL C 114 2.34 -8.59 26.34
C VAL C 114 3.28 -9.00 25.19
N ASP C 115 4.17 -8.11 24.75
CA ASP C 115 5.11 -8.46 23.69
C ASP C 115 6.20 -9.39 24.23
N LYS C 116 6.78 -10.19 23.35
CA LYS C 116 7.84 -11.14 23.71
C LYS C 116 9.22 -10.68 23.21
N GLY C 117 9.42 -9.36 23.13
CA GLY C 117 10.72 -8.81 22.81
C GLY C 117 10.98 -8.59 21.32
N LEU C 118 12.21 -8.21 21.02
CA LEU C 118 12.62 -7.83 19.68
C LEU C 118 13.48 -8.88 18.99
N VAL C 119 13.33 -8.98 17.66
CA VAL C 119 14.24 -9.75 16.81
C VAL C 119 14.53 -8.96 15.53
N ASN C 120 15.63 -9.30 14.86
CA ASN C 120 16.00 -8.62 13.62
C ASN C 120 15.13 -9.00 12.44
N ILE C 121 14.76 -8.02 11.63
CA ILE C 121 14.11 -8.27 10.36
C ILE C 121 15.21 -8.68 9.38
N PRO C 122 15.08 -9.86 8.76
CA PRO C 122 16.10 -10.22 7.77
C PRO C 122 16.03 -9.28 6.58
N CYS C 123 17.17 -9.03 5.94
CA CYS C 123 17.23 -8.13 4.77
C CYS C 123 17.13 -6.65 5.15
N THR C 124 17.18 -6.34 6.43
CA THR C 124 17.41 -4.99 6.90
C THR C 124 18.74 -5.00 7.61
N ASP C 125 19.28 -3.82 7.87
CA ASP C 125 20.47 -3.68 8.67
C ASP C 125 20.08 -3.61 10.14
N GLU C 126 19.80 -4.78 10.71
CA GLU C 126 19.46 -4.93 12.13
C GLU C 126 18.27 -4.06 12.57
N GLU C 127 17.27 -3.93 11.73
CA GLU C 127 16.06 -3.24 12.14
C GLU C 127 15.13 -4.24 12.79
N LYS C 128 14.32 -3.78 13.74
CA LYS C 128 13.72 -4.66 14.73
C LYS C 128 12.27 -5.01 14.48
N SER C 129 11.94 -6.28 14.68
CA SER C 129 10.57 -6.77 14.65
C SER C 129 10.19 -7.19 16.07
N THR C 130 9.00 -6.82 16.51
CA THR C 130 8.53 -7.18 17.83
C THR C 130 7.74 -8.49 17.76
N GLN C 131 8.20 -9.46 18.54
CA GLN C 131 7.57 -10.76 18.65
C GLN C 131 6.46 -10.73 19.69
N GLY C 132 5.51 -11.65 19.60
CA GLY C 132 4.48 -11.80 20.63
C GLY C 132 3.12 -12.31 20.21
N LEU C 133 2.83 -12.35 18.91
CA LEU C 133 1.48 -12.69 18.46
C LEU C 133 1.06 -14.13 18.72
N ASP C 134 2.02 -15.05 18.86
CA ASP C 134 1.68 -16.46 19.04
C ASP C 134 1.14 -16.71 20.44
N GLY C 135 -0.12 -17.15 20.52
CA GLY C 135 -0.80 -17.41 21.79
C GLY C 135 -1.23 -16.16 22.55
N LEU C 136 -1.18 -15.00 21.89
CA LEU C 136 -1.49 -13.72 22.54
C LEU C 136 -2.94 -13.65 23.01
N ALA C 137 -3.86 -14.09 22.17
CA ALA C 137 -5.29 -14.10 22.55
C ALA C 137 -5.52 -14.83 23.86
N GLU C 138 -4.88 -15.99 23.99
CA GLU C 138 -5.05 -16.82 25.17
C GLU C 138 -4.38 -16.21 26.41
N ARG C 139 -3.26 -15.53 26.21
CA ARG C 139 -2.61 -14.81 27.31
C ARG C 139 -3.47 -13.64 27.79
N CYS C 140 -4.11 -12.94 26.85
CA CYS C 140 -4.99 -11.81 27.17
C CYS C 140 -6.17 -12.21 28.06
N LYS C 141 -6.80 -13.33 27.71
CA LYS C 141 -7.90 -13.88 28.50
C LYS C 141 -7.44 -14.13 29.94
N GLU C 142 -6.24 -14.71 30.05
CA GLU C 142 -5.63 -14.99 31.36
C GLU C 142 -5.33 -13.72 32.12
N TYR C 143 -4.78 -12.72 31.42
CA TYR C 143 -4.42 -11.45 32.04
C TYR C 143 -5.62 -10.66 32.49
N TYR C 144 -6.69 -10.69 31.72
CA TYR C 144 -7.94 -10.03 32.11
C TYR C 144 -8.54 -10.67 33.37
N LYS C 145 -8.48 -12.01 33.44
CA LYS C 145 -8.90 -12.73 34.64
C LYS C 145 -8.04 -12.37 35.84
N ALA C 146 -6.74 -12.15 35.61
CA ALA C 146 -5.81 -11.75 36.66
C ALA C 146 -6.03 -10.32 37.13
N GLY C 147 -6.79 -9.54 36.36
CA GLY C 147 -7.15 -8.17 36.75
C GLY C 147 -6.68 -7.08 35.79
N ALA C 148 -5.87 -7.44 34.80
CA ALA C 148 -5.35 -6.48 33.82
C ALA C 148 -6.46 -5.96 32.91
N ARG C 149 -6.51 -4.66 32.70
CA ARG C 149 -7.51 -4.03 31.82
C ARG C 149 -6.91 -3.40 30.56
N PHE C 150 -5.60 -3.28 30.51
CA PHE C 150 -4.92 -2.75 29.34
C PHE C 150 -3.58 -3.42 29.12
N ALA C 151 -3.02 -3.24 27.92
CA ALA C 151 -1.80 -3.94 27.51
C ALA C 151 -0.76 -3.00 26.88
N LYS C 152 0.47 -3.47 26.83
CA LYS C 152 1.59 -2.73 26.23
C LYS C 152 2.40 -3.65 25.28
N TRP C 153 2.77 -3.08 24.13
CA TRP C 153 3.53 -3.78 23.09
C TRP C 153 4.49 -2.74 22.50
N ARG C 154 5.79 -2.93 22.74
CA ARG C 154 6.80 -1.99 22.26
C ARG C 154 7.46 -2.44 20.95
N THR C 155 7.39 -1.58 19.95
CA THR C 155 8.20 -1.71 18.73
C THR C 155 9.21 -0.58 18.68
N VAL C 156 10.31 -0.81 17.96
CA VAL C 156 11.46 0.10 17.96
C VAL C 156 11.90 0.41 16.54
N LEU C 157 11.91 1.70 16.19
CA LEU C 157 12.46 2.17 14.92
C LEU C 157 13.66 3.05 15.19
N VAL C 158 14.54 3.15 14.21
CA VAL C 158 15.77 3.91 14.37
C VAL C 158 15.86 4.93 13.25
N ILE C 159 16.43 6.10 13.54
CA ILE C 159 16.68 7.13 12.54
C ILE C 159 18.15 7.15 12.19
N ASP C 160 18.43 6.77 10.95
CA ASP C 160 19.79 6.83 10.40
C ASP C 160 19.68 7.19 8.94
N THR C 161 19.57 8.49 8.72
CA THR C 161 19.38 9.08 7.40
C THR C 161 20.32 8.58 6.29
N ALA C 162 21.59 8.38 6.61
CA ALA C 162 22.57 7.91 5.63
C ALA C 162 22.28 6.49 5.16
N LYS C 163 21.71 5.67 6.05
CA LYS C 163 21.27 4.32 5.71
C LYS C 163 19.75 4.24 5.42
N GLY C 164 19.15 5.35 5.03
CA GLY C 164 17.69 5.39 4.78
C GLY C 164 16.88 4.75 5.89
N LYS C 165 17.39 4.87 7.13
CA LYS C 165 17.04 3.93 8.19
C LYS C 165 16.08 4.33 9.31
N PRO C 166 14.79 4.45 9.01
CA PRO C 166 13.69 3.53 9.20
C PRO C 166 13.17 3.22 7.78
N THR C 167 13.42 2.01 7.29
CA THR C 167 13.18 1.68 5.89
C THR C 167 11.68 1.33 5.75
N ASP C 168 11.15 1.35 4.53
CA ASP C 168 9.72 1.05 4.35
C ASP C 168 9.38 -0.23 5.12
N LEU C 169 10.14 -1.29 4.85
CA LEU C 169 9.98 -2.60 5.50
C LEU C 169 9.94 -2.48 7.04
N SER C 170 10.91 -1.78 7.62
CA SER C 170 10.85 -1.56 9.06
C SER C 170 9.54 -0.88 9.48
N ILE C 171 9.12 0.12 8.71
CA ILE C 171 7.93 0.87 9.03
C ILE C 171 6.69 -0.04 8.94
N HIS C 172 6.61 -0.86 7.90
N HIS C 172 6.59 -0.78 7.83
CA HIS C 172 5.42 -1.67 7.80
CA HIS C 172 5.58 -1.84 7.55
C HIS C 172 5.40 -2.92 8.66
N GLU C 173 6.52 -3.55 8.95
CA GLU C 173 6.56 -4.64 9.93
C GLU C 173 6.04 -4.12 11.26
N THR C 174 6.66 -3.04 11.72
CA THR C 174 6.24 -2.37 12.95
C THR C 174 4.76 -2.05 12.95
N ALA C 175 4.33 -1.35 11.91
CA ALA C 175 2.98 -0.83 11.81
C ALA C 175 1.98 -1.98 11.82
N TRP C 176 2.26 -3.03 11.07
CA TRP C 176 1.36 -4.19 10.95
C TRP C 176 1.31 -5.07 12.22
N GLY C 177 2.46 -5.29 12.84
CA GLY C 177 2.53 -6.01 14.12
C GLY C 177 1.83 -5.30 15.25
N LEU C 178 1.93 -3.97 15.32
CA LEU C 178 1.18 -3.19 16.31
C LEU C 178 -0.33 -3.30 16.08
N ALA C 179 -0.73 -3.37 14.81
CA ALA C 179 -2.15 -3.40 14.46
C ALA C 179 -2.77 -4.76 14.78
N ARG C 180 -2.01 -5.84 14.57
CA ARG C 180 -2.48 -7.19 14.91
C ARG C 180 -2.58 -7.33 16.43
N TYR C 181 -1.51 -6.94 17.13
CA TYR C 181 -1.51 -6.87 18.60
C TYR C 181 -2.73 -6.14 19.13
N ALA C 182 -2.95 -4.92 18.66
CA ALA C 182 -4.03 -4.08 19.14
C ALA C 182 -5.37 -4.75 18.93
N SER C 183 -5.57 -5.30 17.73
CA SER C 183 -6.86 -5.89 17.37
C SER C 183 -7.18 -7.13 18.19
N ILE C 184 -6.15 -7.89 18.57
CA ILE C 184 -6.33 -9.09 19.39
C ILE C 184 -6.63 -8.71 20.84
N CYS C 185 -5.90 -7.71 21.35
CA CYS C 185 -6.14 -7.18 22.70
C CYS C 185 -7.59 -6.74 22.88
N GLN C 186 -8.05 -5.85 22.00
CA GLN C 186 -9.42 -5.34 22.06
C GLN C 186 -10.49 -6.43 21.98
N GLN C 187 -10.24 -7.47 21.20
CA GLN C 187 -11.20 -8.57 21.08
C GLN C 187 -11.29 -9.35 22.41
N ASN C 188 -10.17 -9.39 23.14
CA ASN C 188 -10.10 -10.02 24.46
C ASN C 188 -10.13 -9.01 25.61
N ARG C 189 -10.71 -7.85 25.35
CA ARG C 189 -11.09 -6.88 26.39
C ARG C 189 -9.92 -6.19 27.09
N LEU C 190 -8.85 -5.92 26.36
CA LEU C 190 -7.73 -5.14 26.89
C LEU C 190 -7.46 -3.93 25.98
N VAL C 191 -7.36 -2.74 26.59
CA VAL C 191 -7.00 -1.54 25.87
C VAL C 191 -5.53 -1.65 25.48
N PRO C 192 -5.24 -1.66 24.17
CA PRO C 192 -3.84 -1.71 23.76
C PRO C 192 -3.17 -0.35 23.75
N ILE C 193 -2.02 -0.26 24.41
CA ILE C 193 -1.11 0.87 24.22
C ILE C 193 -0.23 0.51 23.03
N VAL C 194 -0.36 1.30 21.96
CA VAL C 194 0.41 1.10 20.74
C VAL C 194 1.68 1.95 20.79
N GLU C 195 2.83 1.29 20.95
CA GLU C 195 4.11 1.99 21.12
C GLU C 195 5.08 1.75 19.95
N PRO C 196 5.11 2.70 18.98
CA PRO C 196 6.15 2.73 17.98
C PRO C 196 7.25 3.71 18.39
N GLU C 197 8.15 3.28 19.26
CA GLU C 197 9.22 4.15 19.71
C GLU C 197 10.24 4.34 18.59
N ILE C 198 10.37 5.57 18.12
CA ILE C 198 11.45 5.94 17.22
C ILE C 198 12.57 6.40 18.12
N LEU C 199 13.66 5.66 18.15
CA LEU C 199 14.81 5.98 19.02
C LEU C 199 15.44 7.32 18.67
N ALA C 200 16.00 7.98 19.69
CA ALA C 200 16.65 9.28 19.52
C ALA C 200 18.13 9.19 19.14
N ASP C 201 18.64 7.99 18.91
CA ASP C 201 20.06 7.80 18.64
C ASP C 201 20.48 8.48 17.33
N GLY C 202 21.62 9.14 17.35
CA GLY C 202 22.15 9.80 16.15
C GLY C 202 22.21 11.31 16.28
N PRO C 203 22.67 12.01 15.23
CA PRO C 203 22.87 13.45 15.26
C PRO C 203 21.90 14.21 14.34
N HIS C 204 20.78 13.58 14.03
CA HIS C 204 19.76 14.21 13.21
C HIS C 204 19.08 15.37 13.93
N SER C 205 18.62 16.34 13.15
CA SER C 205 17.90 17.50 13.67
C SER C 205 16.49 17.12 14.15
N ILE C 206 15.86 18.03 14.91
CA ILE C 206 14.51 17.82 15.41
C ILE C 206 13.52 17.78 14.27
N GLU C 207 13.79 18.54 13.20
CA GLU C 207 12.93 18.55 12.00
C GLU C 207 12.90 17.18 11.30
N VAL C 208 14.08 16.56 11.17
CA VAL C 208 14.17 15.23 10.58
C VAL C 208 13.37 14.21 11.38
N CYS C 209 13.50 14.28 12.71
CA CYS C 209 12.69 13.46 13.61
C CYS C 209 11.20 13.67 13.39
N ALA C 210 10.79 14.93 13.21
CA ALA C 210 9.38 15.26 12.92
C ALA C 210 8.91 14.58 11.63
N VAL C 211 9.73 14.71 10.59
CA VAL C 211 9.49 14.11 9.28
C VAL C 211 9.29 12.59 9.40
N VAL C 212 10.21 11.95 10.11
CA VAL C 212 10.16 10.50 10.30
C VAL C 212 9.01 10.05 11.19
N THR C 213 8.83 10.75 12.33
CA THR C 213 7.76 10.44 13.29
C THR C 213 6.39 10.54 12.63
N GLN C 214 6.22 11.55 11.78
CA GLN C 214 4.97 11.78 11.07
C GLN C 214 4.71 10.64 10.08
N LYS C 215 5.76 10.24 9.36
CA LYS C 215 5.67 9.17 8.36
C LYS C 215 5.34 7.84 9.02
N VAL C 216 6.06 7.54 10.10
CA VAL C 216 5.81 6.35 10.90
C VAL C 216 4.37 6.33 11.41
N LEU C 217 3.92 7.42 12.00
CA LEU C 217 2.59 7.49 12.62
C LEU C 217 1.48 7.35 11.60
N SER C 218 1.62 8.01 10.45
CA SER C 218 0.65 7.85 9.36
C SER C 218 0.49 6.38 8.99
N CYS C 219 1.62 5.70 8.91
CA CYS C 219 1.65 4.29 8.58
C CYS C 219 1.01 3.43 9.67
N VAL C 220 1.33 3.73 10.93
CA VAL C 220 0.76 2.99 12.06
C VAL C 220 -0.76 3.06 12.08
N PHE C 221 -1.28 4.27 11.96
CA PHE C 221 -2.72 4.48 12.03
C PHE C 221 -3.45 3.87 10.85
N LYS C 222 -2.80 3.88 9.68
CA LYS C 222 -3.33 3.18 8.51
C LYS C 222 -3.48 1.67 8.78
N ALA C 223 -2.45 1.10 9.40
CA ALA C 223 -2.49 -0.30 9.84
C ALA C 223 -3.62 -0.58 10.84
N LEU C 224 -3.79 0.30 11.82
CA LEU C 224 -4.83 0.14 12.87
C LEU C 224 -6.22 0.06 12.25
N GLN C 225 -6.50 0.98 11.33
CA GLN C 225 -7.82 1.08 10.71
C GLN C 225 -8.12 -0.15 9.88
N GLU C 226 -7.08 -0.67 9.21
CA GLU C 226 -7.28 -1.83 8.33
C GLU C 226 -7.48 -3.11 9.09
N ASN C 227 -6.84 -3.21 10.26
CA ASN C 227 -7.10 -4.31 11.19
C ASN C 227 -8.38 -4.13 12.03
N GLY C 228 -9.05 -2.99 11.86
CA GLY C 228 -10.35 -2.74 12.50
C GLY C 228 -10.24 -2.32 13.96
N VAL C 229 -9.10 -1.72 14.32
CA VAL C 229 -8.84 -1.29 15.69
C VAL C 229 -9.71 -0.08 16.03
N LEU C 230 -10.40 -0.16 17.17
CA LEU C 230 -11.24 0.96 17.65
C LEU C 230 -10.33 1.96 18.35
N LEU C 231 -10.18 3.15 17.75
CA LEU C 231 -9.28 4.17 18.28
C LEU C 231 -9.77 4.67 19.62
N GLU C 232 -11.09 4.68 19.79
CA GLU C 232 -11.71 5.09 21.05
C GLU C 232 -11.30 4.20 22.23
N GLY C 233 -11.01 2.93 21.95
CA GLY C 233 -10.57 1.99 22.98
C GLY C 233 -9.09 1.68 22.90
N ALA C 234 -8.28 2.66 22.50
CA ALA C 234 -6.85 2.46 22.32
C ALA C 234 -6.07 3.71 22.70
N LEU C 235 -4.78 3.53 22.98
CA LEU C 235 -3.90 4.64 23.33
C LEU C 235 -2.61 4.55 22.54
N LEU C 236 -1.96 5.69 22.33
CA LEU C 236 -0.70 5.76 21.60
C LEU C 236 0.42 6.18 22.53
N LYS C 237 1.54 5.45 22.46
CA LYS C 237 2.74 5.75 23.26
C LYS C 237 3.90 6.07 22.32
N PRO C 238 3.91 7.29 21.76
CA PRO C 238 4.94 7.66 20.83
C PRO C 238 6.09 8.30 21.56
N ASN C 239 7.21 8.40 20.86
CA ASN C 239 8.31 9.28 21.27
C ASN C 239 7.87 10.73 21.11
N MET C 240 8.40 11.60 21.97
CA MET C 240 8.32 13.02 21.73
C MET C 240 9.22 13.30 20.54
N VAL C 241 8.96 14.40 19.84
CA VAL C 241 9.82 14.81 18.73
C VAL C 241 10.97 15.65 19.29
N THR C 242 12.15 15.04 19.33
CA THR C 242 13.36 15.70 19.76
C THR C 242 14.43 15.54 18.70
N ALA C 243 15.48 16.35 18.80
CA ALA C 243 16.67 16.16 18.01
C ALA C 243 17.31 14.84 18.44
N GLY C 244 18.40 14.46 17.79
CA GLY C 244 19.14 13.27 18.16
C GLY C 244 20.04 13.53 19.37
N TYR C 245 20.47 12.44 20.00
CA TYR C 245 21.35 12.52 21.17
C TYR C 245 22.66 13.24 20.87
N GLU C 246 23.24 12.95 19.71
CA GLU C 246 24.51 13.53 19.29
C GLU C 246 24.38 14.95 18.70
N CYS C 247 23.16 15.44 18.55
CA CYS C 247 22.90 16.65 17.79
C CYS C 247 23.46 17.92 18.43
N THR C 248 24.58 18.39 17.88
CA THR C 248 25.23 19.67 18.24
C THR C 248 25.44 19.90 19.75
N ALA C 249 24.35 20.30 20.43
CA ALA C 249 24.34 20.67 21.86
C ALA C 249 23.35 21.83 22.03
N LYS C 250 22.14 21.66 21.49
CA LYS C 250 21.28 22.81 21.16
C LYS C 250 19.95 22.84 21.88
N THR C 251 19.03 22.00 21.40
CA THR C 251 17.60 22.30 21.36
C THR C 251 16.93 22.75 22.67
N THR C 252 15.72 23.28 22.52
CA THR C 252 14.97 23.87 23.61
C THR C 252 13.61 23.19 23.82
N THR C 253 13.12 23.26 25.06
CA THR C 253 11.92 22.53 25.46
C THR C 253 10.66 22.99 24.70
N GLN C 254 10.58 24.25 24.31
CA GLN C 254 9.44 24.75 23.55
C GLN C 254 9.41 24.20 22.14
N ASP C 255 10.60 23.91 21.58
CA ASP C 255 10.70 23.31 20.27
C ASP C 255 10.30 21.85 20.29
N VAL C 256 10.75 21.12 21.30
CA VAL C 256 10.28 19.77 21.52
C VAL C 256 8.74 19.79 21.59
N GLY C 257 8.18 20.78 22.28
CA GLY C 257 6.75 20.91 22.42
C GLY C 257 6.01 21.22 21.13
N PHE C 258 6.56 22.13 20.33
CA PHE C 258 5.90 22.55 19.09
C PHE C 258 5.90 21.45 18.04
N LEU C 259 7.09 20.94 17.75
CA LEU C 259 7.23 19.94 16.70
C LEU C 259 6.52 18.63 17.08
N THR C 260 6.44 18.33 18.37
CA THR C 260 5.70 17.15 18.86
C THR C 260 4.20 17.32 18.66
N VAL C 261 3.66 18.46 19.11
CA VAL C 261 2.24 18.74 18.98
C VAL C 261 1.87 18.81 17.50
N ARG C 262 2.72 19.45 16.70
CA ARG C 262 2.46 19.56 15.27
C ARG C 262 2.31 18.19 14.64
N THR C 263 3.32 17.34 14.84
CA THR C 263 3.34 16.04 14.16
C THR C 263 2.17 15.14 14.61
N LEU C 264 1.70 15.29 15.84
CA LEU C 264 0.51 14.54 16.31
C LEU C 264 -0.78 15.11 15.68
N ARG C 265 -0.87 16.43 15.57
CA ARG C 265 -2.05 17.06 14.95
C ARG C 265 -2.24 16.65 13.50
N ARG C 266 -1.12 16.36 12.82
CA ARG C 266 -1.15 15.98 11.40
C ARG C 266 -1.48 14.51 11.18
N THR C 267 -1.36 13.69 12.23
CA THR C 267 -1.42 12.24 12.08
C THR C 267 -2.37 11.47 13.02
N VAL C 268 -2.79 12.07 14.13
CA VAL C 268 -3.59 11.36 15.14
C VAL C 268 -5.05 11.84 15.16
N PRO C 269 -5.99 11.01 14.66
CA PRO C 269 -7.40 11.38 14.72
C PRO C 269 -7.90 11.63 16.16
N PRO C 270 -8.83 12.58 16.35
CA PRO C 270 -9.29 12.89 17.70
C PRO C 270 -10.10 11.78 18.41
N ALA C 271 -10.53 10.74 17.67
CA ALA C 271 -11.21 9.59 18.28
C ALA C 271 -10.30 8.85 19.26
N LEU C 272 -8.98 8.97 19.06
CA LEU C 272 -7.99 8.43 19.98
C LEU C 272 -8.04 9.29 21.26
N PRO C 273 -8.46 8.70 22.38
CA PRO C 273 -8.74 9.51 23.57
C PRO C 273 -7.49 10.16 24.18
N GLY C 274 -6.32 9.58 23.97
CA GLY C 274 -5.10 10.14 24.53
C GLY C 274 -3.77 9.57 24.08
N VAL C 275 -2.72 10.36 24.30
CA VAL C 275 -1.37 9.96 23.98
C VAL C 275 -0.55 9.93 25.26
N VAL C 276 0.06 8.79 25.55
CA VAL C 276 0.86 8.62 26.76
C VAL C 276 2.35 8.54 26.37
N PHE C 277 3.03 9.67 26.45
CA PHE C 277 4.40 9.77 25.94
C PHE C 277 5.36 8.87 26.69
N LEU C 278 6.22 8.18 25.95
CA LEU C 278 7.40 7.53 26.52
C LEU C 278 8.47 8.60 26.70
N SER C 279 9.45 8.37 27.58
CA SER C 279 10.45 9.40 27.89
C SER C 279 11.88 9.09 27.40
N GLY C 280 12.12 7.87 26.94
CA GLY C 280 13.42 7.52 26.39
C GLY C 280 14.54 7.76 27.37
N GLY C 281 15.59 8.44 26.92
CA GLY C 281 16.76 8.70 27.75
C GLY C 281 16.75 10.03 28.48
N GLN C 282 15.60 10.71 28.46
CA GLN C 282 15.46 12.01 29.11
C GLN C 282 15.59 11.89 30.61
N SER C 283 16.20 12.89 31.24
CA SER C 283 16.25 12.96 32.69
C SER C 283 14.81 13.04 33.26
N GLU C 284 14.66 12.73 34.55
CA GLU C 284 13.35 12.78 35.21
C GLU C 284 12.72 14.15 35.08
N GLU C 285 13.55 15.18 35.22
CA GLU C 285 13.12 16.57 35.11
C GLU C 285 12.79 16.95 33.66
N GLU C 286 13.63 16.52 32.72
CA GLU C 286 13.37 16.76 31.30
C GLU C 286 12.05 16.12 30.86
N ALA C 287 11.78 14.91 31.33
CA ALA C 287 10.52 14.22 31.04
C ALA C 287 9.31 15.07 31.44
N SER C 288 9.46 15.81 32.55
CA SER C 288 8.40 16.68 33.08
C SER C 288 8.36 18.04 32.39
N VAL C 289 9.54 18.63 32.17
CA VAL C 289 9.64 19.92 31.52
C VAL C 289 9.07 19.86 30.10
N ASN C 290 9.48 18.84 29.36
CA ASN C 290 9.02 18.66 27.97
C ASN C 290 7.54 18.35 27.88
N LEU C 291 7.04 17.49 28.76
CA LEU C 291 5.61 17.19 28.78
C LEU C 291 4.83 18.46 29.13
N ASN C 292 5.41 19.31 29.97
CA ASN C 292 4.79 20.59 30.30
C ASN C 292 4.75 21.53 29.10
N SER C 293 5.86 21.61 28.36
CA SER C 293 5.94 22.43 27.14
C SER C 293 4.92 22.01 26.08
N ILE C 294 4.66 20.71 26.00
CA ILE C 294 3.67 20.16 25.08
C ILE C 294 2.27 20.63 25.45
N ASN C 295 1.98 20.62 26.75
CA ASN C 295 0.65 20.97 27.24
C ASN C 295 0.44 22.48 27.45
N ALA C 296 1.52 23.25 27.52
CA ALA C 296 1.39 24.73 27.52
C ALA C 296 0.83 25.19 26.16
N LEU C 297 0.99 24.39 25.11
CA LEU C 297 0.49 24.75 23.78
C LEU C 297 -1.02 24.54 23.66
N GLY C 298 -1.76 25.32 24.45
CA GLY C 298 -3.23 25.35 24.42
C GLY C 298 -3.84 24.00 24.76
N PRO C 299 -5.17 23.97 24.93
CA PRO C 299 -5.88 22.71 25.09
C PRO C 299 -5.81 21.89 23.80
N HIS C 300 -5.72 20.57 23.93
CA HIS C 300 -5.49 19.66 22.80
C HIS C 300 -6.74 18.83 22.53
N PRO C 301 -6.86 18.26 21.32
CA PRO C 301 -8.03 17.41 20.99
C PRO C 301 -8.01 16.02 21.62
N TRP C 302 -6.86 15.64 22.18
CA TRP C 302 -6.74 14.41 22.97
C TRP C 302 -5.94 14.73 24.21
N ALA C 303 -6.03 13.87 25.22
CA ALA C 303 -5.22 13.99 26.41
C ALA C 303 -3.76 13.67 26.07
N LEU C 304 -2.88 14.63 26.33
CA LEU C 304 -1.44 14.45 26.14
C LEU C 304 -0.79 14.27 27.51
N THR C 305 -0.47 13.01 27.85
CA THR C 305 0.02 12.66 29.18
C THR C 305 1.23 11.72 29.09
N PHE C 306 1.47 10.93 30.14
CA PHE C 306 2.71 10.19 30.29
C PHE C 306 2.55 8.69 30.57
N SER C 307 3.48 7.90 30.02
CA SER C 307 3.69 6.52 30.44
C SER C 307 5.17 6.39 30.78
N TYR C 308 5.49 6.70 32.04
CA TYR C 308 6.88 6.86 32.47
C TYR C 308 7.33 5.76 33.41
N GLY C 309 8.48 5.17 33.08
CA GLY C 309 9.12 4.17 33.90
C GLY C 309 10.27 4.82 34.65
N ARG C 310 11.43 4.86 34.00
CA ARG C 310 12.65 5.51 34.55
C ARG C 310 12.37 6.94 35.02
N ALA C 311 11.60 7.68 34.23
CA ALA C 311 11.29 9.07 34.55
C ALA C 311 10.52 9.23 35.86
N LEU C 312 9.92 8.14 36.32
CA LEU C 312 9.19 8.13 37.60
C LEU C 312 9.91 7.35 38.71
N GLN C 313 10.83 6.47 38.33
CA GLN C 313 11.43 5.50 39.27
C GLN C 313 12.89 5.77 39.64
N ALA C 314 13.61 6.54 38.81
CA ALA C 314 15.05 6.69 38.94
C ALA C 314 15.46 7.08 40.35
N SER C 315 14.90 8.19 40.85
CA SER C 315 15.25 8.72 42.18
C SER C 315 14.59 7.97 43.33
N VAL C 316 13.40 7.42 43.09
CA VAL C 316 12.71 6.57 44.07
C VAL C 316 13.60 5.37 44.40
N LEU C 317 14.22 4.83 43.35
CA LEU C 317 15.13 3.68 43.47
C LEU C 317 16.44 4.08 44.17
N ASN C 318 16.92 5.30 43.92
CA ASN C 318 18.13 5.81 44.57
C ASN C 318 17.96 6.00 46.06
N THR C 319 16.77 6.46 46.46
CA THR C 319 16.49 6.77 47.87
C THR C 319 15.69 5.67 48.59
N TRP C 320 15.65 4.46 48.01
CA TRP C 320 15.19 3.26 48.72
C TRP C 320 16.38 2.45 49.21
N GLN C 321 17.28 2.13 48.29
CA GLN C 321 18.51 1.36 48.58
C GLN C 321 18.22 -0.08 49.01
N GLY C 322 17.03 -0.58 48.67
CA GLY C 322 16.61 -1.91 49.06
C GLY C 322 16.25 -2.09 50.53
N LYS C 323 16.26 -0.98 51.28
CA LYS C 323 16.15 -1.03 52.75
C LYS C 323 14.73 -0.71 53.24
N LYS C 324 14.20 -1.58 54.10
CA LYS C 324 12.88 -1.41 54.71
C LYS C 324 12.71 -0.05 55.39
N GLU C 325 13.81 0.45 55.95
CA GLU C 325 13.81 1.74 56.64
C GLU C 325 13.37 2.89 55.71
N ASN C 326 13.88 2.88 54.48
CA ASN C 326 13.72 4.02 53.56
C ASN C 326 12.44 4.02 52.71
N VAL C 327 11.56 3.05 52.91
CA VAL C 327 10.36 2.94 52.06
C VAL C 327 9.54 4.24 52.09
N ALA C 328 9.35 4.81 53.28
CA ALA C 328 8.67 6.10 53.42
C ALA C 328 9.41 7.20 52.66
N LYS C 329 10.74 7.26 52.83
CA LYS C 329 11.59 8.25 52.16
C LYS C 329 11.50 8.19 50.63
N ALA C 330 11.47 6.97 50.08
CA ALA C 330 11.37 6.76 48.63
C ALA C 330 9.97 7.08 48.14
N ARG C 331 8.98 6.55 48.84
CA ARG C 331 7.58 6.85 48.53
C ARG C 331 7.30 8.37 48.49
N GLU C 332 8.05 9.14 49.29
CA GLU C 332 8.02 10.60 49.24
C GLU C 332 8.36 11.10 47.83
N VAL C 333 9.45 10.59 47.28
CA VAL C 333 9.94 10.99 45.95
C VAL C 333 9.01 10.50 44.82
N LEU C 334 8.33 9.38 45.01
CA LEU C 334 7.39 8.87 44.01
C LEU C 334 6.21 9.82 43.83
N LEU C 335 5.61 10.22 44.95
CA LEU C 335 4.51 11.21 44.93
C LEU C 335 4.97 12.56 44.38
N GLN C 336 6.21 12.94 44.71
CA GLN C 336 6.81 14.18 44.23
C GLN C 336 6.88 14.21 42.69
N ARG C 337 7.44 13.15 42.12
CA ARG C 337 7.56 13.02 40.65
C ARG C 337 6.22 12.82 39.98
N ALA C 338 5.34 12.02 40.61
CA ALA C 338 4.00 11.76 40.09
C ALA C 338 3.18 13.05 39.99
N GLU C 339 3.28 13.90 41.02
CA GLU C 339 2.60 15.20 41.00
C GLU C 339 3.25 16.17 40.03
N ALA C 340 4.57 16.08 39.88
CA ALA C 340 5.31 16.94 38.94
C ALA C 340 4.81 16.78 37.51
N ASN C 341 4.60 15.52 37.12
CA ASN C 341 4.10 15.18 35.79
C ASN C 341 2.59 15.36 35.67
N SER C 342 1.89 15.22 36.78
CA SER C 342 0.47 15.53 36.82
C SER C 342 0.25 17.01 36.53
N LEU C 343 1.15 17.85 37.04
CA LEU C 343 1.12 19.29 36.75
C LEU C 343 1.53 19.59 35.30
N ALA C 344 2.50 18.83 34.78
CA ALA C 344 2.94 18.94 33.38
C ALA C 344 1.82 18.59 32.41
N THR C 345 0.97 17.66 32.81
CA THR C 345 -0.28 17.37 32.12
C THR C 345 -1.13 18.63 31.89
N TYR C 346 -1.08 19.56 32.84
CA TYR C 346 -1.86 20.78 32.77
C TYR C 346 -1.14 21.94 32.09
N GLY C 347 0.13 21.77 31.75
CA GLY C 347 0.96 22.87 31.32
C GLY C 347 1.15 23.82 32.49
N LYS C 348 1.28 23.26 33.69
CA LYS C 348 1.39 24.05 34.92
C LYS C 348 2.50 23.56 35.84
N TYR C 349 3.55 22.98 35.26
CA TYR C 349 4.73 22.55 36.01
C TYR C 349 5.83 23.61 35.89
N LYS C 350 6.45 23.95 37.03
CA LYS C 350 7.60 24.85 37.07
C LYS C 350 8.60 24.39 38.13
N GLY C 351 9.65 23.69 37.72
CA GLY C 351 10.61 23.10 38.66
C GLY C 351 12.02 23.65 38.55
N GLY C 352 12.21 24.88 39.03
CA GLY C 352 13.52 25.54 39.02
C GLY C 352 13.62 26.70 38.04
N ALA C 353 13.04 26.54 36.86
CA ALA C 353 13.10 27.55 35.81
C ALA C 353 11.81 28.38 35.74
N GLY C 354 10.84 27.91 34.96
CA GLY C 354 9.57 28.63 34.78
C GLY C 354 9.32 29.01 33.33
N GLY C 355 10.18 29.87 32.79
CA GLY C 355 10.08 30.32 31.40
C GLY C 355 11.09 31.38 31.03
N GLU C 356 10.88 32.01 29.86
CA GLU C 356 11.78 33.03 29.31
C GLU C 356 11.17 34.43 29.43
N ASN C 357 11.89 35.35 30.06
CA ASN C 357 11.43 36.74 30.16
C ASN C 357 12.58 37.76 30.02
N ALA C 358 13.18 38.16 31.14
CA ALA C 358 14.23 39.17 31.15
C ALA C 358 15.40 38.71 32.01
N GLY C 359 15.13 38.50 33.30
CA GLY C 359 16.11 37.98 34.24
C GLY C 359 16.37 38.83 35.48
N ALA C 360 15.32 39.48 35.99
CA ALA C 360 15.40 40.23 37.26
C ALA C 360 16.24 41.51 37.17
N SER C 361 16.67 42.02 38.33
CA SER C 361 17.31 43.36 38.48
C SER C 361 16.40 44.50 37.98
N LEU C 362 15.18 44.53 38.54
CA LEU C 362 14.12 45.46 38.14
C LEU C 362 14.00 46.62 39.14
N TYR C 363 14.08 47.85 38.62
CA TYR C 363 13.80 49.04 39.42
C TYR C 363 12.29 49.23 39.54
N GLU C 364 11.86 49.82 40.66
CA GLU C 364 10.44 50.03 40.94
C GLU C 364 10.18 51.48 41.37
N LYS C 365 9.88 52.32 40.37
CA LYS C 365 9.68 53.76 40.57
C LYS C 365 8.20 54.10 40.78
N LYS C 366 7.68 53.79 41.96
CA LYS C 366 6.25 53.95 42.28
C LYS C 366 5.71 55.35 41.95
N TYR C 367 5.29 55.53 40.71
CA TYR C 367 4.81 56.82 40.18
C TYR C 367 5.94 57.64 39.55
N CYS D 4 26.90 2.90 -6.55
CA CYS D 4 27.92 2.11 -5.80
C CYS D 4 27.58 2.06 -4.32
N THR D 5 27.36 3.25 -3.74
CA THR D 5 26.73 3.38 -2.43
C THR D 5 25.25 2.98 -2.57
N GLU D 6 24.83 1.96 -1.82
CA GLU D 6 23.54 1.31 -2.04
C GLU D 6 22.35 2.26 -2.11
N TYR D 7 21.43 1.96 -3.02
CA TYR D 7 20.09 2.49 -2.94
C TYR D 7 19.47 1.83 -1.72
N MET D 8 19.22 2.63 -0.70
CA MET D 8 18.98 2.11 0.63
C MET D 8 17.51 1.67 0.89
N ASN D 9 16.53 2.32 0.27
CA ASN D 9 15.11 1.94 0.50
C ASN D 9 14.72 0.68 -0.30
N ALA D 10 15.33 -0.44 0.05
CA ALA D 10 15.07 -1.74 -0.58
C ALA D 10 15.64 -2.81 0.34
N PRO D 11 14.99 -3.98 0.42
CA PRO D 11 15.53 -5.04 1.25
C PRO D 11 16.85 -5.55 0.71
N LYS D 12 17.81 -5.73 1.61
CA LYS D 12 19.18 -6.19 1.30
C LYS D 12 19.24 -7.64 0.83
N LYS D 13 20.35 -7.96 0.16
CA LYS D 13 20.57 -9.29 -0.45
C LYS D 13 20.87 -10.36 0.61
N LEU D 14 20.68 -11.63 0.22
CA LEU D 14 21.25 -12.76 0.94
C LEU D 14 22.75 -12.82 0.67
N PRO D 15 23.54 -13.25 1.67
CA PRO D 15 24.93 -13.63 1.41
C PRO D 15 25.04 -14.60 0.24
N ALA D 16 26.05 -14.41 -0.60
CA ALA D 16 26.25 -15.28 -1.77
C ALA D 16 25.96 -16.74 -1.41
N ASP D 17 26.55 -17.18 -0.30
CA ASP D 17 26.60 -18.61 0.07
C ASP D 17 25.23 -19.18 0.37
N VAL D 18 24.45 -18.46 1.18
CA VAL D 18 23.12 -18.92 1.58
C VAL D 18 22.14 -18.83 0.41
N ALA D 19 22.22 -17.77 -0.38
CA ALA D 19 21.35 -17.62 -1.55
C ALA D 19 21.57 -18.76 -2.54
N GLU D 20 22.83 -19.14 -2.72
CA GLU D 20 23.22 -20.21 -3.63
C GLU D 20 22.70 -21.58 -3.18
N GLU D 21 22.74 -21.84 -1.88
CA GLU D 21 22.28 -23.11 -1.34
C GLU D 21 20.76 -23.24 -1.44
N LEU D 22 20.05 -22.15 -1.17
CA LEU D 22 18.58 -22.13 -1.26
C LEU D 22 18.14 -22.39 -2.70
N ALA D 23 18.84 -21.77 -3.64
CA ALA D 23 18.54 -21.92 -5.07
C ALA D 23 18.64 -23.37 -5.53
N THR D 24 19.72 -24.05 -5.12
CA THR D 24 19.96 -25.44 -5.54
C THR D 24 18.98 -26.43 -4.89
N THR D 25 18.65 -26.20 -3.63
CA THR D 25 17.65 -27.02 -2.96
C THR D 25 16.29 -26.88 -3.64
N ALA D 26 15.93 -25.64 -3.97
CA ALA D 26 14.66 -25.34 -4.62
C ALA D 26 14.55 -26.01 -5.99
N GLN D 27 15.63 -25.98 -6.76
CA GLN D 27 15.66 -26.66 -8.05
C GLN D 27 15.56 -28.18 -7.89
N LYS D 28 16.30 -28.73 -6.93
CA LYS D 28 16.23 -30.17 -6.61
C LYS D 28 14.82 -30.59 -6.24
N LEU D 29 14.15 -29.78 -5.43
CA LEU D 29 12.79 -30.07 -4.98
C LEU D 29 11.80 -30.19 -6.15
N VAL D 30 12.08 -29.50 -7.24
CA VAL D 30 11.23 -29.56 -8.44
C VAL D 30 11.95 -30.21 -9.62
N GLN D 31 12.84 -31.16 -9.32
CA GLN D 31 13.53 -31.96 -10.34
C GLN D 31 12.53 -32.52 -11.35
N ALA D 32 12.97 -32.65 -12.60
CA ALA D 32 12.14 -33.24 -13.66
C ALA D 32 11.59 -34.59 -13.23
N GLY D 33 10.28 -34.76 -13.35
CA GLY D 33 9.58 -35.99 -13.00
C GLY D 33 9.45 -36.27 -11.52
N LYS D 34 9.69 -35.27 -10.68
CA LYS D 34 9.66 -35.45 -9.24
C LYS D 34 8.78 -34.40 -8.55
N GLY D 35 8.28 -34.77 -7.38
CA GLY D 35 7.48 -33.89 -6.56
C GLY D 35 7.71 -34.17 -5.08
N ILE D 36 6.87 -33.57 -4.23
CA ILE D 36 7.07 -33.63 -2.78
C ILE D 36 6.00 -34.49 -2.12
N LEU D 37 6.44 -35.25 -1.13
CA LEU D 37 5.57 -36.05 -0.28
C LEU D 37 5.28 -35.27 1.00
N ALA D 38 4.01 -34.91 1.20
CA ALA D 38 3.56 -34.26 2.44
C ALA D 38 3.27 -35.32 3.52
N ALA D 39 4.25 -35.55 4.40
CA ALA D 39 4.11 -36.52 5.52
C ALA D 39 4.11 -35.80 6.87
N ASP D 40 3.63 -34.56 6.86
CA ASP D 40 3.78 -33.64 7.97
C ASP D 40 2.54 -33.58 8.84
N GLU D 41 1.80 -34.69 8.91
CA GLU D 41 0.56 -34.76 9.68
C GLU D 41 0.89 -34.64 11.16
N SER D 42 0.16 -33.76 11.84
CA SER D 42 0.25 -33.64 13.28
C SER D 42 -0.53 -34.79 13.92
N THR D 43 -0.23 -35.05 15.18
CA THR D 43 -0.93 -36.04 15.99
C THR D 43 -2.44 -35.87 15.86
N GLN D 44 -2.91 -34.62 16.03
CA GLN D 44 -4.32 -34.26 15.86
C GLN D 44 -4.92 -34.86 14.59
N THR D 45 -4.21 -34.73 13.47
CA THR D 45 -4.76 -35.10 12.17
C THR D 45 -4.46 -36.55 11.79
N ILE D 46 -3.28 -37.04 12.17
CA ILE D 46 -2.91 -38.45 11.91
C ILE D 46 -3.69 -39.41 12.83
N LYS D 47 -4.13 -38.91 13.97
CA LYS D 47 -5.04 -39.67 14.83
C LYS D 47 -6.36 -39.92 14.11
N LYS D 48 -6.72 -39.03 13.20
CA LYS D 48 -7.92 -39.20 12.39
C LYS D 48 -7.76 -40.34 11.40
N ARG D 49 -6.61 -40.38 10.72
CA ARG D 49 -6.37 -41.38 9.65
C ARG D 49 -6.18 -42.79 10.24
N PHE D 50 -5.54 -42.84 11.40
CA PHE D 50 -5.35 -44.09 12.16
C PHE D 50 -6.70 -44.59 12.68
N ASP D 51 -7.60 -43.67 13.02
CA ASP D 51 -8.94 -44.03 13.50
C ASP D 51 -9.87 -44.54 12.40
N ASN D 52 -9.58 -44.17 11.15
CA ASN D 52 -10.34 -44.67 10.01
C ASN D 52 -9.86 -46.07 9.59
N ILE D 53 -8.58 -46.36 9.84
CA ILE D 53 -8.07 -47.74 9.70
C ILE D 53 -7.93 -48.43 11.07
N LYS D 54 -8.71 -47.96 12.04
CA LYS D 54 -8.88 -48.63 13.34
C LYS D 54 -7.56 -49.02 14.02
N LEU D 55 -6.67 -48.05 14.18
CA LEU D 55 -5.38 -48.25 14.82
C LEU D 55 -5.27 -47.23 15.95
N GLU D 56 -4.58 -47.59 17.03
CA GLU D 56 -4.34 -46.62 18.11
C GLU D 56 -3.17 -45.71 17.75
N ASN D 57 -3.31 -44.42 18.06
CA ASN D 57 -2.32 -43.42 17.71
C ASN D 57 -1.17 -43.39 18.72
N THR D 58 -0.26 -44.36 18.61
CA THR D 58 0.91 -44.43 19.50
C THR D 58 2.15 -43.95 18.75
N ILE D 59 3.20 -43.66 19.52
CA ILE D 59 4.47 -43.19 18.94
C ILE D 59 5.14 -44.30 18.10
N GLU D 60 4.91 -45.56 18.49
CA GLU D 60 5.45 -46.71 17.75
C GLU D 60 4.72 -46.92 16.43
N ASN D 61 3.40 -46.69 16.44
CA ASN D 61 2.57 -46.76 15.23
C ASN D 61 2.92 -45.66 14.23
N ARG D 62 3.11 -44.44 14.73
CA ARG D 62 3.51 -43.31 13.89
C ARG D 62 4.89 -43.56 13.27
N ALA D 63 5.82 -44.06 14.07
CA ALA D 63 7.19 -44.34 13.61
C ALA D 63 7.22 -45.43 12.55
N SER D 64 6.41 -46.47 12.73
CA SER D 64 6.31 -47.57 11.78
C SER D 64 5.68 -47.15 10.44
N TYR D 65 4.72 -46.23 10.50
CA TYR D 65 4.07 -45.73 9.29
C TYR D 65 4.99 -44.82 8.47
N ARG D 66 5.74 -43.95 9.15
CA ARG D 66 6.71 -43.08 8.48
C ARG D 66 7.92 -43.90 8.00
N ASP D 67 8.26 -44.94 8.74
CA ASP D 67 9.25 -45.93 8.29
C ASP D 67 8.75 -46.59 7.00
N LEU D 68 7.47 -46.97 6.99
CA LEU D 68 6.83 -47.58 5.82
C LEU D 68 7.01 -46.69 4.60
N LEU D 69 6.65 -45.43 4.74
CA LEU D 69 6.70 -44.47 3.66
C LEU D 69 8.14 -44.19 3.22
N PHE D 70 8.98 -43.76 4.16
CA PHE D 70 10.32 -43.27 3.82
C PHE D 70 11.30 -44.39 3.47
N GLY D 71 11.01 -45.60 3.95
CA GLY D 71 11.86 -46.75 3.69
C GLY D 71 11.56 -47.51 2.40
N THR D 72 10.69 -46.95 1.56
CA THR D 72 10.35 -47.55 0.27
C THR D 72 11.52 -47.39 -0.68
N LYS D 73 12.01 -48.49 -1.22
CA LYS D 73 13.15 -48.45 -2.12
C LYS D 73 12.66 -48.03 -3.51
N GLY D 74 13.40 -47.13 -4.15
CA GLY D 74 13.01 -46.56 -5.44
C GLY D 74 11.99 -45.43 -5.38
N LEU D 75 11.73 -44.91 -4.18
CA LEU D 75 10.82 -43.77 -4.00
C LEU D 75 11.47 -42.46 -4.48
N GLY D 76 12.77 -42.33 -4.22
CA GLY D 76 13.56 -41.18 -4.68
C GLY D 76 13.50 -40.90 -6.17
N LYS D 77 13.09 -41.89 -6.95
CA LYS D 77 12.86 -41.71 -8.40
C LYS D 77 11.74 -40.71 -8.69
N PHE D 78 10.70 -40.72 -7.87
CA PHE D 78 9.52 -39.90 -8.08
C PHE D 78 9.36 -38.79 -7.04
N ILE D 79 10.09 -38.90 -5.93
CA ILE D 79 9.97 -37.94 -4.83
C ILE D 79 11.32 -37.25 -4.58
N SER D 80 11.29 -35.92 -4.57
CA SER D 80 12.47 -35.09 -4.37
C SER D 80 12.66 -34.73 -2.90
N GLY D 81 11.54 -34.52 -2.22
CA GLY D 81 11.55 -34.11 -0.82
C GLY D 81 10.36 -34.64 -0.04
N ALA D 82 10.49 -34.64 1.28
CA ALA D 82 9.43 -35.09 2.19
C ALA D 82 9.22 -34.06 3.29
N ILE D 83 8.00 -33.53 3.42
CA ILE D 83 7.69 -32.56 4.48
C ILE D 83 7.37 -33.33 5.76
N LEU D 84 8.14 -33.11 6.81
CA LEU D 84 7.99 -33.85 8.07
C LEU D 84 7.36 -33.03 9.19
N PHE D 85 6.74 -33.74 10.12
CA PHE D 85 6.30 -33.13 11.36
C PHE D 85 7.50 -33.16 12.31
N GLU D 86 7.55 -32.21 13.23
CA GLU D 86 8.70 -32.02 14.14
C GLU D 86 9.15 -33.34 14.78
N GLU D 87 8.20 -34.03 15.41
CA GLU D 87 8.45 -35.34 16.03
C GLU D 87 9.25 -36.25 15.10
N THR D 88 8.73 -36.43 13.88
CA THR D 88 9.30 -37.33 12.89
C THR D 88 10.74 -36.97 12.50
N LEU D 89 11.05 -35.68 12.46
CA LEU D 89 12.40 -35.23 12.11
C LEU D 89 13.45 -35.71 13.13
N PHE D 90 13.04 -35.80 14.40
CA PHE D 90 13.92 -36.32 15.46
C PHE D 90 13.59 -37.77 15.88
N GLN D 91 12.59 -38.35 15.23
CA GLN D 91 12.12 -39.70 15.52
C GLN D 91 13.06 -40.78 14.98
N LYS D 92 12.99 -41.97 15.58
CA LYS D 92 13.65 -43.18 15.07
C LYS D 92 12.64 -44.30 14.88
N ASN D 93 12.99 -45.27 14.02
CA ASN D 93 12.15 -46.43 13.78
C ASN D 93 12.22 -47.43 14.93
N GLU D 94 11.44 -48.51 14.84
CA GLU D 94 11.51 -49.61 15.81
C GLU D 94 12.93 -50.20 15.85
N ALA D 95 13.61 -50.23 14.71
CA ALA D 95 15.00 -50.69 14.63
C ALA D 95 15.99 -49.76 15.35
N GLY D 96 15.61 -48.50 15.58
CA GLY D 96 16.45 -47.54 16.28
C GLY D 96 17.36 -46.74 15.35
N VAL D 97 16.89 -46.53 14.12
CA VAL D 97 17.62 -45.79 13.10
C VAL D 97 16.81 -44.55 12.72
N PRO D 98 17.46 -43.37 12.66
CA PRO D 98 16.78 -42.11 12.31
C PRO D 98 15.88 -42.20 11.07
N MET D 99 14.67 -41.64 11.19
CA MET D 99 13.74 -41.56 10.06
C MET D 99 14.37 -40.78 8.91
N VAL D 100 15.13 -39.73 9.25
CA VAL D 100 15.81 -38.89 8.27
C VAL D 100 16.80 -39.70 7.43
N ASN D 101 17.45 -40.67 8.05
CA ASN D 101 18.42 -41.50 7.35
C ASN D 101 17.79 -42.35 6.25
N LEU D 102 16.50 -42.69 6.40
CA LEU D 102 15.78 -43.43 5.36
C LEU D 102 15.58 -42.58 4.12
N LEU D 103 15.47 -41.26 4.32
CA LEU D 103 15.36 -40.32 3.21
C LEU D 103 16.73 -40.06 2.60
N HIS D 104 17.75 -39.90 3.46
CA HIS D 104 19.12 -39.72 3.00
C HIS D 104 19.54 -40.86 2.10
N ASN D 105 19.08 -42.07 2.43
CA ASN D 105 19.40 -43.29 1.68
C ASN D 105 18.72 -43.34 0.33
N GLU D 106 17.47 -42.87 0.25
CA GLU D 106 16.75 -42.71 -1.03
C GLU D 106 17.07 -41.38 -1.72
N ASN D 107 18.01 -40.63 -1.15
CA ASN D 107 18.46 -39.35 -1.69
C ASN D 107 17.34 -38.30 -1.72
N ILE D 108 16.41 -38.40 -0.76
CA ILE D 108 15.27 -37.49 -0.67
C ILE D 108 15.54 -36.43 0.37
N ILE D 109 15.18 -35.18 0.05
CA ILE D 109 15.48 -34.04 0.93
C ILE D 109 14.40 -33.91 2.02
N PRO D 110 14.82 -33.83 3.30
CA PRO D 110 13.81 -33.67 4.33
C PRO D 110 13.38 -32.21 4.51
N GLY D 111 12.11 -32.01 4.80
CA GLY D 111 11.53 -30.70 5.08
C GLY D 111 10.70 -30.71 6.34
N ILE D 112 10.29 -29.54 6.80
CA ILE D 112 9.64 -29.41 8.11
C ILE D 112 8.53 -28.36 8.10
N LYS D 113 7.32 -28.76 8.55
CA LYS D 113 6.22 -27.80 8.79
C LYS D 113 6.59 -26.94 9.99
N VAL D 114 6.62 -25.62 9.79
CA VAL D 114 7.05 -24.70 10.84
C VAL D 114 5.95 -23.78 11.38
N ASP D 115 4.77 -23.75 10.75
CA ASP D 115 3.70 -22.91 11.29
C ASP D 115 3.09 -23.56 12.54
N LYS D 116 2.50 -22.73 13.40
CA LYS D 116 1.88 -23.19 14.64
C LYS D 116 0.34 -23.12 14.55
N GLY D 117 -0.19 -23.33 13.35
CA GLY D 117 -1.63 -23.45 13.15
C GLY D 117 -2.34 -22.15 12.88
N LEU D 118 -3.67 -22.22 12.84
CA LEU D 118 -4.53 -21.10 12.49
C LEU D 118 -5.25 -20.51 13.71
N VAL D 119 -5.50 -19.20 13.64
CA VAL D 119 -6.39 -18.49 14.57
C VAL D 119 -7.25 -17.49 13.78
N ASN D 120 -8.36 -17.07 14.36
CA ASN D 120 -9.24 -16.09 13.72
C ASN D 120 -8.64 -14.69 13.72
N ILE D 121 -8.82 -13.98 12.61
CA ILE D 121 -8.52 -12.56 12.57
C ILE D 121 -9.72 -11.85 13.17
N PRO D 122 -9.51 -11.05 14.24
CA PRO D 122 -10.64 -10.30 14.77
C PRO D 122 -11.17 -9.29 13.74
N CYS D 123 -12.47 -9.01 13.80
CA CYS D 123 -13.11 -8.07 12.87
C CYS D 123 -13.28 -8.63 11.46
N THR D 124 -13.00 -9.93 11.30
CA THR D 124 -13.43 -10.65 10.11
C THR D 124 -14.46 -11.69 10.56
N ASP D 125 -15.19 -12.26 9.60
CA ASP D 125 -16.11 -13.35 9.89
C ASP D 125 -15.32 -14.66 9.86
N GLU D 126 -14.56 -14.90 10.92
CA GLU D 126 -13.81 -16.13 11.10
C GLU D 126 -12.84 -16.44 9.97
N GLU D 127 -12.19 -15.40 9.44
CA GLU D 127 -11.13 -15.61 8.48
C GLU D 127 -9.84 -15.84 9.26
N LYS D 128 -8.91 -16.59 8.64
CA LYS D 128 -7.83 -17.21 9.41
C LYS D 128 -6.48 -16.55 9.27
N SER D 129 -5.78 -16.44 10.40
CA SER D 129 -4.40 -15.99 10.46
C SER D 129 -3.55 -17.18 10.88
N THR D 130 -2.40 -17.34 10.22
CA THR D 130 -1.49 -18.41 10.55
C THR D 130 -0.46 -17.93 11.57
N GLN D 131 -0.41 -18.63 12.71
CA GLN D 131 0.56 -18.35 13.75
C GLN D 131 1.86 -19.08 13.48
N GLY D 132 2.96 -18.60 14.06
CA GLY D 132 4.24 -19.28 13.93
C GLY D 132 5.50 -18.44 14.03
N LEU D 133 5.40 -17.12 13.89
CA LEU D 133 6.61 -16.29 13.77
C LEU D 133 7.44 -16.18 15.05
N ASP D 134 6.84 -16.42 16.21
CA ASP D 134 7.57 -16.29 17.48
C ASP D 134 8.55 -17.44 17.66
N GLY D 135 9.84 -17.11 17.72
CA GLY D 135 10.90 -18.09 17.88
C GLY D 135 11.20 -18.90 16.63
N LEU D 136 10.67 -18.49 15.49
CA LEU D 136 10.79 -19.24 14.24
C LEU D 136 12.23 -19.34 13.76
N ALA D 137 12.97 -18.24 13.86
CA ALA D 137 14.38 -18.22 13.47
C ALA D 137 15.17 -19.30 14.21
N GLU D 138 14.92 -19.40 15.52
CA GLU D 138 15.65 -20.34 16.37
C GLU D 138 15.24 -21.78 16.08
N ARG D 139 13.97 -21.98 15.75
CA ARG D 139 13.50 -23.31 15.36
CA ARG D 139 13.45 -23.29 15.32
C ARG D 139 14.14 -23.74 14.04
N CYS D 140 14.28 -22.79 13.11
CA CYS D 140 14.89 -23.06 11.79
C CYS D 140 16.34 -23.53 11.90
N LYS D 141 17.12 -22.85 12.75
CA LYS D 141 18.50 -23.26 13.01
C LYS D 141 18.56 -24.68 13.53
N GLU D 142 17.63 -25.01 14.44
CA GLU D 142 17.52 -26.34 15.01
C GLU D 142 17.12 -27.37 13.96
N TYR D 143 16.16 -27.01 13.11
CA TYR D 143 15.68 -27.92 12.05
C TYR D 143 16.72 -28.17 10.97
N TYR D 144 17.50 -27.15 10.63
CA TYR D 144 18.60 -27.31 9.68
C TYR D 144 19.66 -28.25 10.23
N LYS D 145 19.96 -28.14 11.52
CA LYS D 145 20.92 -29.04 12.18
C LYS D 145 20.38 -30.47 12.23
N ALA D 146 19.06 -30.61 12.37
CA ALA D 146 18.42 -31.93 12.36
C ALA D 146 18.36 -32.56 10.97
N GLY D 147 18.65 -31.76 9.93
CA GLY D 147 18.73 -32.27 8.56
C GLY D 147 17.75 -31.65 7.57
N ALA D 148 16.80 -30.86 8.06
CA ALA D 148 15.79 -30.24 7.21
C ALA D 148 16.40 -29.15 6.33
N ARG D 149 16.04 -29.17 5.04
CA ARG D 149 16.57 -28.16 4.09
C ARG D 149 15.49 -27.25 3.52
N PHE D 150 14.22 -27.55 3.80
CA PHE D 150 13.12 -26.70 3.39
C PHE D 150 11.98 -26.72 4.41
N ALA D 151 11.08 -25.75 4.29
CA ALA D 151 10.02 -25.54 5.27
C ALA D 151 8.65 -25.41 4.62
N LYS D 152 7.60 -25.59 5.42
CA LYS D 152 6.21 -25.36 4.99
C LYS D 152 5.47 -24.50 6.02
N TRP D 153 4.61 -23.61 5.50
CA TRP D 153 3.76 -22.73 6.31
C TRP D 153 2.46 -22.58 5.55
N ARG D 154 1.38 -23.10 6.12
CA ARG D 154 0.07 -23.09 5.48
C ARG D 154 -0.83 -21.95 5.98
N THR D 155 -1.29 -21.12 5.04
CA THR D 155 -2.34 -20.14 5.32
C THR D 155 -3.59 -20.52 4.52
N VAL D 156 -4.74 -20.08 5.00
CA VAL D 156 -6.05 -20.53 4.48
C VAL D 156 -6.93 -19.33 4.18
N LEU D 157 -7.37 -19.23 2.92
CA LEU D 157 -8.37 -18.24 2.52
C LEU D 157 -9.63 -18.97 2.08
N VAL D 158 -10.76 -18.27 2.14
CA VAL D 158 -12.05 -18.88 1.81
C VAL D 158 -12.75 -17.99 0.79
N ILE D 159 -13.45 -18.61 -0.15
CA ILE D 159 -14.23 -17.88 -1.15
C ILE D 159 -15.69 -17.92 -0.76
N ASP D 160 -16.23 -16.75 -0.44
CA ASP D 160 -17.64 -16.57 -0.14
C ASP D 160 -18.08 -15.22 -0.67
N THR D 161 -18.44 -15.22 -1.95
CA THR D 161 -18.83 -14.02 -2.67
C THR D 161 -19.80 -13.11 -1.91
N ALA D 162 -20.93 -13.69 -1.48
CA ALA D 162 -21.97 -12.95 -0.77
C ALA D 162 -21.42 -12.13 0.40
N LYS D 163 -20.58 -12.78 1.22
CA LYS D 163 -19.93 -12.14 2.36
C LYS D 163 -18.62 -11.47 1.96
N GLY D 164 -18.46 -11.21 0.67
CA GLY D 164 -17.23 -10.63 0.14
C GLY D 164 -16.00 -11.23 0.77
N LYS D 165 -15.95 -12.57 0.86
CA LYS D 165 -14.79 -13.23 1.48
C LYS D 165 -13.53 -12.78 0.75
N PRO D 166 -12.56 -13.65 0.49
CA PRO D 166 -11.27 -13.20 1.00
C PRO D 166 -11.29 -11.68 1.08
N THR D 167 -11.60 -11.15 2.26
CA THR D 167 -11.62 -9.71 2.44
C THR D 167 -10.19 -9.26 2.34
N ASP D 168 -10.02 -7.97 2.08
CA ASP D 168 -8.72 -7.37 2.03
C ASP D 168 -7.90 -7.71 3.27
N LEU D 169 -8.51 -7.64 4.44
CA LEU D 169 -7.81 -7.90 5.71
C LEU D 169 -7.21 -9.29 5.66
N SER D 170 -8.04 -10.25 5.23
CA SER D 170 -7.59 -11.63 5.13
C SER D 170 -6.46 -11.79 4.14
N ILE D 171 -6.57 -11.10 3.00
CA ILE D 171 -5.58 -11.21 1.95
C ILE D 171 -4.23 -10.68 2.43
N HIS D 172 -4.21 -9.52 3.09
CA HIS D 172 -2.93 -8.96 3.52
C HIS D 172 -2.34 -9.59 4.79
N GLU D 173 -3.18 -10.04 5.72
CA GLU D 173 -2.68 -10.80 6.87
C GLU D 173 -1.96 -12.04 6.33
N THR D 174 -2.65 -12.80 5.49
CA THR D 174 -2.08 -14.00 4.87
C THR D 174 -0.79 -13.70 4.11
N ALA D 175 -0.86 -12.69 3.24
CA ALA D 175 0.23 -12.36 2.34
C ALA D 175 1.46 -11.89 3.13
N TRP D 176 1.23 -11.07 4.16
CA TRP D 176 2.31 -10.55 5.01
C TRP D 176 2.96 -11.61 5.92
N GLY D 177 2.15 -12.44 6.54
CA GLY D 177 2.64 -13.56 7.35
C GLY D 177 3.47 -14.56 6.53
N LEU D 178 3.01 -14.90 5.33
CA LEU D 178 3.79 -15.77 4.45
C LEU D 178 5.15 -15.14 4.11
N ALA D 179 5.18 -13.83 3.94
CA ALA D 179 6.40 -13.13 3.53
C ALA D 179 7.41 -13.06 4.67
N ARG D 180 6.91 -12.89 5.89
CA ARG D 180 7.76 -12.87 7.07
C ARG D 180 8.36 -14.24 7.30
N TYR D 181 7.48 -15.26 7.29
CA TYR D 181 7.91 -16.65 7.37
C TYR D 181 8.98 -16.96 6.35
N ALA D 182 8.72 -16.59 5.10
CA ALA D 182 9.57 -16.96 3.98
C ALA D 182 10.95 -16.36 4.13
N SER D 183 10.99 -15.13 4.64
CA SER D 183 12.24 -14.42 4.81
C SER D 183 13.06 -14.96 5.99
N ILE D 184 12.39 -15.33 7.07
CA ILE D 184 13.07 -15.93 8.23
C ILE D 184 13.69 -17.28 7.84
N CYS D 185 12.91 -18.10 7.12
CA CYS D 185 13.42 -19.37 6.63
C CYS D 185 14.71 -19.15 5.86
N GLN D 186 14.64 -18.35 4.79
CA GLN D 186 15.79 -18.14 3.91
C GLN D 186 17.04 -17.63 4.62
N GLN D 187 16.84 -16.78 5.62
CA GLN D 187 17.96 -16.25 6.42
C GLN D 187 18.66 -17.38 7.16
N ASN D 188 17.86 -18.35 7.61
CA ASN D 188 18.35 -19.50 8.35
C ASN D 188 18.43 -20.75 7.49
N ARG D 189 18.60 -20.56 6.19
CA ARG D 189 19.00 -21.62 5.23
C ARG D 189 17.97 -22.70 4.96
N LEU D 190 16.69 -22.33 4.96
CA LEU D 190 15.61 -23.24 4.60
C LEU D 190 14.79 -22.67 3.45
N VAL D 191 14.56 -23.47 2.42
CA VAL D 191 13.70 -23.06 1.31
C VAL D 191 12.26 -23.03 1.81
N PRO D 192 11.62 -21.85 1.78
CA PRO D 192 10.23 -21.81 2.21
C PRO D 192 9.25 -22.21 1.11
N ILE D 193 8.35 -23.13 1.43
CA ILE D 193 7.17 -23.38 0.60
C ILE D 193 6.10 -22.41 1.08
N VAL D 194 5.69 -21.51 0.19
CA VAL D 194 4.68 -20.51 0.51
C VAL D 194 3.31 -21.02 0.09
N GLU D 195 2.48 -21.37 1.07
CA GLU D 195 1.16 -21.99 0.81
C GLU D 195 -0.01 -21.08 1.22
N PRO D 196 -0.59 -20.35 0.25
CA PRO D 196 -1.84 -19.64 0.46
C PRO D 196 -2.99 -20.45 -0.12
N GLU D 197 -3.44 -21.46 0.63
CA GLU D 197 -4.53 -22.29 0.13
C GLU D 197 -5.84 -21.53 0.14
N ILE D 198 -6.39 -21.30 -1.04
CA ILE D 198 -7.76 -20.79 -1.14
C ILE D 198 -8.67 -22.01 -1.18
N LEU D 199 -9.46 -22.18 -0.13
CA LEU D 199 -10.33 -23.35 -0.02
C LEU D 199 -11.34 -23.43 -1.16
N ALA D 200 -11.74 -24.65 -1.51
CA ALA D 200 -12.73 -24.89 -2.58
C ALA D 200 -14.18 -24.88 -2.09
N ASP D 201 -14.40 -24.56 -0.82
CA ASP D 201 -15.73 -24.61 -0.23
C ASP D 201 -16.69 -23.61 -0.88
N GLY D 202 -17.91 -24.05 -1.17
CA GLY D 202 -18.94 -23.15 -1.74
C GLY D 202 -19.35 -23.53 -3.14
N PRO D 203 -20.23 -22.72 -3.75
CA PRO D 203 -20.85 -23.03 -5.03
C PRO D 203 -20.36 -22.14 -6.17
N HIS D 204 -19.26 -21.44 -5.95
CA HIS D 204 -18.71 -20.50 -6.95
C HIS D 204 -18.20 -21.22 -8.20
N SER D 205 -18.21 -20.50 -9.32
CA SER D 205 -17.69 -21.02 -10.58
C SER D 205 -16.16 -21.03 -10.57
N ILE D 206 -15.58 -21.76 -11.52
CA ILE D 206 -14.12 -21.84 -11.68
C ILE D 206 -13.54 -20.48 -12.05
N GLU D 207 -14.31 -19.66 -12.78
CA GLU D 207 -13.88 -18.32 -13.17
C GLU D 207 -13.71 -17.41 -11.95
N VAL D 208 -14.66 -17.49 -11.01
CA VAL D 208 -14.58 -16.73 -9.75
C VAL D 208 -13.34 -17.13 -8.96
N CYS D 209 -13.08 -18.42 -8.88
CA CYS D 209 -11.86 -18.94 -8.26
C CYS D 209 -10.61 -18.37 -8.91
N ALA D 210 -10.62 -18.30 -10.24
CA ALA D 210 -9.49 -17.74 -10.98
C ALA D 210 -9.26 -16.28 -10.60
N VAL D 211 -10.37 -15.52 -10.56
CA VAL D 211 -10.32 -14.10 -10.19
C VAL D 211 -9.73 -13.90 -8.80
N VAL D 212 -10.22 -14.69 -7.85
CA VAL D 212 -9.75 -14.62 -6.47
C VAL D 212 -8.31 -15.12 -6.31
N THR D 213 -8.00 -16.27 -6.92
CA THR D 213 -6.65 -16.86 -6.85
C THR D 213 -5.61 -15.90 -7.46
N GLN D 214 -5.99 -15.23 -8.53
CA GLN D 214 -5.13 -14.24 -9.18
C GLN D 214 -4.87 -13.04 -8.26
N LYS D 215 -5.93 -12.56 -7.61
CA LYS D 215 -5.83 -11.42 -6.69
C LYS D 215 -4.98 -11.77 -5.49
N VAL D 216 -5.26 -12.93 -4.89
CA VAL D 216 -4.48 -13.40 -3.76
C VAL D 216 -3.00 -13.53 -4.11
N LEU D 217 -2.71 -14.16 -5.24
CA LEU D 217 -1.31 -14.40 -5.64
C LEU D 217 -0.57 -13.11 -5.92
N SER D 218 -1.19 -12.15 -6.61
CA SER D 218 -0.55 -10.85 -6.82
CA SER D 218 -0.57 -10.85 -6.83
C SER D 218 -0.18 -10.22 -5.49
N CYS D 219 -1.08 -10.32 -4.53
CA CYS D 219 -0.85 -9.78 -3.21
C CYS D 219 0.28 -10.52 -2.45
N VAL D 220 0.29 -11.85 -2.55
CA VAL D 220 1.32 -12.68 -1.93
C VAL D 220 2.71 -12.34 -2.44
N PHE D 221 2.87 -12.28 -3.76
CA PHE D 221 4.19 -12.00 -4.35
C PHE D 221 4.66 -10.57 -4.07
N LYS D 222 3.72 -9.62 -4.01
CA LYS D 222 4.05 -8.24 -3.63
C LYS D 222 4.66 -8.22 -2.22
N ALA D 223 4.01 -8.93 -1.29
CA ALA D 223 4.54 -9.06 0.07
C ALA D 223 5.91 -9.72 0.10
N LEU D 224 6.09 -10.78 -0.69
CA LEU D 224 7.40 -11.44 -0.84
C LEU D 224 8.55 -10.50 -1.22
N GLN D 225 8.30 -9.53 -2.12
CA GLN D 225 9.35 -8.60 -2.57
C GLN D 225 9.61 -7.54 -1.50
N GLU D 226 8.51 -7.04 -0.91
CA GLU D 226 8.54 -6.18 0.27
C GLU D 226 9.54 -6.69 1.29
N ASN D 227 9.39 -7.96 1.63
CA ASN D 227 10.23 -8.57 2.66
C ASN D 227 11.60 -9.03 2.15
N GLY D 228 11.85 -8.92 0.84
CA GLY D 228 13.16 -9.27 0.27
C GLY D 228 13.38 -10.76 0.02
N VAL D 229 12.28 -11.51 -0.15
CA VAL D 229 12.33 -12.95 -0.38
C VAL D 229 12.96 -13.24 -1.74
N LEU D 230 13.93 -14.14 -1.77
CA LEU D 230 14.55 -14.58 -3.04
C LEU D 230 13.66 -15.63 -3.68
N LEU D 231 13.04 -15.29 -4.81
CA LEU D 231 12.10 -16.21 -5.46
C LEU D 231 12.82 -17.45 -5.96
N GLU D 232 14.07 -17.27 -6.36
CA GLU D 232 14.89 -18.37 -6.84
C GLU D 232 15.13 -19.44 -5.76
N GLY D 233 15.09 -19.04 -4.49
CA GLY D 233 15.22 -19.97 -3.37
C GLY D 233 13.92 -20.22 -2.64
N ALA D 234 12.82 -20.22 -3.37
CA ALA D 234 11.49 -20.36 -2.77
C ALA D 234 10.58 -21.19 -3.68
N LEU D 235 9.51 -21.73 -3.10
CA LEU D 235 8.51 -22.48 -3.86
C LEU D 235 7.12 -22.02 -3.47
N LEU D 236 6.17 -22.20 -4.40
CA LEU D 236 4.78 -21.82 -4.18
C LEU D 236 3.92 -23.08 -4.14
N LYS D 237 3.05 -23.17 -3.14
CA LYS D 237 2.12 -24.28 -2.99
C LYS D 237 0.69 -23.73 -3.03
N PRO D 238 0.20 -23.43 -4.23
CA PRO D 238 -1.15 -22.89 -4.35
C PRO D 238 -2.19 -23.97 -4.59
N ASN D 239 -3.45 -23.60 -4.39
CA ASN D 239 -4.56 -24.39 -4.89
C ASN D 239 -4.56 -24.39 -6.41
N MET D 240 -5.02 -25.49 -6.99
CA MET D 240 -5.38 -25.49 -8.40
C MET D 240 -6.64 -24.63 -8.51
N VAL D 241 -6.86 -24.06 -9.69
CA VAL D 241 -8.09 -23.30 -9.92
C VAL D 241 -9.21 -24.26 -10.32
N THR D 242 -10.12 -24.52 -9.38
CA THR D 242 -11.30 -25.34 -9.62
C THR D 242 -12.56 -24.56 -9.28
N ALA D 243 -13.70 -25.07 -9.73
CA ALA D 243 -15.00 -24.57 -9.28
C ALA D 243 -15.22 -25.02 -7.84
N GLY D 244 -16.27 -24.49 -7.21
CA GLY D 244 -16.57 -24.81 -5.82
C GLY D 244 -17.14 -26.20 -5.63
N TYR D 245 -16.95 -26.77 -4.44
CA TYR D 245 -17.45 -28.11 -4.12
C TYR D 245 -18.94 -28.27 -4.40
N GLU D 246 -19.74 -27.36 -3.87
CA GLU D 246 -21.20 -27.45 -3.99
C GLU D 246 -21.71 -26.58 -5.14
N CYS D 247 -21.01 -26.61 -6.27
CA CYS D 247 -21.41 -25.87 -7.46
C CYS D 247 -22.56 -26.63 -8.16
N THR D 248 -22.54 -26.68 -9.49
CA THR D 248 -23.51 -27.50 -10.25
C THR D 248 -22.93 -28.04 -11.57
N ALA D 249 -22.13 -27.23 -12.27
CA ALA D 249 -21.42 -27.68 -13.47
C ALA D 249 -20.59 -28.93 -13.21
N LYS D 250 -20.42 -29.75 -14.26
CA LYS D 250 -19.71 -31.03 -14.14
C LYS D 250 -18.19 -30.89 -14.05
N THR D 251 -17.68 -29.67 -14.31
CA THR D 251 -16.27 -29.29 -14.09
C THR D 251 -15.22 -30.25 -14.68
N THR D 252 -14.86 -30.00 -15.94
CA THR D 252 -13.91 -30.85 -16.67
C THR D 252 -12.47 -30.59 -16.23
N THR D 253 -11.62 -31.61 -16.39
CA THR D 253 -10.21 -31.54 -16.01
C THR D 253 -9.38 -30.61 -16.90
N GLN D 254 -9.85 -30.37 -18.12
CA GLN D 254 -9.18 -29.48 -19.06
C GLN D 254 -9.36 -28.02 -18.64
N ASP D 255 -10.57 -27.69 -18.18
CA ASP D 255 -10.86 -26.33 -17.70
C ASP D 255 -10.04 -26.01 -16.46
N VAL D 256 -9.86 -27.00 -15.60
CA VAL D 256 -9.03 -26.85 -14.40
C VAL D 256 -7.61 -26.52 -14.81
N GLY D 257 -7.10 -27.26 -15.78
CA GLY D 257 -5.74 -27.07 -16.29
C GLY D 257 -5.52 -25.72 -16.92
N PHE D 258 -6.50 -25.26 -17.70
CA PHE D 258 -6.36 -23.99 -18.40
C PHE D 258 -6.38 -22.78 -17.46
N LEU D 259 -7.42 -22.68 -16.65
CA LEU D 259 -7.60 -21.54 -15.76
C LEU D 259 -6.50 -21.53 -14.69
N THR D 260 -5.99 -22.70 -14.30
CA THR D 260 -4.88 -22.80 -13.36
C THR D 260 -3.58 -22.25 -13.95
N VAL D 261 -3.25 -22.70 -15.16
CA VAL D 261 -2.08 -22.26 -15.89
C VAL D 261 -2.17 -20.76 -16.19
N ARG D 262 -3.34 -20.32 -16.61
CA ARG D 262 -3.56 -18.91 -16.92
C ARG D 262 -3.25 -18.04 -15.71
N THR D 263 -3.89 -18.35 -14.59
CA THR D 263 -3.75 -17.53 -13.39
C THR D 263 -2.31 -17.47 -12.87
N LEU D 264 -1.56 -18.55 -13.03
CA LEU D 264 -0.15 -18.58 -12.64
C LEU D 264 0.71 -17.76 -13.59
N ARG D 265 0.42 -17.83 -14.88
CA ARG D 265 1.15 -17.05 -15.89
C ARG D 265 1.00 -15.54 -15.69
N ARG D 266 -0.14 -15.14 -15.14
CA ARG D 266 -0.42 -13.71 -14.92
C ARG D 266 0.23 -13.16 -13.65
N THR D 267 0.63 -14.05 -12.74
CA THR D 267 1.00 -13.65 -11.39
C THR D 267 2.34 -14.19 -10.86
N VAL D 268 2.88 -15.25 -11.45
CA VAL D 268 4.11 -15.86 -10.93
C VAL D 268 5.31 -15.56 -11.83
N PRO D 269 6.26 -14.76 -11.33
CA PRO D 269 7.46 -14.49 -12.12
C PRO D 269 8.32 -15.75 -12.33
N PRO D 270 9.01 -15.85 -13.48
CA PRO D 270 9.73 -17.08 -13.81
C PRO D 270 10.97 -17.37 -12.95
N ALA D 271 11.39 -16.40 -12.14
CA ALA D 271 12.51 -16.62 -11.19
C ALA D 271 12.14 -17.66 -10.12
N LEU D 272 10.85 -17.81 -9.87
CA LEU D 272 10.34 -18.87 -9.00
C LEU D 272 10.53 -20.21 -9.72
N PRO D 273 11.40 -21.08 -9.19
CA PRO D 273 11.78 -22.27 -9.94
C PRO D 273 10.65 -23.29 -10.12
N GLY D 274 9.66 -23.29 -9.24
CA GLY D 274 8.57 -24.24 -9.37
C GLY D 274 7.36 -24.04 -8.47
N VAL D 275 6.25 -24.64 -8.89
CA VAL D 275 4.99 -24.61 -8.16
C VAL D 275 4.66 -26.04 -7.77
N VAL D 276 4.47 -26.28 -6.48
CA VAL D 276 4.10 -27.61 -5.98
C VAL D 276 2.65 -27.59 -5.50
N PHE D 277 1.74 -28.03 -6.36
CA PHE D 277 0.32 -27.91 -6.10
C PHE D 277 -0.15 -28.74 -4.90
N LEU D 278 -1.07 -28.15 -4.12
CA LEU D 278 -1.81 -28.87 -3.10
C LEU D 278 -3.03 -29.52 -3.76
N SER D 279 -3.43 -30.70 -3.27
CA SER D 279 -4.57 -31.42 -3.86
C SER D 279 -5.91 -30.95 -3.27
N GLY D 280 -5.88 -30.50 -2.01
CA GLY D 280 -7.08 -30.10 -1.31
C GLY D 280 -7.96 -31.31 -1.05
N GLY D 281 -9.24 -31.21 -1.43
CA GLY D 281 -10.19 -32.29 -1.21
C GLY D 281 -10.33 -33.25 -2.38
N GLN D 282 -9.41 -33.15 -3.34
CA GLN D 282 -9.43 -34.01 -4.52
C GLN D 282 -9.09 -35.45 -4.11
N SER D 283 -9.54 -36.41 -4.92
CA SER D 283 -9.17 -37.80 -4.75
C SER D 283 -7.77 -38.05 -5.31
N GLU D 284 -7.18 -39.18 -4.94
CA GLU D 284 -5.82 -39.52 -5.36
C GLU D 284 -5.65 -39.42 -6.88
N GLU D 285 -6.65 -39.92 -7.60
CA GLU D 285 -6.64 -39.94 -9.05
C GLU D 285 -6.90 -38.57 -9.67
N GLU D 286 -7.84 -37.83 -9.10
CA GLU D 286 -8.17 -36.48 -9.56
C GLU D 286 -7.01 -35.52 -9.34
N ALA D 287 -6.25 -35.78 -8.28
CA ALA D 287 -5.00 -35.07 -8.04
C ALA D 287 -3.99 -35.30 -9.19
N SER D 288 -3.99 -36.51 -9.75
CA SER D 288 -3.08 -36.88 -10.82
C SER D 288 -3.58 -36.50 -12.21
N VAL D 289 -4.88 -36.69 -12.45
CA VAL D 289 -5.48 -36.30 -13.73
C VAL D 289 -5.35 -34.79 -13.95
N ASN D 290 -5.68 -34.01 -12.90
CA ASN D 290 -5.65 -32.55 -13.00
C ASN D 290 -4.23 -32.01 -13.12
N LEU D 291 -3.29 -32.59 -12.38
CA LEU D 291 -1.87 -32.23 -12.53
C LEU D 291 -1.39 -32.55 -13.94
N ASN D 292 -1.89 -33.64 -14.51
CA ASN D 292 -1.57 -34.01 -15.88
C ASN D 292 -2.11 -33.00 -16.89
N SER D 293 -3.37 -32.60 -16.70
CA SER D 293 -4.03 -31.62 -17.56
C SER D 293 -3.30 -30.27 -17.55
N ILE D 294 -2.72 -29.91 -16.41
CA ILE D 294 -1.94 -28.69 -16.26
C ILE D 294 -0.66 -28.77 -17.11
N ASN D 295 -0.01 -29.92 -17.08
CA ASN D 295 1.26 -30.10 -17.77
C ASN D 295 1.14 -30.51 -19.23
N ALA D 296 -0.04 -30.98 -19.64
CA ALA D 296 -0.32 -31.17 -21.06
C ALA D 296 -0.33 -29.81 -21.78
N LEU D 297 -0.69 -28.75 -21.07
CA LEU D 297 -0.66 -27.38 -21.60
C LEU D 297 0.77 -26.85 -21.80
N GLY D 298 1.73 -27.77 -21.87
CA GLY D 298 2.94 -27.56 -22.62
C GLY D 298 4.00 -26.94 -21.76
N PRO D 299 5.28 -27.10 -22.14
CA PRO D 299 6.40 -26.64 -21.32
C PRO D 299 6.11 -25.27 -20.69
N HIS D 300 6.13 -25.24 -19.36
CA HIS D 300 5.85 -24.03 -18.62
C HIS D 300 7.17 -23.38 -18.20
N PRO D 301 7.16 -22.06 -17.88
CA PRO D 301 8.35 -21.33 -17.45
C PRO D 301 8.88 -21.72 -16.07
N TRP D 302 8.09 -22.47 -15.32
CA TRP D 302 8.50 -23.05 -14.05
C TRP D 302 8.04 -24.50 -14.02
N ALA D 303 8.64 -25.28 -13.12
CA ALA D 303 8.22 -26.64 -12.89
C ALA D 303 6.86 -26.63 -12.19
N LEU D 304 5.88 -27.25 -12.82
CA LEU D 304 4.54 -27.43 -12.26
C LEU D 304 4.39 -28.88 -11.74
N THR D 305 4.51 -29.05 -10.42
CA THR D 305 4.54 -30.39 -9.83
C THR D 305 3.65 -30.45 -8.58
N PHE D 306 3.95 -31.37 -7.67
CA PHE D 306 3.02 -31.69 -6.56
C PHE D 306 3.64 -31.66 -5.18
N SER D 307 2.85 -31.25 -4.20
CA SER D 307 3.12 -31.50 -2.79
C SER D 307 1.89 -32.19 -2.21
N TYR D 308 1.87 -33.51 -2.30
CA TYR D 308 0.68 -34.29 -1.95
C TYR D 308 0.88 -35.12 -0.69
N GLY D 309 -0.11 -35.07 0.20
CA GLY D 309 -0.18 -35.96 1.37
C GLY D 309 -1.30 -36.99 1.21
N ARG D 310 -2.54 -36.55 1.42
CA ARG D 310 -3.74 -37.36 1.19
C ARG D 310 -3.75 -38.05 -0.18
N ALA D 311 -3.37 -37.29 -1.21
CA ALA D 311 -3.35 -37.76 -2.60
C ALA D 311 -2.27 -38.82 -2.88
N LEU D 312 -1.30 -38.93 -1.98
CA LEU D 312 -0.25 -39.96 -2.07
C LEU D 312 -0.38 -41.07 -1.01
N GLN D 313 -1.13 -40.80 0.07
CA GLN D 313 -1.16 -41.70 1.23
C GLN D 313 -2.47 -42.45 1.45
N ALA D 314 -3.57 -41.98 0.86
CA ALA D 314 -4.91 -42.51 1.15
C ALA D 314 -5.00 -44.03 1.03
N SER D 315 -4.69 -44.56 -0.15
CA SER D 315 -4.78 -46.01 -0.41
C SER D 315 -3.60 -46.78 0.18
N VAL D 316 -2.47 -46.11 0.36
CA VAL D 316 -1.32 -46.72 1.04
C VAL D 316 -1.73 -47.13 2.46
N LEU D 317 -2.52 -46.27 3.12
CA LEU D 317 -2.95 -46.48 4.50
C LEU D 317 -4.04 -47.57 4.61
N ASN D 318 -5.01 -47.50 3.71
CA ASN D 318 -6.14 -48.43 3.71
C ASN D 318 -5.72 -49.85 3.32
N THR D 319 -4.73 -49.97 2.44
CA THR D 319 -4.16 -51.27 2.08
C THR D 319 -2.96 -51.62 2.99
N TRP D 320 -3.03 -51.18 4.25
CA TRP D 320 -2.02 -51.46 5.27
C TRP D 320 -2.67 -51.91 6.58
N GLN D 321 -3.68 -51.15 7.03
CA GLN D 321 -4.46 -51.50 8.22
C GLN D 321 -3.64 -51.73 9.50
N GLY D 322 -2.38 -51.29 9.50
CA GLY D 322 -1.51 -51.37 10.68
C GLY D 322 -0.55 -52.55 10.74
N LYS D 323 -0.77 -53.56 9.89
CA LYS D 323 -0.09 -54.86 10.02
C LYS D 323 1.27 -54.92 9.32
N LYS D 324 2.26 -55.50 10.00
CA LYS D 324 3.65 -55.55 9.50
C LYS D 324 3.81 -56.36 8.21
N GLU D 325 2.93 -57.34 8.01
CA GLU D 325 2.92 -58.14 6.78
C GLU D 325 2.60 -57.25 5.58
N ASN D 326 1.65 -56.34 5.78
CA ASN D 326 1.12 -55.51 4.71
C ASN D 326 2.01 -54.33 4.33
N VAL D 327 3.18 -54.22 4.94
CA VAL D 327 4.13 -53.14 4.64
C VAL D 327 4.56 -53.19 3.18
N ALA D 328 5.23 -54.28 2.79
CA ALA D 328 5.65 -54.51 1.41
C ALA D 328 4.51 -54.27 0.41
N LYS D 329 3.31 -54.69 0.78
CA LYS D 329 2.11 -54.55 -0.07
C LYS D 329 1.63 -53.08 -0.09
N ALA D 330 1.79 -52.38 1.03
CA ALA D 330 1.45 -50.97 1.11
C ALA D 330 2.47 -50.13 0.35
N ARG D 331 3.74 -50.48 0.49
CA ARG D 331 4.83 -49.79 -0.22
C ARG D 331 4.69 -49.90 -1.75
N GLU D 332 4.14 -51.01 -2.23
CA GLU D 332 3.85 -51.18 -3.65
C GLU D 332 2.85 -50.12 -4.09
N VAL D 333 1.81 -49.91 -3.28
CA VAL D 333 0.74 -48.95 -3.58
C VAL D 333 1.23 -47.50 -3.51
N LEU D 334 2.26 -47.26 -2.71
CA LEU D 334 2.88 -45.95 -2.62
C LEU D 334 3.63 -45.59 -3.92
N LEU D 335 4.49 -46.51 -4.37
CA LEU D 335 5.29 -46.31 -5.60
C LEU D 335 4.41 -46.09 -6.82
N GLN D 336 3.29 -46.82 -6.86
CA GLN D 336 2.28 -46.72 -7.92
C GLN D 336 1.78 -45.28 -8.06
N ARG D 337 1.39 -44.68 -6.94
CA ARG D 337 0.87 -43.31 -6.91
C ARG D 337 1.96 -42.27 -7.17
N ALA D 338 3.15 -42.51 -6.63
CA ALA D 338 4.30 -41.62 -6.83
C ALA D 338 4.69 -41.54 -8.30
N GLU D 339 4.68 -42.68 -8.98
CA GLU D 339 4.97 -42.73 -10.42
C GLU D 339 3.85 -42.11 -11.24
N ALA D 340 2.60 -42.30 -10.79
CA ALA D 340 1.44 -41.75 -11.47
C ALA D 340 1.51 -40.22 -11.56
N ASN D 341 1.91 -39.60 -10.47
CA ASN D 341 2.06 -38.16 -10.40
C ASN D 341 3.36 -37.68 -11.05
N SER D 342 4.39 -38.53 -11.02
CA SER D 342 5.63 -38.25 -11.73
C SER D 342 5.37 -38.18 -13.23
N LEU D 343 4.49 -39.05 -13.72
CA LEU D 343 4.08 -39.04 -15.13
C LEU D 343 3.19 -37.83 -15.44
N ALA D 344 2.29 -37.49 -14.51
CA ALA D 344 1.47 -36.29 -14.62
C ALA D 344 2.33 -35.05 -14.85
N THR D 345 3.44 -35.00 -14.13
CA THR D 345 4.43 -33.93 -14.23
C THR D 345 4.91 -33.69 -15.66
N TYR D 346 5.12 -34.77 -16.40
CA TYR D 346 5.49 -34.72 -17.81
C TYR D 346 4.29 -34.50 -18.74
N GLY D 347 3.08 -34.61 -18.20
CA GLY D 347 1.88 -34.58 -19.02
C GLY D 347 1.70 -35.89 -19.74
N LYS D 348 2.13 -36.98 -19.10
CA LYS D 348 2.10 -38.31 -19.69
C LYS D 348 1.50 -39.36 -18.74
N TYR D 349 0.35 -39.03 -18.14
CA TYR D 349 -0.32 -39.95 -17.22
C TYR D 349 -1.67 -40.46 -17.73
N LYS D 350 -1.87 -41.78 -17.60
CA LYS D 350 -3.13 -42.50 -17.90
C LYS D 350 -4.22 -41.76 -18.70
N GLY D 351 -4.95 -40.87 -18.02
CA GLY D 351 -6.17 -40.25 -18.55
C GLY D 351 -6.23 -40.06 -20.05
N GLY D 352 -7.09 -40.83 -20.71
CA GLY D 352 -7.25 -40.77 -22.16
C GLY D 352 -8.72 -40.82 -22.60
N ALA D 353 -9.45 -39.74 -22.33
CA ALA D 353 -10.84 -39.60 -22.76
C ALA D 353 -10.93 -38.57 -23.89
N GLY D 354 -10.67 -39.02 -25.11
CA GLY D 354 -10.69 -38.15 -26.29
C GLY D 354 -10.77 -38.93 -27.58
N ASP E 4 -10.52 -32.16 5.74
CA ASP E 4 -9.81 -31.77 7.01
C ASP E 4 -8.36 -32.29 7.08
N TRP E 5 -7.97 -33.12 6.12
CA TRP E 5 -6.58 -33.59 6.00
C TRP E 5 -5.80 -32.47 5.31
N ASN E 6 -5.32 -31.52 6.11
CA ASN E 6 -4.95 -30.17 5.65
C ASN E 6 -6.09 -29.53 4.86
#